data_2MMG
#
_entry.id   2MMG
#
_entity_poly.entity_id   1
_entity_poly.type   'polypeptide(L)'
_entity_poly.pdbx_seq_one_letter_code
;MAAQGEPQVQFKLVLVGDGGTGKTTFVKRHLTGEFEKKYVATLGVEVHPLVFHTNRGPIKFNVWDTAGQEKFGGLRDGYY
IQAQCAIIMFDVTSRVTYKNVPNWHRDLVRVCENIPIVLCGNKVDIKDRKVKAKSIVFHRKKNLQYYDISAKSNYNFEKP
FLWLARKLIGDPNLEFVAMPALAPPEVVMDPALAAQYEHDLEVAQTTALPDEDDDL
;
_entity_poly.pdbx_strand_id   A
#
# COMPACT_ATOMS: atom_id res chain seq x y z
N MET A 1 5.16 -3.39 21.88
CA MET A 1 5.54 -2.28 21.00
C MET A 1 6.51 -2.73 19.96
N ALA A 2 7.66 -3.28 20.42
CA ALA A 2 8.72 -3.77 19.58
C ALA A 2 8.24 -4.91 18.72
N ALA A 3 7.40 -5.82 19.29
CA ALA A 3 6.86 -6.97 18.59
C ALA A 3 6.02 -6.49 17.43
N GLN A 4 5.19 -5.45 17.68
CA GLN A 4 4.33 -4.85 16.71
C GLN A 4 5.13 -4.14 15.64
N GLY A 5 6.25 -3.51 16.02
CA GLY A 5 7.07 -2.78 15.08
C GLY A 5 6.72 -1.34 15.14
N GLU A 6 6.02 -0.93 16.22
CA GLU A 6 5.64 0.42 16.40
C GLU A 6 6.75 1.07 17.15
N PRO A 7 7.47 2.07 16.55
CA PRO A 7 8.55 2.76 17.25
C PRO A 7 7.84 3.39 18.39
N GLN A 8 6.77 4.08 18.01
CA GLN A 8 5.88 4.72 18.85
C GLN A 8 4.62 4.06 18.40
N VAL A 9 4.16 4.41 17.17
CA VAL A 9 2.88 3.94 16.71
C VAL A 9 2.93 3.03 15.50
N GLN A 10 1.99 2.07 15.51
CA GLN A 10 1.73 1.10 14.47
C GLN A 10 0.30 1.27 14.06
N PHE A 11 0.07 1.29 12.72
CA PHE A 11 -1.25 1.40 12.15
C PHE A 11 -1.47 0.22 11.23
N LYS A 12 -2.65 -0.43 11.36
CA LYS A 12 -2.98 -1.56 10.52
C LYS A 12 -3.68 -0.98 9.32
N LEU A 13 -3.03 -1.20 8.15
CA LEU A 13 -3.51 -0.72 6.89
C LEU A 13 -3.89 -1.91 6.07
N VAL A 14 -5.11 -1.87 5.50
CA VAL A 14 -5.52 -2.99 4.68
C VAL A 14 -5.54 -2.49 3.26
N LEU A 15 -4.79 -3.21 2.41
CA LEU A 15 -4.68 -2.89 1.02
C LEU A 15 -5.50 -3.90 0.27
N VAL A 16 -6.53 -3.37 -0.41
CA VAL A 16 -7.49 -4.14 -1.17
C VAL A 16 -7.66 -3.63 -2.58
N GLY A 17 -8.23 -4.46 -3.47
CA GLY A 17 -8.47 -4.09 -4.84
C GLY A 17 -8.45 -5.31 -5.69
N ASP A 18 -8.82 -5.14 -6.98
CA ASP A 18 -8.85 -6.23 -7.94
C ASP A 18 -7.49 -6.71 -8.31
N GLY A 19 -7.44 -7.97 -8.84
CA GLY A 19 -6.21 -8.58 -9.25
C GLY A 19 -5.63 -7.82 -10.42
N GLY A 20 -4.30 -7.65 -10.40
CA GLY A 20 -3.57 -6.97 -11.44
C GLY A 20 -3.54 -5.47 -11.31
N THR A 21 -4.13 -4.89 -10.23
CA THR A 21 -4.15 -3.46 -9.98
C THR A 21 -2.80 -2.88 -9.76
N GLY A 22 -1.94 -3.61 -9.01
CA GLY A 22 -0.63 -3.13 -8.71
C GLY A 22 -0.44 -2.95 -7.23
N LYS A 23 -1.29 -3.60 -6.38
CA LYS A 23 -1.19 -3.49 -4.94
C LYS A 23 0.16 -3.99 -4.44
N THR A 24 0.56 -5.18 -4.94
CA THR A 24 1.81 -5.84 -4.61
C THR A 24 2.99 -5.03 -5.07
N THR A 25 2.91 -4.48 -6.31
CA THR A 25 3.95 -3.68 -6.92
C THR A 25 4.16 -2.42 -6.11
N PHE A 26 3.06 -1.81 -5.62
CA PHE A 26 3.06 -0.62 -4.80
C PHE A 26 3.81 -0.87 -3.51
N VAL A 27 3.50 -2.00 -2.82
CA VAL A 27 4.14 -2.36 -1.58
C VAL A 27 5.62 -2.62 -1.78
N LYS A 28 5.98 -3.35 -2.86
CA LYS A 28 7.35 -3.68 -3.17
C LYS A 28 8.20 -2.47 -3.41
N ARG A 29 7.64 -1.46 -4.11
CA ARG A 29 8.31 -0.23 -4.42
C ARG A 29 8.70 0.47 -3.13
N HIS A 30 7.75 0.53 -2.16
CA HIS A 30 7.98 1.16 -0.89
C HIS A 30 9.03 0.46 -0.07
N LEU A 31 9.00 -0.89 -0.04
CA LEU A 31 9.93 -1.68 0.70
C LEU A 31 11.34 -1.70 0.16
N THR A 32 11.52 -1.86 -1.17
CA THR A 32 12.83 -1.98 -1.76
C THR A 32 13.24 -0.95 -2.76
N GLY A 33 12.27 -0.28 -3.42
CA GLY A 33 12.56 0.69 -4.45
C GLY A 33 12.53 0.06 -5.82
N GLU A 34 12.42 -1.29 -5.89
CA GLU A 34 12.37 -2.05 -7.12
C GLU A 34 10.99 -1.93 -7.71
N PHE A 35 10.88 -2.15 -9.04
CA PHE A 35 9.61 -2.06 -9.72
C PHE A 35 9.41 -3.48 -10.19
N GLU A 36 8.33 -4.15 -9.73
CA GLU A 36 8.10 -5.52 -10.11
C GLU A 36 7.31 -5.60 -11.38
N LYS A 37 8.01 -6.06 -12.44
CA LYS A 37 7.48 -6.26 -13.76
C LYS A 37 6.57 -7.44 -13.87
N LYS A 38 6.94 -8.55 -13.18
CA LYS A 38 6.22 -9.81 -13.21
C LYS A 38 5.04 -9.80 -12.30
N TYR A 39 3.87 -10.24 -12.83
CA TYR A 39 2.70 -10.29 -11.99
C TYR A 39 2.52 -11.69 -11.53
N VAL A 40 2.77 -11.87 -10.21
CA VAL A 40 2.66 -13.13 -9.53
C VAL A 40 1.58 -12.86 -8.52
N ALA A 41 0.50 -13.66 -8.58
CA ALA A 41 -0.62 -13.52 -7.70
C ALA A 41 -0.29 -13.73 -6.24
N THR A 42 -0.94 -12.91 -5.40
CA THR A 42 -0.79 -12.93 -3.97
C THR A 42 -1.88 -13.84 -3.49
N LEU A 43 -1.48 -14.86 -2.67
CA LEU A 43 -2.43 -15.80 -2.15
C LEU A 43 -2.66 -15.47 -0.71
N GLY A 44 -3.96 -15.32 -0.37
CA GLY A 44 -4.40 -14.96 0.96
C GLY A 44 -3.97 -13.56 1.25
N VAL A 45 -3.17 -13.39 2.33
CA VAL A 45 -2.70 -12.10 2.73
C VAL A 45 -1.20 -12.16 3.01
N GLU A 46 -0.49 -11.07 2.65
CA GLU A 46 0.93 -10.92 2.88
C GLU A 46 1.05 -9.68 3.71
N VAL A 47 1.69 -9.82 4.89
CA VAL A 47 1.84 -8.71 5.81
C VAL A 47 3.23 -8.18 5.64
N HIS A 48 3.33 -6.87 5.31
CA HIS A 48 4.58 -6.20 5.10
C HIS A 48 4.71 -4.95 5.94
N PRO A 49 5.79 -4.86 6.76
CA PRO A 49 6.08 -3.72 7.62
C PRO A 49 6.69 -2.57 6.86
N LEU A 50 6.13 -1.34 6.98
CA LEU A 50 6.69 -0.21 6.29
C LEU A 50 6.78 0.93 7.26
N VAL A 51 7.96 1.55 7.41
CA VAL A 51 8.16 2.64 8.36
C VAL A 51 8.47 3.92 7.63
N PHE A 52 7.80 5.01 8.07
CA PHE A 52 8.00 6.36 7.55
C PHE A 52 8.36 7.27 8.66
N HIS A 53 9.26 8.25 8.39
CA HIS A 53 9.67 9.19 9.40
C HIS A 53 8.93 10.46 9.14
N THR A 54 8.25 10.97 10.20
CA THR A 54 7.50 12.18 10.11
C THR A 54 8.01 13.17 11.14
N ASN A 55 7.40 14.36 11.15
CA ASN A 55 7.69 15.47 12.03
C ASN A 55 7.53 15.03 13.48
N ARG A 56 6.53 14.16 13.74
CA ARG A 56 6.25 13.64 15.06
C ARG A 56 6.97 12.36 15.38
N GLY A 57 7.89 11.91 14.50
CA GLY A 57 8.64 10.70 14.72
C GLY A 57 8.27 9.62 13.75
N PRO A 58 8.97 8.46 13.82
CA PRO A 58 8.72 7.33 12.97
C PRO A 58 7.45 6.59 13.30
N ILE A 59 6.72 6.20 12.25
CA ILE A 59 5.48 5.47 12.38
C ILE A 59 5.51 4.29 11.46
N LYS A 60 4.94 3.15 11.94
CA LYS A 60 4.90 1.94 11.17
C LYS A 60 3.52 1.64 10.66
N PHE A 61 3.43 1.31 9.37
CA PHE A 61 2.21 0.92 8.73
C PHE A 61 2.41 -0.56 8.45
N ASN A 62 1.56 -1.39 9.06
CA ASN A 62 1.62 -2.81 8.88
C ASN A 62 0.62 -3.00 7.78
N VAL A 63 1.14 -3.15 6.54
CA VAL A 63 0.31 -3.26 5.38
C VAL A 63 -0.07 -4.69 5.14
N TRP A 64 -1.39 -4.92 5.03
CA TRP A 64 -1.94 -6.22 4.78
C TRP A 64 -2.35 -6.20 3.33
N ASP A 65 -1.48 -6.78 2.47
CA ASP A 65 -1.76 -6.82 1.05
C ASP A 65 -2.60 -8.05 0.88
N THR A 66 -3.85 -7.84 0.42
CA THR A 66 -4.76 -8.94 0.26
C THR A 66 -4.89 -9.39 -1.18
N ALA A 67 -5.46 -10.61 -1.37
CA ALA A 67 -5.69 -11.20 -2.66
C ALA A 67 -6.94 -10.65 -3.27
N GLY A 68 -6.86 -10.22 -4.56
CA GLY A 68 -7.98 -9.66 -5.28
C GLY A 68 -8.89 -10.68 -5.91
N GLN A 69 -8.45 -11.95 -5.92
CA GLN A 69 -9.14 -13.10 -6.46
C GLN A 69 -10.32 -13.49 -5.61
N GLU A 70 -10.17 -13.37 -4.27
CA GLU A 70 -11.16 -13.74 -3.29
C GLU A 70 -12.42 -12.94 -3.40
N LYS A 71 -13.55 -13.65 -3.27
CA LYS A 71 -14.88 -13.09 -3.33
C LYS A 71 -15.13 -12.27 -2.10
N PHE A 72 -15.98 -11.23 -2.26
CA PHE A 72 -16.35 -10.28 -1.23
C PHE A 72 -17.18 -11.08 -0.25
N GLY A 73 -16.89 -10.96 1.06
CA GLY A 73 -17.67 -11.69 2.02
C GLY A 73 -17.06 -11.79 3.38
N GLY A 74 -17.77 -12.56 4.25
CA GLY A 74 -17.45 -12.84 5.62
C GLY A 74 -16.16 -13.61 5.81
N LEU A 75 -15.72 -14.30 4.73
CA LEU A 75 -14.51 -15.09 4.68
C LEU A 75 -13.31 -14.19 4.90
N ARG A 76 -13.38 -12.96 4.36
CA ARG A 76 -12.36 -11.95 4.40
C ARG A 76 -12.42 -11.01 5.59
N ASP A 77 -13.26 -11.30 6.61
CA ASP A 77 -13.40 -10.47 7.77
C ASP A 77 -12.16 -10.28 8.61
N GLY A 78 -11.35 -11.35 8.80
CA GLY A 78 -10.16 -11.33 9.61
C GLY A 78 -9.17 -10.29 9.19
N TYR A 79 -9.03 -10.10 7.86
CA TYR A 79 -8.13 -9.14 7.26
C TYR A 79 -8.52 -7.75 7.68
N TYR A 80 -9.84 -7.45 7.67
CA TYR A 80 -10.26 -6.11 7.94
C TYR A 80 -10.49 -5.80 9.41
N ILE A 81 -10.68 -6.84 10.29
CA ILE A 81 -10.92 -6.62 11.71
C ILE A 81 -9.76 -5.83 12.30
N GLN A 82 -10.16 -4.78 13.06
CA GLN A 82 -9.31 -3.83 13.74
C GLN A 82 -8.40 -3.03 12.84
N ALA A 83 -8.81 -2.83 11.56
CA ALA A 83 -8.06 -2.02 10.62
C ALA A 83 -8.22 -0.59 11.04
N GLN A 84 -7.17 0.22 10.82
CA GLN A 84 -7.18 1.61 11.20
C GLN A 84 -7.32 2.49 9.99
N CYS A 85 -6.90 1.98 8.81
CA CYS A 85 -6.99 2.68 7.56
C CYS A 85 -6.97 1.71 6.44
N ALA A 86 -7.34 2.17 5.23
CA ALA A 86 -7.33 1.29 4.08
C ALA A 86 -7.04 2.01 2.81
N ILE A 87 -6.51 1.23 1.84
CA ILE A 87 -6.23 1.76 0.52
C ILE A 87 -6.93 0.81 -0.43
N ILE A 88 -7.77 1.37 -1.31
CA ILE A 88 -8.49 0.60 -2.30
C ILE A 88 -7.85 0.99 -3.59
N MET A 89 -7.37 -0.03 -4.33
CA MET A 89 -6.71 0.18 -5.57
C MET A 89 -7.42 -0.33 -6.78
N PHE A 90 -7.40 0.56 -7.80
CA PHE A 90 -7.97 0.27 -9.08
C PHE A 90 -7.01 0.65 -10.16
N ASP A 91 -7.23 0.10 -11.37
CA ASP A 91 -6.37 0.37 -12.50
C ASP A 91 -7.13 1.30 -13.39
N VAL A 92 -6.53 2.47 -13.69
CA VAL A 92 -7.15 3.49 -14.53
C VAL A 92 -7.39 3.06 -15.95
N THR A 93 -6.67 2.00 -16.40
CA THR A 93 -6.83 1.50 -17.74
C THR A 93 -7.90 0.41 -17.80
N SER A 94 -8.51 0.03 -16.65
CA SER A 94 -9.53 -0.99 -16.62
C SER A 94 -10.78 -0.50 -15.95
N ARG A 95 -11.86 -0.38 -16.76
CA ARG A 95 -13.16 0.05 -16.33
C ARG A 95 -13.78 -0.93 -15.38
N VAL A 96 -13.59 -2.24 -15.63
CA VAL A 96 -14.11 -3.33 -14.82
C VAL A 96 -13.53 -3.22 -13.43
N THR A 97 -12.22 -2.90 -13.31
CA THR A 97 -11.56 -2.77 -12.04
C THR A 97 -12.17 -1.64 -11.24
N TYR A 98 -12.48 -0.51 -11.91
CA TYR A 98 -13.10 0.65 -11.29
C TYR A 98 -14.50 0.30 -10.81
N LYS A 99 -15.26 -0.48 -11.61
CA LYS A 99 -16.61 -0.90 -11.31
C LYS A 99 -16.67 -1.68 -10.03
N ASN A 100 -15.63 -2.49 -9.72
CA ASN A 100 -15.57 -3.27 -8.51
C ASN A 100 -15.23 -2.51 -7.24
N VAL A 101 -14.82 -1.21 -7.36
CA VAL A 101 -14.45 -0.40 -6.21
C VAL A 101 -15.58 -0.26 -5.21
N PRO A 102 -16.88 0.02 -5.60
CA PRO A 102 -17.97 0.10 -4.66
C PRO A 102 -18.17 -1.18 -3.88
N ASN A 103 -17.89 -2.35 -4.48
CA ASN A 103 -18.00 -3.62 -3.81
C ASN A 103 -16.95 -3.72 -2.72
N TRP A 104 -15.70 -3.29 -3.02
CA TRP A 104 -14.62 -3.31 -2.05
C TRP A 104 -14.94 -2.38 -0.91
N HIS A 105 -15.42 -1.15 -1.25
CA HIS A 105 -15.81 -0.16 -0.27
C HIS A 105 -17.28 -0.37 0.02
N ARG A 106 -17.56 -1.48 0.70
CA ARG A 106 -18.87 -1.92 1.11
C ARG A 106 -18.51 -3.00 2.06
N ASP A 107 -17.70 -3.98 1.56
CA ASP A 107 -17.20 -5.10 2.31
C ASP A 107 -16.36 -4.53 3.44
N LEU A 108 -15.51 -3.52 3.11
CA LEU A 108 -14.65 -2.87 4.06
C LEU A 108 -15.40 -2.16 5.15
N VAL A 109 -16.39 -1.30 4.77
CA VAL A 109 -17.18 -0.53 5.70
C VAL A 109 -18.07 -1.36 6.56
N ARG A 110 -18.42 -2.59 6.11
CA ARG A 110 -19.24 -3.50 6.88
C ARG A 110 -18.53 -3.82 8.17
N VAL A 111 -17.19 -4.01 8.12
CA VAL A 111 -16.41 -4.37 9.26
C VAL A 111 -15.88 -3.19 10.04
N CYS A 112 -15.27 -2.17 9.36
CA CYS A 112 -14.72 -1.08 10.14
C CYS A 112 -15.45 0.23 10.16
N GLU A 113 -16.57 0.35 9.42
CA GLU A 113 -17.37 1.54 9.34
C GLU A 113 -16.59 2.78 8.93
N ASN A 114 -16.52 3.85 9.76
CA ASN A 114 -15.81 5.02 9.33
C ASN A 114 -14.39 5.03 9.79
N ILE A 115 -13.48 4.86 8.82
CA ILE A 115 -12.04 4.90 8.97
C ILE A 115 -11.52 5.53 7.70
N PRO A 116 -10.35 6.24 7.72
CA PRO A 116 -9.80 6.88 6.55
C PRO A 116 -9.47 5.90 5.46
N ILE A 117 -10.01 6.14 4.25
CA ILE A 117 -9.77 5.28 3.12
C ILE A 117 -9.40 6.15 1.95
N VAL A 118 -8.34 5.71 1.24
CA VAL A 118 -7.82 6.38 0.08
C VAL A 118 -8.00 5.48 -1.12
N LEU A 119 -8.54 6.04 -2.21
CA LEU A 119 -8.74 5.37 -3.47
C LEU A 119 -7.59 5.79 -4.34
N CYS A 120 -6.88 4.78 -4.87
CA CYS A 120 -5.74 5.03 -5.70
C CYS A 120 -5.95 4.50 -7.09
N GLY A 121 -5.79 5.43 -8.06
CA GLY A 121 -5.93 5.12 -9.44
C GLY A 121 -4.54 4.87 -9.92
N ASN A 122 -4.20 3.59 -10.10
CA ASN A 122 -2.90 3.13 -10.53
C ASN A 122 -2.76 3.21 -12.02
N LYS A 123 -1.47 3.13 -12.46
CA LYS A 123 -0.99 3.16 -13.83
C LYS A 123 -1.37 4.39 -14.60
N VAL A 124 -1.34 5.56 -13.93
CA VAL A 124 -1.68 6.83 -14.53
C VAL A 124 -0.69 7.28 -15.58
N ASP A 125 0.50 6.65 -15.61
CA ASP A 125 1.56 6.93 -16.54
C ASP A 125 1.10 6.60 -17.94
N ILE A 126 0.30 5.50 -18.10
CA ILE A 126 -0.19 5.04 -19.39
C ILE A 126 -1.13 6.08 -19.98
N LYS A 127 -0.86 6.40 -21.27
CA LYS A 127 -1.55 7.38 -22.07
C LYS A 127 -3.02 7.12 -22.31
N ASP A 128 -3.40 5.87 -22.67
CA ASP A 128 -4.78 5.58 -22.96
C ASP A 128 -5.52 5.25 -21.69
N ARG A 129 -5.85 6.32 -20.92
CA ARG A 129 -6.58 6.18 -19.69
C ARG A 129 -8.02 6.00 -20.04
N LYS A 130 -8.70 5.07 -19.31
CA LYS A 130 -10.09 4.81 -19.55
C LYS A 130 -10.92 5.51 -18.52
N VAL A 131 -10.49 5.46 -17.23
CA VAL A 131 -11.21 6.07 -16.15
C VAL A 131 -10.50 7.38 -15.90
N LYS A 132 -11.19 8.47 -16.30
CA LYS A 132 -10.72 9.82 -16.18
C LYS A 132 -10.90 10.27 -14.76
N ALA A 133 -9.99 11.17 -14.31
CA ALA A 133 -10.00 11.73 -12.97
C ALA A 133 -11.27 12.50 -12.73
N LYS A 134 -11.74 13.23 -13.78
CA LYS A 134 -12.94 14.03 -13.76
C LYS A 134 -14.16 13.16 -13.52
N SER A 135 -14.20 11.98 -14.17
CA SER A 135 -15.28 11.02 -14.11
C SER A 135 -15.51 10.47 -12.73
N ILE A 136 -14.41 10.23 -11.96
CA ILE A 136 -14.49 9.65 -10.63
C ILE A 136 -15.22 10.59 -9.71
N VAL A 137 -16.34 10.06 -9.16
CA VAL A 137 -17.23 10.73 -8.24
C VAL A 137 -17.50 9.91 -7.00
N PHE A 138 -17.04 8.64 -6.99
CA PHE A 138 -17.26 7.69 -5.92
C PHE A 138 -16.72 8.19 -4.62
N HIS A 139 -15.52 8.81 -4.66
CA HIS A 139 -14.86 9.37 -3.51
C HIS A 139 -15.69 10.45 -2.87
N ARG A 140 -16.37 11.30 -3.67
CA ARG A 140 -17.17 12.40 -3.16
C ARG A 140 -18.31 11.89 -2.32
N LYS A 141 -19.04 10.87 -2.84
CA LYS A 141 -20.16 10.26 -2.17
C LYS A 141 -19.78 9.55 -0.91
N LYS A 142 -18.65 8.82 -0.94
CA LYS A 142 -18.16 8.05 0.16
C LYS A 142 -17.19 8.73 1.10
N ASN A 143 -16.86 10.03 0.87
CA ASN A 143 -15.92 10.81 1.67
C ASN A 143 -14.56 10.17 1.81
N LEU A 144 -14.05 9.75 0.64
CA LEU A 144 -12.76 9.12 0.51
C LEU A 144 -11.87 10.08 -0.21
N GLN A 145 -10.54 9.86 -0.06
CA GLN A 145 -9.56 10.70 -0.70
C GLN A 145 -9.13 10.02 -1.95
N TYR A 146 -8.90 10.77 -3.04
CA TYR A 146 -8.51 10.19 -4.29
C TYR A 146 -7.16 10.66 -4.73
N TYR A 147 -6.30 9.68 -5.14
CA TYR A 147 -4.99 10.00 -5.62
C TYR A 147 -4.66 9.25 -6.89
N ASP A 148 -4.07 9.98 -7.86
CA ASP A 148 -3.62 9.42 -9.12
C ASP A 148 -2.22 8.96 -8.76
N ILE A 149 -1.90 7.67 -8.96
CA ILE A 149 -0.59 7.17 -8.64
C ILE A 149 -0.05 6.29 -9.73
N SER A 150 1.29 6.17 -9.77
CA SER A 150 1.92 5.30 -10.72
C SER A 150 3.04 4.67 -10.01
N ALA A 151 2.96 3.33 -9.82
CA ALA A 151 3.99 2.56 -9.18
C ALA A 151 5.24 2.61 -10.01
N LYS A 152 5.02 2.55 -11.35
CA LYS A 152 6.02 2.57 -12.38
C LYS A 152 6.83 3.83 -12.43
N SER A 153 6.17 5.01 -12.37
CA SER A 153 6.87 6.28 -12.45
C SER A 153 7.02 6.99 -11.14
N ASN A 154 6.49 6.41 -10.03
CA ASN A 154 6.52 6.94 -8.69
C ASN A 154 5.73 8.21 -8.51
N TYR A 155 4.77 8.46 -9.43
CA TYR A 155 3.95 9.64 -9.39
C TYR A 155 3.03 9.51 -8.21
N ASN A 156 3.15 10.49 -7.27
CA ASN A 156 2.39 10.62 -6.05
C ASN A 156 2.46 9.37 -5.20
N PHE A 157 3.62 8.67 -5.24
CA PHE A 157 3.81 7.41 -4.57
C PHE A 157 3.65 7.47 -3.08
N GLU A 158 4.13 8.56 -2.44
CA GLU A 158 4.04 8.72 -1.00
C GLU A 158 2.78 9.36 -0.49
N LYS A 159 1.94 9.94 -1.38
CA LYS A 159 0.77 10.64 -0.93
C LYS A 159 -0.27 9.89 -0.15
N PRO A 160 -0.71 8.65 -0.51
CA PRO A 160 -1.71 7.95 0.27
C PRO A 160 -1.28 7.70 1.69
N PHE A 161 -0.01 7.30 1.91
CA PHE A 161 0.51 7.05 3.23
C PHE A 161 0.55 8.28 4.06
N LEU A 162 1.00 9.41 3.44
CA LEU A 162 1.08 10.66 4.15
C LEU A 162 -0.25 11.18 4.57
N TRP A 163 -1.25 11.10 3.66
CA TRP A 163 -2.57 11.58 3.95
C TRP A 163 -3.17 10.80 5.10
N LEU A 164 -3.02 9.44 5.06
CA LEU A 164 -3.55 8.56 6.07
C LEU A 164 -2.94 8.87 7.40
N ALA A 165 -1.61 9.13 7.42
CA ALA A 165 -0.87 9.44 8.62
C ALA A 165 -1.39 10.70 9.24
N ARG A 166 -1.69 11.73 8.43
CA ARG A 166 -2.20 13.00 8.89
C ARG A 166 -3.52 12.84 9.57
N LYS A 167 -4.46 12.08 8.95
CA LYS A 167 -5.76 11.88 9.56
C LYS A 167 -5.73 11.07 10.82
N LEU A 168 -4.94 9.98 10.82
CA LEU A 168 -4.83 9.10 11.96
C LEU A 168 -4.20 9.77 13.15
N ILE A 169 -3.06 10.47 12.93
CA ILE A 169 -2.33 11.17 13.95
C ILE A 169 -3.12 12.39 14.40
N GLY A 170 -3.78 13.08 13.44
CA GLY A 170 -4.58 14.25 13.73
C GLY A 170 -3.86 15.54 13.51
N ASP A 171 -2.65 15.50 12.87
CA ASP A 171 -1.93 16.72 12.63
C ASP A 171 -1.97 16.94 11.13
N PRO A 172 -2.69 17.99 10.65
CA PRO A 172 -2.79 18.31 9.24
C PRO A 172 -1.50 18.79 8.66
N ASN A 173 -0.53 19.17 9.53
CA ASN A 173 0.76 19.69 9.15
C ASN A 173 1.83 18.64 9.05
N LEU A 174 1.51 17.33 9.24
CA LEU A 174 2.52 16.29 9.15
C LEU A 174 3.21 16.23 7.82
N GLU A 175 4.54 16.14 7.90
CA GLU A 175 5.40 16.11 6.75
C GLU A 175 6.39 14.98 6.91
N PHE A 176 6.78 14.40 5.75
CA PHE A 176 7.75 13.34 5.66
C PHE A 176 9.11 13.98 5.83
N VAL A 177 9.96 13.31 6.63
CA VAL A 177 11.31 13.73 6.92
C VAL A 177 12.13 12.60 6.33
N ALA A 178 13.35 12.92 5.81
CA ALA A 178 14.21 11.97 5.14
C ALA A 178 14.59 10.77 5.95
N MET A 179 15.01 10.95 7.23
CA MET A 179 15.41 9.94 8.19
C MET A 179 16.91 9.80 8.14
N PRO A 180 17.59 10.00 9.32
CA PRO A 180 19.03 9.89 9.42
C PRO A 180 19.47 8.53 8.98
N ALA A 181 20.55 8.48 8.17
CA ALA A 181 21.06 7.27 7.65
C ALA A 181 21.76 6.46 8.70
N LEU A 182 21.33 5.19 8.80
CA LEU A 182 21.87 4.24 9.73
C LEU A 182 22.85 3.46 8.92
N ALA A 183 24.04 3.18 9.51
CA ALA A 183 25.09 2.46 8.84
C ALA A 183 24.68 1.05 8.52
N PRO A 184 24.91 0.60 7.25
CA PRO A 184 24.59 -0.73 6.79
C PRO A 184 25.38 -1.81 7.48
N PRO A 185 24.79 -3.02 7.69
CA PRO A 185 25.46 -4.13 8.34
C PRO A 185 26.63 -4.60 7.50
N GLU A 186 27.71 -5.10 8.18
CA GLU A 186 28.90 -5.58 7.53
C GLU A 186 28.64 -6.78 6.65
N VAL A 187 27.83 -7.74 7.16
CA VAL A 187 27.42 -8.96 6.52
C VAL A 187 28.57 -9.92 6.36
N VAL A 188 28.61 -10.91 7.30
CA VAL A 188 29.62 -11.95 7.30
C VAL A 188 28.80 -13.22 7.17
N MET A 189 28.05 -13.59 8.25
CA MET A 189 27.14 -14.70 8.45
C MET A 189 27.04 -15.79 7.39
N ASP A 190 25.81 -16.14 6.91
CA ASP A 190 25.40 -17.14 5.93
C ASP A 190 24.11 -17.87 6.22
N PRO A 191 23.73 -18.28 7.47
CA PRO A 191 22.50 -19.02 7.68
C PRO A 191 21.21 -18.29 7.38
N ALA A 192 20.77 -17.36 8.24
CA ALA A 192 19.56 -16.60 8.06
C ALA A 192 19.65 -15.73 6.85
N LEU A 193 20.84 -15.12 6.65
CA LEU A 193 21.14 -14.23 5.56
C LEU A 193 21.04 -14.77 4.18
N ALA A 194 21.46 -16.04 3.94
CA ALA A 194 21.44 -16.59 2.60
C ALA A 194 20.08 -16.88 2.03
N ALA A 195 20.06 -17.18 0.71
CA ALA A 195 18.92 -17.50 -0.12
C ALA A 195 18.01 -16.36 -0.48
N GLN A 196 17.62 -15.53 0.49
CA GLN A 196 16.75 -14.38 0.37
C GLN A 196 17.29 -13.36 -0.57
N TYR A 197 18.63 -13.18 -0.60
CA TYR A 197 19.31 -12.22 -1.45
C TYR A 197 19.07 -12.47 -2.92
N GLU A 198 19.04 -13.76 -3.32
CA GLU A 198 18.83 -14.18 -4.68
C GLU A 198 17.50 -13.70 -5.20
N HIS A 199 16.45 -13.71 -4.35
CA HIS A 199 15.13 -13.27 -4.73
C HIS A 199 15.15 -11.82 -5.17
N ASP A 200 15.82 -10.94 -4.40
CA ASP A 200 15.92 -9.53 -4.70
C ASP A 200 16.69 -9.26 -5.95
N LEU A 201 17.82 -10.00 -6.13
CA LEU A 201 18.69 -9.86 -7.27
C LEU A 201 17.98 -10.16 -8.55
N GLU A 202 17.13 -11.22 -8.56
CA GLU A 202 16.37 -11.62 -9.71
C GLU A 202 15.39 -10.56 -10.12
N VAL A 203 14.70 -9.95 -9.12
CA VAL A 203 13.71 -8.92 -9.36
C VAL A 203 14.40 -7.75 -10.02
N ALA A 204 15.59 -7.34 -9.53
CA ALA A 204 16.34 -6.25 -10.06
C ALA A 204 16.82 -6.45 -11.47
N GLN A 205 17.34 -7.66 -11.77
CA GLN A 205 17.86 -8.03 -13.07
C GLN A 205 16.80 -7.98 -14.13
N THR A 206 15.60 -8.51 -13.82
CA THR A 206 14.46 -8.56 -14.69
C THR A 206 13.96 -7.17 -14.99
N THR A 207 13.90 -6.31 -13.95
CA THR A 207 13.42 -4.97 -14.07
C THR A 207 14.25 -4.06 -14.93
N ALA A 208 13.52 -3.47 -15.88
CA ALA A 208 14.01 -2.50 -16.81
C ALA A 208 13.18 -1.31 -16.37
N LEU A 209 13.73 -0.08 -16.52
CA LEU A 209 13.02 1.11 -16.10
C LEU A 209 11.74 1.33 -16.90
N PRO A 210 10.59 1.57 -16.19
CA PRO A 210 9.31 1.69 -16.83
C PRO A 210 9.01 2.97 -17.55
N ASP A 211 9.45 3.05 -18.82
CA ASP A 211 9.16 4.20 -19.61
C ASP A 211 7.94 3.75 -20.36
N GLU A 212 6.76 4.24 -19.93
CA GLU A 212 5.55 3.87 -20.59
C GLU A 212 5.24 5.06 -21.43
N ASP A 213 4.76 6.16 -20.79
CA ASP A 213 4.44 7.37 -21.48
C ASP A 213 5.01 8.52 -20.71
N ASP A 214 6.25 8.35 -20.24
CA ASP A 214 7.01 9.32 -19.48
C ASP A 214 7.23 10.54 -20.30
N ASP A 215 7.47 10.35 -21.61
CA ASP A 215 7.72 11.38 -22.59
C ASP A 215 6.56 12.33 -22.72
N LEU A 216 5.31 11.80 -22.68
CA LEU A 216 4.09 12.56 -22.78
C LEU A 216 3.88 13.29 -21.45
N MET A 1 5.12 -3.65 21.61
CA MET A 1 5.70 -2.45 20.97
C MET A 1 6.68 -2.84 19.91
N ALA A 2 7.86 -3.34 20.33
CA ALA A 2 8.93 -3.77 19.47
C ALA A 2 8.52 -4.91 18.58
N ALA A 3 7.75 -5.88 19.12
CA ALA A 3 7.27 -7.03 18.38
C ALA A 3 6.38 -6.58 17.26
N GLN A 4 5.51 -5.59 17.55
CA GLN A 4 4.59 -4.99 16.62
C GLN A 4 5.32 -4.21 15.57
N GLY A 5 6.45 -3.54 15.94
CA GLY A 5 7.21 -2.73 15.02
C GLY A 5 6.71 -1.34 15.07
N GLU A 6 6.06 -1.00 16.20
CA GLU A 6 5.45 0.24 16.54
C GLU A 6 6.60 0.92 17.25
N PRO A 7 7.40 1.85 16.58
CA PRO A 7 8.50 2.52 17.26
C PRO A 7 7.88 3.27 18.38
N GLN A 8 6.85 4.01 18.00
CA GLN A 8 6.00 4.71 18.84
C GLN A 8 4.76 4.06 18.38
N VAL A 9 4.33 4.37 17.12
CA VAL A 9 3.08 3.84 16.64
C VAL A 9 3.11 2.94 15.43
N GLN A 10 2.08 2.06 15.42
CA GLN A 10 1.80 1.10 14.38
C GLN A 10 0.38 1.31 13.93
N PHE A 11 0.18 1.33 12.60
CA PHE A 11 -1.12 1.49 11.98
C PHE A 11 -1.38 0.30 11.10
N LYS A 12 -2.57 -0.32 11.24
CA LYS A 12 -2.92 -1.47 10.44
C LYS A 12 -3.64 -0.94 9.23
N LEU A 13 -2.99 -1.13 8.08
CA LEU A 13 -3.46 -0.67 6.80
C LEU A 13 -3.80 -1.84 5.95
N VAL A 14 -5.02 -1.82 5.37
CA VAL A 14 -5.39 -2.93 4.53
C VAL A 14 -5.50 -2.46 3.10
N LEU A 15 -4.76 -3.16 2.20
CA LEU A 15 -4.78 -2.86 0.80
C LEU A 15 -5.65 -3.88 0.14
N VAL A 16 -6.69 -3.35 -0.53
CA VAL A 16 -7.68 -4.11 -1.24
C VAL A 16 -7.85 -3.60 -2.65
N GLY A 17 -8.42 -4.45 -3.54
CA GLY A 17 -8.65 -4.07 -4.90
C GLY A 17 -8.64 -5.29 -5.77
N ASP A 18 -9.00 -5.11 -7.05
CA ASP A 18 -9.04 -6.20 -8.00
C ASP A 18 -7.68 -6.69 -8.40
N GLY A 19 -7.64 -7.93 -8.92
CA GLY A 19 -6.43 -8.56 -9.36
C GLY A 19 -5.86 -7.79 -10.53
N GLY A 20 -4.52 -7.64 -10.53
CA GLY A 20 -3.80 -6.96 -11.56
C GLY A 20 -3.73 -5.47 -11.41
N THR A 21 -4.30 -4.90 -10.32
CA THR A 21 -4.30 -3.47 -10.04
C THR A 21 -2.94 -2.90 -9.82
N GLY A 22 -2.07 -3.66 -9.12
CA GLY A 22 -0.74 -3.18 -8.83
C GLY A 22 -0.52 -3.01 -7.36
N LYS A 23 -1.38 -3.61 -6.49
CA LYS A 23 -1.23 -3.50 -5.05
C LYS A 23 0.11 -4.04 -4.57
N THR A 24 0.47 -5.25 -5.07
CA THR A 24 1.71 -5.93 -4.73
C THR A 24 2.91 -5.15 -5.19
N THR A 25 2.87 -4.61 -6.44
CA THR A 25 3.94 -3.86 -7.03
C THR A 25 4.16 -2.58 -6.25
N PHE A 26 3.06 -1.92 -5.80
CA PHE A 26 3.11 -0.71 -5.03
C PHE A 26 3.81 -0.92 -3.72
N VAL A 27 3.44 -2.00 -2.99
CA VAL A 27 4.04 -2.31 -1.72
C VAL A 27 5.50 -2.65 -1.88
N LYS A 28 5.85 -3.45 -2.91
CA LYS A 28 7.21 -3.90 -3.17
C LYS A 28 8.12 -2.73 -3.42
N ARG A 29 7.64 -1.71 -4.18
CA ARG A 29 8.38 -0.53 -4.49
C ARG A 29 8.73 0.22 -3.22
N HIS A 30 7.77 0.36 -2.28
CA HIS A 30 8.00 1.03 -1.03
C HIS A 30 9.05 0.33 -0.19
N LEU A 31 8.98 -1.02 -0.14
CA LEU A 31 9.88 -1.83 0.62
C LEU A 31 11.29 -1.90 0.10
N THR A 32 11.46 -2.07 -1.24
CA THR A 32 12.79 -2.23 -1.81
C THR A 32 13.24 -1.23 -2.82
N GLY A 33 12.30 -0.56 -3.52
CA GLY A 33 12.65 0.39 -4.55
C GLY A 33 12.62 -0.26 -5.91
N GLU A 34 12.44 -1.61 -5.96
CA GLU A 34 12.36 -2.37 -7.19
C GLU A 34 11.00 -2.18 -7.80
N PHE A 35 10.92 -2.30 -9.15
CA PHE A 35 9.67 -2.17 -9.84
C PHE A 35 9.47 -3.55 -10.39
N GLU A 36 8.38 -4.23 -9.95
CA GLU A 36 8.11 -5.57 -10.38
C GLU A 36 7.22 -5.52 -11.58
N LYS A 37 7.75 -6.04 -12.70
CA LYS A 37 7.08 -6.06 -13.97
C LYS A 37 6.33 -7.35 -14.22
N LYS A 38 6.58 -8.39 -13.38
CA LYS A 38 5.94 -9.67 -13.55
C LYS A 38 4.85 -9.80 -12.53
N TYR A 39 3.62 -10.06 -13.01
CA TYR A 39 2.51 -10.20 -12.11
C TYR A 39 2.27 -11.64 -11.80
N VAL A 40 2.47 -11.95 -10.50
CA VAL A 40 2.26 -13.26 -9.94
C VAL A 40 1.24 -12.97 -8.89
N ALA A 41 0.09 -13.66 -8.95
CA ALA A 41 -1.00 -13.48 -8.03
C ALA A 41 -0.65 -13.78 -6.60
N THR A 42 -1.17 -12.92 -5.70
CA THR A 42 -1.00 -12.99 -4.27
C THR A 42 -2.05 -13.93 -3.76
N LEU A 43 -1.64 -14.92 -2.94
CA LEU A 43 -2.54 -15.88 -2.38
C LEU A 43 -2.76 -15.49 -0.95
N GLY A 44 -4.05 -15.36 -0.55
CA GLY A 44 -4.43 -14.97 0.78
C GLY A 44 -4.00 -13.56 1.03
N VAL A 45 -3.15 -13.37 2.07
CA VAL A 45 -2.67 -12.08 2.44
C VAL A 45 -1.17 -12.13 2.67
N GLU A 46 -0.46 -11.03 2.31
CA GLU A 46 0.95 -10.87 2.52
C GLU A 46 1.04 -9.66 3.40
N VAL A 47 1.68 -9.81 4.57
CA VAL A 47 1.81 -8.76 5.55
C VAL A 47 3.21 -8.21 5.41
N HIS A 48 3.29 -6.89 5.11
CA HIS A 48 4.55 -6.22 4.92
C HIS A 48 4.67 -4.99 5.80
N PRO A 49 5.73 -4.91 6.65
CA PRO A 49 5.99 -3.78 7.53
C PRO A 49 6.67 -2.66 6.78
N LEU A 50 6.17 -1.41 6.87
CA LEU A 50 6.78 -0.28 6.20
C LEU A 50 6.90 0.85 7.19
N VAL A 51 8.10 1.46 7.34
CA VAL A 51 8.31 2.53 8.30
C VAL A 51 8.57 3.81 7.54
N PHE A 52 7.91 4.91 7.98
CA PHE A 52 8.02 6.24 7.43
C PHE A 52 8.39 7.19 8.51
N HIS A 53 9.29 8.16 8.20
CA HIS A 53 9.74 9.09 9.20
C HIS A 53 9.09 10.41 8.95
N THR A 54 8.40 10.89 10.01
CA THR A 54 7.69 12.12 9.99
C THR A 54 8.22 13.09 11.01
N ASN A 55 7.58 14.28 11.06
CA ASN A 55 7.86 15.40 11.94
C ASN A 55 7.71 14.96 13.37
N ARG A 56 6.72 14.07 13.64
CA ARG A 56 6.45 13.53 14.95
C ARG A 56 7.20 12.25 15.24
N GLY A 57 8.13 11.81 14.36
CA GLY A 57 8.89 10.61 14.57
C GLY A 57 8.49 9.52 13.62
N PRO A 58 9.15 8.33 13.71
CA PRO A 58 8.86 7.19 12.88
C PRO A 58 7.53 6.55 13.18
N ILE A 59 6.82 6.14 12.12
CA ILE A 59 5.53 5.49 12.23
C ILE A 59 5.60 4.25 11.36
N LYS A 60 5.00 3.14 11.83
CA LYS A 60 5.03 1.94 11.03
C LYS A 60 3.65 1.57 10.55
N PHE A 61 3.55 1.26 9.25
CA PHE A 61 2.34 0.84 8.60
C PHE A 61 2.50 -0.63 8.37
N ASN A 62 1.59 -1.41 8.97
CA ASN A 62 1.55 -2.84 8.86
C ASN A 62 0.59 -3.00 7.70
N VAL A 63 1.16 -3.20 6.50
CA VAL A 63 0.37 -3.31 5.29
C VAL A 63 -0.09 -4.73 5.07
N TRP A 64 -1.40 -4.90 4.88
CA TRP A 64 -1.99 -6.18 4.61
C TRP A 64 -2.40 -6.16 3.18
N ASP A 65 -1.58 -6.76 2.30
CA ASP A 65 -1.91 -6.79 0.90
C ASP A 65 -2.73 -8.02 0.70
N THR A 66 -4.00 -7.83 0.29
CA THR A 66 -4.92 -8.93 0.10
C THR A 66 -5.03 -9.38 -1.34
N ALA A 67 -5.61 -10.60 -1.53
CA ALA A 67 -5.83 -11.19 -2.83
C ALA A 67 -7.10 -10.65 -3.41
N GLY A 68 -7.04 -10.23 -4.70
CA GLY A 68 -8.16 -9.67 -5.41
C GLY A 68 -9.10 -10.71 -5.98
N GLN A 69 -8.68 -11.99 -5.96
CA GLN A 69 -9.40 -13.14 -6.43
C GLN A 69 -10.58 -13.47 -5.57
N GLU A 70 -10.39 -13.34 -4.22
CA GLU A 70 -11.41 -13.67 -3.24
C GLU A 70 -12.63 -12.82 -3.35
N LYS A 71 -13.80 -13.48 -3.27
CA LYS A 71 -15.08 -12.83 -3.35
C LYS A 71 -15.34 -12.07 -2.08
N PHE A 72 -16.19 -11.04 -2.22
CA PHE A 72 -16.60 -10.13 -1.16
C PHE A 72 -17.40 -10.93 -0.18
N GLY A 73 -17.10 -10.80 1.14
CA GLY A 73 -17.86 -11.55 2.12
C GLY A 73 -17.21 -11.67 3.45
N GLY A 74 -17.92 -12.42 4.33
CA GLY A 74 -17.56 -12.73 5.69
C GLY A 74 -16.28 -13.49 5.83
N LEU A 75 -15.88 -14.22 4.77
CA LEU A 75 -14.67 -14.99 4.71
C LEU A 75 -13.44 -14.11 4.85
N ARG A 76 -13.54 -12.85 4.35
CA ARG A 76 -12.48 -11.88 4.34
C ARG A 76 -12.47 -10.95 5.54
N ASP A 77 -13.29 -11.24 6.60
CA ASP A 77 -13.38 -10.43 7.77
C ASP A 77 -12.13 -10.27 8.57
N GLY A 78 -11.31 -11.34 8.70
CA GLY A 78 -10.08 -11.33 9.47
C GLY A 78 -9.09 -10.29 9.03
N TYR A 79 -8.99 -10.09 7.70
CA TYR A 79 -8.10 -9.13 7.10
C TYR A 79 -8.47 -7.74 7.52
N TYR A 80 -9.80 -7.44 7.53
CA TYR A 80 -10.19 -6.09 7.79
C TYR A 80 -10.44 -5.78 9.24
N ILE A 81 -10.67 -6.80 10.12
CA ILE A 81 -10.92 -6.52 11.52
C ILE A 81 -9.75 -5.83 12.16
N GLN A 82 -10.10 -4.79 12.97
CA GLN A 82 -9.20 -3.91 13.67
C GLN A 82 -8.32 -3.08 12.77
N ALA A 83 -8.74 -2.88 11.48
CA ALA A 83 -7.99 -2.06 10.56
C ALA A 83 -8.19 -0.63 10.98
N GLN A 84 -7.14 0.19 10.78
CA GLN A 84 -7.16 1.58 11.14
C GLN A 84 -7.32 2.44 9.92
N CYS A 85 -6.93 1.93 8.74
CA CYS A 85 -7.04 2.64 7.49
C CYS A 85 -7.01 1.67 6.34
N ALA A 86 -7.41 2.15 5.13
CA ALA A 86 -7.37 1.29 3.98
C ALA A 86 -7.10 2.02 2.70
N ILE A 87 -6.58 1.25 1.72
CA ILE A 87 -6.32 1.77 0.40
C ILE A 87 -7.03 0.83 -0.53
N ILE A 88 -7.89 1.40 -1.40
CA ILE A 88 -8.62 0.64 -2.38
C ILE A 88 -7.95 1.03 -3.66
N MET A 89 -7.46 0.00 -4.39
CA MET A 89 -6.72 0.21 -5.58
C MET A 89 -7.43 -0.31 -6.80
N PHE A 90 -7.45 0.57 -7.83
CA PHE A 90 -8.04 0.25 -9.10
C PHE A 90 -7.10 0.64 -10.20
N ASP A 91 -7.32 0.07 -11.40
CA ASP A 91 -6.48 0.37 -12.53
C ASP A 91 -7.25 1.29 -13.42
N VAL A 92 -6.63 2.46 -13.73
CA VAL A 92 -7.23 3.48 -14.57
C VAL A 92 -7.50 3.04 -15.98
N THR A 93 -6.83 1.96 -16.43
CA THR A 93 -7.01 1.43 -17.76
C THR A 93 -8.11 0.41 -17.81
N SER A 94 -8.72 0.05 -16.64
CA SER A 94 -9.78 -0.91 -16.62
C SER A 94 -11.01 -0.38 -15.93
N ARG A 95 -12.09 -0.24 -16.72
CA ARG A 95 -13.37 0.23 -16.28
C ARG A 95 -13.99 -0.74 -15.30
N VAL A 96 -13.84 -2.06 -15.57
CA VAL A 96 -14.37 -3.14 -14.76
C VAL A 96 -13.77 -3.06 -13.37
N THR A 97 -12.45 -2.77 -13.28
CA THR A 97 -11.75 -2.67 -12.03
C THR A 97 -12.32 -1.52 -11.21
N TYR A 98 -12.62 -0.37 -11.87
CA TYR A 98 -13.22 0.78 -11.22
C TYR A 98 -14.61 0.45 -10.73
N LYS A 99 -15.40 -0.30 -11.54
CA LYS A 99 -16.76 -0.68 -11.23
C LYS A 99 -16.83 -1.46 -9.95
N ASN A 100 -15.82 -2.32 -9.68
CA ASN A 100 -15.75 -3.12 -8.48
C ASN A 100 -15.38 -2.38 -7.21
N VAL A 101 -14.93 -1.10 -7.32
CA VAL A 101 -14.53 -0.30 -6.17
C VAL A 101 -15.67 -0.13 -5.18
N PRO A 102 -16.95 0.16 -5.58
CA PRO A 102 -18.05 0.28 -4.64
C PRO A 102 -18.26 -0.96 -3.83
N ASN A 103 -18.02 -2.16 -4.42
CA ASN A 103 -18.15 -3.43 -3.76
C ASN A 103 -17.10 -3.56 -2.68
N TRP A 104 -15.83 -3.16 -2.99
CA TRP A 104 -14.73 -3.20 -2.04
C TRP A 104 -15.02 -2.27 -0.89
N HIS A 105 -15.49 -1.04 -1.21
CA HIS A 105 -15.84 -0.03 -0.25
C HIS A 105 -17.29 -0.21 0.08
N ARG A 106 -17.57 -1.31 0.77
CA ARG A 106 -18.88 -1.72 1.22
C ARG A 106 -18.52 -2.83 2.12
N ASP A 107 -17.73 -3.81 1.60
CA ASP A 107 -17.25 -4.96 2.32
C ASP A 107 -16.41 -4.43 3.46
N LEU A 108 -15.56 -3.43 3.16
CA LEU A 108 -14.68 -2.79 4.12
C LEU A 108 -15.43 -2.08 5.23
N VAL A 109 -16.43 -1.26 4.84
CA VAL A 109 -17.28 -0.45 5.67
C VAL A 109 -18.10 -1.31 6.60
N ARG A 110 -18.51 -2.50 6.15
CA ARG A 110 -19.33 -3.40 6.94
C ARG A 110 -18.66 -3.76 8.22
N VAL A 111 -17.33 -4.00 8.21
CA VAL A 111 -16.65 -4.34 9.44
C VAL A 111 -15.96 -3.21 10.14
N CYS A 112 -15.37 -2.21 9.43
CA CYS A 112 -14.71 -1.14 10.15
C CYS A 112 -15.39 0.19 10.22
N GLU A 113 -16.55 0.34 9.54
CA GLU A 113 -17.33 1.55 9.51
C GLU A 113 -16.55 2.76 9.05
N ASN A 114 -16.47 3.84 9.86
CA ASN A 114 -15.76 5.00 9.41
C ASN A 114 -14.34 5.04 9.86
N ILE A 115 -13.45 4.84 8.86
CA ILE A 115 -12.01 4.88 9.00
C ILE A 115 -11.53 5.51 7.70
N PRO A 116 -10.39 6.26 7.69
CA PRO A 116 -9.87 6.88 6.48
C PRO A 116 -9.54 5.88 5.41
N ILE A 117 -10.09 6.12 4.20
CA ILE A 117 -9.84 5.27 3.07
C ILE A 117 -9.49 6.15 1.91
N VAL A 118 -8.43 5.71 1.19
CA VAL A 118 -7.91 6.39 0.03
C VAL A 118 -8.12 5.52 -1.18
N LEU A 119 -8.65 6.11 -2.27
CA LEU A 119 -8.87 5.46 -3.53
C LEU A 119 -7.70 5.85 -4.39
N CYS A 120 -7.02 4.82 -4.93
CA CYS A 120 -5.88 5.05 -5.77
C CYS A 120 -6.08 4.54 -7.16
N GLY A 121 -5.88 5.46 -8.13
CA GLY A 121 -6.00 5.15 -9.52
C GLY A 121 -4.61 4.89 -9.99
N ASN A 122 -4.30 3.59 -10.14
CA ASN A 122 -3.01 3.09 -10.56
C ASN A 122 -2.81 3.14 -12.03
N LYS A 123 -1.52 3.02 -12.43
CA LYS A 123 -1.01 3.00 -13.78
C LYS A 123 -1.36 4.19 -14.61
N VAL A 124 -1.25 5.40 -13.99
CA VAL A 124 -1.53 6.66 -14.67
C VAL A 124 -0.54 6.93 -15.79
N ASP A 125 0.61 6.22 -15.80
CA ASP A 125 1.62 6.33 -16.84
C ASP A 125 1.11 5.92 -18.19
N ILE A 126 0.24 4.87 -18.25
CA ILE A 126 -0.30 4.36 -19.49
C ILE A 126 -1.13 5.44 -20.17
N LYS A 127 -0.87 5.61 -21.49
CA LYS A 127 -1.50 6.59 -22.34
C LYS A 127 -2.98 6.45 -22.54
N ASP A 128 -3.48 5.22 -22.80
CA ASP A 128 -4.89 5.03 -23.05
C ASP A 128 -5.63 4.85 -21.75
N ARG A 129 -5.88 5.98 -21.05
CA ARG A 129 -6.60 5.97 -19.79
C ARG A 129 -8.07 5.94 -20.09
N LYS A 130 -8.80 5.04 -19.39
CA LYS A 130 -10.21 4.91 -19.59
C LYS A 130 -10.97 5.65 -18.53
N VAL A 131 -10.52 5.53 -17.25
CA VAL A 131 -11.21 6.18 -16.17
C VAL A 131 -10.47 7.46 -15.90
N LYS A 132 -11.10 8.59 -16.32
CA LYS A 132 -10.54 9.89 -16.13
C LYS A 132 -10.83 10.34 -14.73
N ALA A 133 -9.98 11.26 -14.23
CA ALA A 133 -10.08 11.83 -12.91
C ALA A 133 -11.39 12.56 -12.73
N LYS A 134 -11.86 13.26 -13.79
CA LYS A 134 -13.10 13.99 -13.78
C LYS A 134 -14.29 13.09 -13.54
N SER A 135 -14.28 11.89 -14.17
CA SER A 135 -15.31 10.90 -14.10
C SER A 135 -15.56 10.39 -12.71
N ILE A 136 -14.45 10.21 -11.93
CA ILE A 136 -14.54 9.67 -10.59
C ILE A 136 -15.30 10.62 -9.68
N VAL A 137 -16.39 10.09 -9.10
CA VAL A 137 -17.28 10.79 -8.21
C VAL A 137 -17.55 10.01 -6.93
N PHE A 138 -17.11 8.73 -6.89
CA PHE A 138 -17.32 7.81 -5.80
C PHE A 138 -16.75 8.34 -4.51
N HIS A 139 -15.57 8.98 -4.59
CA HIS A 139 -14.89 9.54 -3.46
C HIS A 139 -15.71 10.61 -2.79
N ARG A 140 -16.41 11.47 -3.57
CA ARG A 140 -17.22 12.54 -3.03
C ARG A 140 -18.37 12.02 -2.22
N LYS A 141 -19.06 10.99 -2.75
CA LYS A 141 -20.19 10.36 -2.13
C LYS A 141 -19.81 9.68 -0.84
N LYS A 142 -18.66 8.98 -0.84
CA LYS A 142 -18.15 8.24 0.29
C LYS A 142 -17.17 8.92 1.21
N ASN A 143 -16.84 10.21 0.98
CA ASN A 143 -15.89 10.98 1.78
C ASN A 143 -14.53 10.33 1.88
N LEU A 144 -14.03 9.90 0.71
CA LEU A 144 -12.75 9.27 0.55
C LEU A 144 -11.87 10.22 -0.19
N GLN A 145 -10.54 10.00 -0.08
CA GLN A 145 -9.61 10.86 -0.77
C GLN A 145 -9.15 10.12 -1.98
N TYR A 146 -8.98 10.82 -3.11
CA TYR A 146 -8.57 10.20 -4.33
C TYR A 146 -7.22 10.68 -4.80
N TYR A 147 -6.36 9.72 -5.21
CA TYR A 147 -5.06 10.04 -5.73
C TYR A 147 -4.73 9.27 -6.98
N ASP A 148 -4.16 9.97 -7.99
CA ASP A 148 -3.71 9.36 -9.22
C ASP A 148 -2.30 8.95 -8.86
N ILE A 149 -1.98 7.65 -9.02
CA ILE A 149 -0.66 7.16 -8.69
C ILE A 149 -0.11 6.26 -9.75
N SER A 150 1.24 6.14 -9.77
CA SER A 150 1.85 5.25 -10.69
C SER A 150 2.99 4.64 -9.96
N ALA A 151 2.92 3.31 -9.76
CA ALA A 151 3.93 2.54 -9.10
C ALA A 151 5.20 2.60 -9.91
N LYS A 152 5.04 2.56 -11.25
CA LYS A 152 6.10 2.61 -12.21
C LYS A 152 6.88 3.89 -12.24
N SER A 153 6.21 5.07 -12.18
CA SER A 153 6.90 6.33 -12.23
C SER A 153 7.05 7.02 -10.91
N ASN A 154 6.47 6.43 -9.84
CA ASN A 154 6.47 6.93 -8.49
C ASN A 154 5.64 8.18 -8.32
N TYR A 155 4.74 8.48 -9.30
CA TYR A 155 3.91 9.64 -9.26
C TYR A 155 2.95 9.48 -8.10
N ASN A 156 3.04 10.44 -7.14
CA ASN A 156 2.26 10.54 -5.94
C ASN A 156 2.32 9.28 -5.11
N PHE A 157 3.45 8.54 -5.17
CA PHE A 157 3.62 7.27 -4.50
C PHE A 157 3.47 7.34 -3.00
N GLU A 158 4.00 8.42 -2.39
CA GLU A 158 3.93 8.61 -0.96
C GLU A 158 2.69 9.27 -0.44
N LYS A 159 1.86 9.88 -1.32
CA LYS A 159 0.70 10.60 -0.88
C LYS A 159 -0.36 9.87 -0.10
N PRO A 160 -0.83 8.64 -0.48
CA PRO A 160 -1.83 7.95 0.30
C PRO A 160 -1.41 7.67 1.71
N PHE A 161 -0.13 7.26 1.91
CA PHE A 161 0.42 6.96 3.21
C PHE A 161 0.45 8.18 4.08
N LEU A 162 0.89 9.31 3.48
CA LEU A 162 0.98 10.56 4.20
C LEU A 162 -0.35 11.08 4.62
N TRP A 163 -1.37 11.00 3.72
CA TRP A 163 -2.70 11.45 4.02
C TRP A 163 -3.27 10.67 5.18
N LEU A 164 -3.12 9.33 5.13
CA LEU A 164 -3.62 8.44 6.14
C LEU A 164 -3.02 8.74 7.47
N ALA A 165 -1.68 9.01 7.48
CA ALA A 165 -0.95 9.32 8.69
C ALA A 165 -1.48 10.58 9.31
N ARG A 166 -1.76 11.60 8.48
CA ARG A 166 -2.27 12.87 8.95
C ARG A 166 -3.60 12.73 9.60
N LYS A 167 -4.54 11.97 8.98
CA LYS A 167 -5.85 11.82 9.57
C LYS A 167 -5.84 11.02 10.83
N LEU A 168 -5.07 9.90 10.87
CA LEU A 168 -4.98 9.05 12.03
C LEU A 168 -4.33 9.72 13.21
N ILE A 169 -3.18 10.40 12.98
CA ILE A 169 -2.43 11.12 13.98
C ILE A 169 -3.21 12.35 14.41
N GLY A 170 -3.88 13.02 13.44
CA GLY A 170 -4.66 14.20 13.71
C GLY A 170 -3.95 15.49 13.45
N ASP A 171 -2.76 15.46 12.80
CA ASP A 171 -2.07 16.68 12.53
C ASP A 171 -2.07 16.86 11.03
N PRO A 172 -2.80 17.89 10.50
CA PRO A 172 -2.88 18.18 9.08
C PRO A 172 -1.56 18.67 8.51
N ASN A 173 -0.62 19.07 9.39
CA ASN A 173 0.66 19.59 9.00
C ASN A 173 1.76 18.57 8.93
N LEU A 174 1.46 17.26 9.19
CA LEU A 174 2.49 16.24 9.14
C LEU A 174 3.14 16.10 7.80
N GLU A 175 4.49 16.03 7.84
CA GLU A 175 5.27 15.88 6.65
C GLU A 175 6.31 14.83 6.85
N PHE A 176 6.70 14.23 5.70
CA PHE A 176 7.70 13.20 5.62
C PHE A 176 9.01 13.91 5.65
N VAL A 177 9.95 13.46 6.51
CA VAL A 177 11.25 14.08 6.63
C VAL A 177 12.36 13.07 6.60
N ALA A 178 13.47 13.46 5.90
CA ALA A 178 14.68 12.69 5.75
C ALA A 178 14.42 11.28 5.33
N MET A 179 14.88 10.30 6.15
CA MET A 179 14.77 8.87 6.04
C MET A 179 16.14 8.27 5.92
N PRO A 180 16.59 7.60 7.01
CA PRO A 180 17.87 6.94 7.04
C PRO A 180 17.77 5.69 6.20
N ALA A 181 18.91 5.06 5.89
CA ALA A 181 18.94 3.85 5.10
C ALA A 181 18.20 2.73 5.79
N LEU A 182 17.56 1.87 4.97
CA LEU A 182 16.74 0.76 5.42
C LEU A 182 17.51 -0.19 6.30
N ALA A 183 16.86 -0.52 7.43
CA ALA A 183 17.43 -1.34 8.45
C ALA A 183 16.87 -2.74 8.44
N PRO A 184 17.72 -3.74 8.81
CA PRO A 184 17.34 -5.14 8.88
C PRO A 184 16.32 -5.34 9.98
N PRO A 185 15.50 -6.44 9.96
CA PRO A 185 14.49 -6.70 10.97
C PRO A 185 15.06 -6.86 12.35
N GLU A 186 14.27 -6.45 13.37
CA GLU A 186 14.65 -6.49 14.76
C GLU A 186 14.90 -7.90 15.19
N VAL A 187 15.97 -8.03 15.99
CA VAL A 187 16.44 -9.29 16.51
C VAL A 187 16.31 -9.21 18.01
N VAL A 188 15.79 -10.31 18.62
CA VAL A 188 15.62 -10.40 20.05
C VAL A 188 16.72 -11.31 20.60
N MET A 189 16.60 -12.66 20.43
CA MET A 189 17.56 -13.63 20.91
C MET A 189 18.74 -13.75 19.97
N ASP A 190 19.67 -14.71 20.26
CA ASP A 190 20.84 -14.88 19.43
C ASP A 190 21.09 -16.25 18.80
N PRO A 191 21.00 -17.41 19.53
CA PRO A 191 21.34 -18.70 18.94
C PRO A 191 20.69 -19.19 17.66
N ALA A 192 19.36 -19.39 17.65
CA ALA A 192 18.63 -19.85 16.49
C ALA A 192 18.64 -18.83 15.40
N LEU A 193 18.47 -17.56 15.81
CA LEU A 193 18.42 -16.40 14.97
C LEU A 193 19.65 -16.10 14.20
N ALA A 194 20.84 -16.32 14.79
CA ALA A 194 22.11 -16.00 14.19
C ALA A 194 22.45 -16.81 12.96
N ALA A 195 23.50 -16.33 12.24
CA ALA A 195 24.08 -16.85 11.02
C ALA A 195 23.29 -16.59 9.78
N GLN A 196 21.97 -16.87 9.79
CA GLN A 196 21.06 -16.69 8.69
C GLN A 196 20.97 -15.28 8.23
N TYR A 197 21.06 -14.31 9.17
CA TYR A 197 20.97 -12.91 8.90
C TYR A 197 22.02 -12.40 7.97
N GLU A 198 23.28 -12.90 8.07
CA GLU A 198 24.38 -12.50 7.22
C GLU A 198 24.08 -12.80 5.79
N HIS A 199 23.45 -13.97 5.53
CA HIS A 199 23.10 -14.39 4.20
C HIS A 199 22.12 -13.43 3.57
N ASP A 200 21.12 -12.97 4.35
CA ASP A 200 20.10 -12.04 3.92
C ASP A 200 20.68 -10.70 3.56
N LEU A 201 21.62 -10.21 4.40
CA LEU A 201 22.28 -8.95 4.21
C LEU A 201 23.05 -8.91 2.94
N GLU A 202 23.79 -9.99 2.64
CA GLU A 202 24.58 -10.13 1.44
C GLU A 202 23.74 -10.11 0.20
N VAL A 203 22.60 -10.87 0.20
CA VAL A 203 21.74 -10.93 -0.96
C VAL A 203 21.16 -9.58 -1.25
N ALA A 204 20.78 -8.81 -0.21
CA ALA A 204 20.23 -7.48 -0.32
C ALA A 204 21.23 -6.49 -0.88
N GLN A 205 22.48 -6.52 -0.39
CA GLN A 205 23.55 -5.65 -0.80
C GLN A 205 23.90 -5.83 -2.24
N THR A 206 23.94 -7.09 -2.71
CA THR A 206 24.25 -7.49 -4.06
C THR A 206 23.18 -7.03 -5.04
N THR A 207 21.89 -7.16 -4.67
CA THR A 207 20.78 -6.79 -5.51
C THR A 207 20.80 -5.33 -5.84
N ALA A 208 20.66 -5.04 -7.15
CA ALA A 208 20.63 -3.71 -7.67
C ALA A 208 19.22 -3.25 -7.53
N LEU A 209 19.05 -2.01 -7.03
CA LEU A 209 17.75 -1.45 -6.80
C LEU A 209 17.57 -0.30 -7.73
N PRO A 210 16.46 -0.26 -8.52
CA PRO A 210 16.19 0.83 -9.45
C PRO A 210 15.62 1.96 -8.62
N ASP A 211 16.47 2.55 -7.76
CA ASP A 211 16.07 3.58 -6.86
C ASP A 211 16.01 4.87 -7.58
N GLU A 212 14.80 5.47 -7.57
CA GLU A 212 14.62 6.74 -8.19
C GLU A 212 14.69 7.73 -7.08
N ASP A 213 13.78 7.59 -6.09
CA ASP A 213 13.70 8.44 -4.91
C ASP A 213 13.18 7.68 -3.72
N ASP A 214 13.11 6.36 -3.88
CA ASP A 214 12.59 5.40 -2.96
C ASP A 214 13.26 5.34 -1.63
N ASP A 215 14.60 5.55 -1.58
CA ASP A 215 15.36 5.50 -0.36
C ASP A 215 14.88 6.51 0.65
N LEU A 216 14.61 7.76 0.18
CA LEU A 216 14.14 8.80 1.05
C LEU A 216 12.62 8.79 0.93
N MET A 1 5.52 -3.75 21.63
CA MET A 1 5.73 -2.61 20.71
C MET A 1 6.69 -2.98 19.64
N ALA A 2 7.87 -3.52 20.05
CA ALA A 2 8.94 -3.93 19.18
C ALA A 2 8.51 -5.06 18.28
N ALA A 3 7.72 -6.02 18.81
CA ALA A 3 7.21 -7.15 18.07
C ALA A 3 6.33 -6.67 16.95
N GLN A 4 5.47 -5.67 17.26
CA GLN A 4 4.57 -5.02 16.36
C GLN A 4 5.32 -4.23 15.32
N GLY A 5 6.44 -3.57 15.71
CA GLY A 5 7.23 -2.75 14.82
C GLY A 5 6.72 -1.35 14.90
N GLU A 6 6.07 -1.03 16.03
CA GLU A 6 5.45 0.19 16.40
C GLU A 6 6.59 0.87 17.13
N PRO A 7 7.31 1.88 16.52
CA PRO A 7 8.42 2.54 17.21
C PRO A 7 7.78 3.17 18.39
N GLN A 8 6.74 3.90 18.06
CA GLN A 8 5.87 4.52 18.93
C GLN A 8 4.61 3.94 18.40
N VAL A 9 4.28 4.26 17.12
CA VAL A 9 3.02 3.85 16.56
C VAL A 9 3.10 2.92 15.37
N GLN A 10 2.11 2.00 15.33
CA GLN A 10 1.88 1.03 14.28
C GLN A 10 0.45 1.25 13.85
N PHE A 11 0.24 1.30 12.51
CA PHE A 11 -1.06 1.46 11.92
C PHE A 11 -1.31 0.28 11.01
N LYS A 12 -2.50 -0.37 11.14
CA LYS A 12 -2.82 -1.49 10.29
C LYS A 12 -3.54 -0.93 9.09
N LEU A 13 -2.89 -1.11 7.93
CA LEU A 13 -3.36 -0.65 6.66
C LEU A 13 -3.76 -1.84 5.85
N VAL A 14 -4.99 -1.84 5.33
CA VAL A 14 -5.42 -2.96 4.52
C VAL A 14 -5.47 -2.46 3.10
N LEU A 15 -4.74 -3.18 2.24
CA LEU A 15 -4.66 -2.86 0.85
C LEU A 15 -5.50 -3.88 0.11
N VAL A 16 -6.57 -3.36 -0.54
CA VAL A 16 -7.54 -4.13 -1.28
C VAL A 16 -7.75 -3.62 -2.67
N GLY A 17 -8.33 -4.48 -3.54
CA GLY A 17 -8.61 -4.11 -4.90
C GLY A 17 -8.56 -5.32 -5.78
N ASP A 18 -8.99 -5.17 -7.05
CA ASP A 18 -9.00 -6.26 -7.99
C ASP A 18 -7.64 -6.71 -8.42
N GLY A 19 -7.56 -7.95 -8.97
CA GLY A 19 -6.33 -8.53 -9.42
C GLY A 19 -5.78 -7.77 -10.61
N GLY A 20 -4.45 -7.58 -10.61
CA GLY A 20 -3.75 -6.89 -11.66
C GLY A 20 -3.74 -5.39 -11.52
N THR A 21 -4.33 -4.84 -10.41
CA THR A 21 -4.38 -3.43 -10.14
C THR A 21 -3.04 -2.80 -9.95
N GLY A 22 -2.13 -3.51 -9.26
CA GLY A 22 -0.83 -2.98 -8.98
C GLY A 22 -0.59 -2.81 -7.51
N LYS A 23 -1.40 -3.46 -6.65
CA LYS A 23 -1.26 -3.38 -5.20
C LYS A 23 0.11 -3.87 -4.75
N THR A 24 0.51 -5.06 -5.26
CA THR A 24 1.77 -5.71 -4.97
C THR A 24 2.94 -4.89 -5.45
N THR A 25 2.83 -4.34 -6.69
CA THR A 25 3.85 -3.54 -7.32
C THR A 25 4.08 -2.28 -6.51
N PHE A 26 2.98 -1.66 -6.01
CA PHE A 26 3.01 -0.46 -5.20
C PHE A 26 3.78 -0.70 -3.92
N VAL A 27 3.46 -1.82 -3.22
CA VAL A 27 4.11 -2.17 -1.98
C VAL A 27 5.59 -2.47 -2.20
N LYS A 28 5.94 -3.20 -3.29
CA LYS A 28 7.30 -3.57 -3.59
C LYS A 28 8.15 -2.35 -3.81
N ARG A 29 7.61 -1.35 -4.53
CA ARG A 29 8.30 -0.12 -4.81
C ARG A 29 8.60 0.62 -3.53
N HIS A 30 7.65 0.69 -2.57
CA HIS A 30 7.88 1.36 -1.31
C HIS A 30 8.95 0.70 -0.48
N LEU A 31 8.94 -0.65 -0.45
CA LEU A 31 9.90 -1.42 0.30
C LEU A 31 11.30 -1.41 -0.25
N THR A 32 11.46 -1.57 -1.60
CA THR A 32 12.77 -1.66 -2.19
C THR A 32 13.15 -0.64 -3.23
N GLY A 33 12.16 0.00 -3.88
CA GLY A 33 12.44 0.97 -4.92
C GLY A 33 12.41 0.33 -6.30
N GLU A 34 12.30 -1.01 -6.36
CA GLU A 34 12.23 -1.78 -7.58
C GLU A 34 10.87 -1.62 -8.20
N PHE A 35 10.79 -1.81 -9.53
CA PHE A 35 9.55 -1.72 -10.26
C PHE A 35 9.37 -3.11 -10.79
N GLU A 36 8.25 -3.75 -10.40
CA GLU A 36 7.93 -5.09 -10.78
C GLU A 36 7.04 -5.05 -12.00
N LYS A 37 7.54 -5.60 -13.15
CA LYS A 37 6.76 -5.62 -14.35
C LYS A 37 5.97 -6.90 -14.47
N LYS A 38 6.52 -8.01 -13.93
CA LYS A 38 5.87 -9.30 -14.01
C LYS A 38 4.87 -9.47 -12.92
N TYR A 39 3.64 -9.88 -13.30
CA TYR A 39 2.62 -10.08 -12.31
C TYR A 39 2.50 -11.50 -11.90
N VAL A 40 2.80 -11.71 -10.60
CA VAL A 40 2.72 -12.98 -9.97
C VAL A 40 1.65 -12.72 -8.93
N ALA A 41 0.57 -13.52 -8.99
CA ALA A 41 -0.56 -13.40 -8.10
C ALA A 41 -0.20 -13.65 -6.66
N THR A 42 -0.84 -12.84 -5.78
CA THR A 42 -0.67 -12.88 -4.36
C THR A 42 -1.73 -13.81 -3.84
N LEU A 43 -1.31 -14.80 -3.03
CA LEU A 43 -2.21 -15.77 -2.48
C LEU A 43 -2.42 -15.40 -1.04
N GLY A 44 -3.71 -15.26 -0.67
CA GLY A 44 -4.10 -14.88 0.66
C GLY A 44 -3.68 -13.46 0.93
N VAL A 45 -2.86 -13.29 2.00
CA VAL A 45 -2.38 -11.99 2.41
C VAL A 45 -0.88 -12.03 2.63
N GLU A 46 -0.19 -10.93 2.25
CA GLU A 46 1.22 -10.74 2.43
C GLU A 46 1.29 -9.53 3.32
N VAL A 47 1.94 -9.68 4.48
CA VAL A 47 2.07 -8.64 5.47
C VAL A 47 3.43 -8.02 5.31
N HIS A 48 3.47 -6.72 4.95
CA HIS A 48 4.70 -6.02 4.72
C HIS A 48 4.81 -4.78 5.58
N PRO A 49 5.87 -4.69 6.43
CA PRO A 49 6.13 -3.56 7.29
C PRO A 49 6.78 -2.41 6.55
N LEU A 50 6.26 -1.18 6.67
CA LEU A 50 6.84 -0.04 6.01
C LEU A 50 6.93 1.06 7.02
N VAL A 51 8.14 1.65 7.22
CA VAL A 51 8.33 2.69 8.20
C VAL A 51 8.58 4.00 7.50
N PHE A 52 7.89 5.06 8.01
CA PHE A 52 8.01 6.42 7.55
C PHE A 52 8.48 7.24 8.69
N HIS A 53 9.42 8.16 8.41
CA HIS A 53 9.96 9.01 9.43
C HIS A 53 9.31 10.33 9.20
N THR A 54 8.67 10.85 10.27
CA THR A 54 7.97 12.10 10.18
C THR A 54 8.47 13.06 11.22
N ASN A 55 7.93 14.30 11.18
CA ASN A 55 8.26 15.38 12.10
C ASN A 55 7.93 14.97 13.53
N ARG A 56 6.95 14.05 13.68
CA ARG A 56 6.45 13.52 14.93
C ARG A 56 7.12 12.22 15.31
N GLY A 57 8.18 11.79 14.57
CA GLY A 57 8.89 10.57 14.84
C GLY A 57 8.51 9.49 13.86
N PRO A 58 9.17 8.29 13.94
CA PRO A 58 8.89 7.18 13.07
C PRO A 58 7.57 6.51 13.36
N ILE A 59 6.85 6.14 12.28
CA ILE A 59 5.57 5.47 12.36
C ILE A 59 5.64 4.31 11.41
N LYS A 60 5.02 3.16 11.80
CA LYS A 60 5.07 2.03 10.91
C LYS A 60 3.69 1.64 10.44
N PHE A 61 3.56 1.46 9.11
CA PHE A 61 2.34 1.02 8.50
C PHE A 61 2.56 -0.43 8.18
N ASN A 62 1.71 -1.28 8.78
CA ASN A 62 1.77 -2.69 8.58
C ASN A 62 0.77 -2.85 7.46
N VAL A 63 1.29 -2.99 6.23
CA VAL A 63 0.46 -3.07 5.06
C VAL A 63 0.08 -4.50 4.81
N TRP A 64 -1.25 -4.76 4.70
CA TRP A 64 -1.68 -6.09 4.42
C TRP A 64 -2.14 -6.09 3.00
N ASP A 65 -1.30 -6.65 2.11
CA ASP A 65 -1.58 -6.72 0.71
C ASP A 65 -2.42 -7.95 0.55
N THR A 66 -3.67 -7.77 0.11
CA THR A 66 -4.57 -8.90 -0.03
C THR A 66 -4.75 -9.35 -1.46
N ALA A 67 -5.28 -10.59 -1.64
CA ALA A 67 -5.54 -11.17 -2.93
C ALA A 67 -6.82 -10.63 -3.52
N GLY A 68 -6.78 -10.20 -4.80
CA GLY A 68 -7.95 -9.68 -5.47
C GLY A 68 -8.82 -10.74 -6.10
N GLN A 69 -8.33 -11.99 -6.13
CA GLN A 69 -8.98 -13.15 -6.67
C GLN A 69 -10.15 -13.60 -5.83
N GLU A 70 -9.99 -13.52 -4.50
CA GLU A 70 -10.96 -13.93 -3.52
C GLU A 70 -12.22 -13.13 -3.59
N LYS A 71 -13.35 -13.85 -3.48
CA LYS A 71 -14.67 -13.30 -3.53
C LYS A 71 -14.96 -12.48 -2.31
N PHE A 72 -15.84 -11.48 -2.51
CA PHE A 72 -16.30 -10.52 -1.53
C PHE A 72 -17.08 -11.28 -0.49
N GLY A 73 -16.78 -11.05 0.82
CA GLY A 73 -17.51 -11.76 1.84
C GLY A 73 -16.85 -11.85 3.17
N GLY A 74 -17.52 -12.62 4.06
CA GLY A 74 -17.16 -12.93 5.42
C GLY A 74 -15.86 -13.67 5.54
N LEU A 75 -15.43 -14.33 4.44
CA LEU A 75 -14.22 -15.10 4.30
C LEU A 75 -13.03 -14.20 4.57
N ARG A 76 -13.12 -12.94 4.09
CA ARG A 76 -12.10 -11.92 4.16
C ARG A 76 -12.16 -11.02 5.37
N ASP A 77 -12.96 -11.37 6.41
CA ASP A 77 -13.12 -10.58 7.60
C ASP A 77 -11.86 -10.40 8.41
N GLY A 78 -11.02 -11.45 8.53
CA GLY A 78 -9.79 -11.42 9.32
C GLY A 78 -8.83 -10.35 8.90
N TYR A 79 -8.72 -10.13 7.58
CA TYR A 79 -7.86 -9.15 6.98
C TYR A 79 -8.27 -7.78 7.44
N TYR A 80 -9.59 -7.51 7.46
CA TYR A 80 -10.04 -6.19 7.78
C TYR A 80 -10.23 -5.91 9.25
N ILE A 81 -10.42 -6.94 10.11
CA ILE A 81 -10.62 -6.75 11.54
C ILE A 81 -9.44 -6.00 12.12
N GLN A 82 -9.78 -4.97 12.94
CA GLN A 82 -8.89 -4.06 13.62
C GLN A 82 -8.06 -3.19 12.71
N ALA A 83 -8.52 -2.97 11.45
CA ALA A 83 -7.81 -2.11 10.53
C ALA A 83 -8.01 -0.68 10.98
N GLN A 84 -6.99 0.17 10.74
CA GLN A 84 -7.05 1.57 11.11
C GLN A 84 -7.18 2.43 9.89
N CYS A 85 -6.77 1.92 8.70
CA CYS A 85 -6.87 2.64 7.47
C CYS A 85 -6.90 1.68 6.32
N ALA A 86 -7.31 2.16 5.12
CA ALA A 86 -7.33 1.30 3.97
C ALA A 86 -7.07 2.01 2.69
N ILE A 87 -6.58 1.23 1.69
CA ILE A 87 -6.34 1.76 0.38
C ILE A 87 -7.07 0.81 -0.55
N ILE A 88 -7.94 1.36 -1.41
CA ILE A 88 -8.69 0.59 -2.36
C ILE A 88 -8.08 0.99 -3.68
N MET A 89 -7.58 -0.03 -4.41
CA MET A 89 -6.95 0.20 -5.68
C MET A 89 -7.68 -0.32 -6.86
N PHE A 90 -7.74 0.55 -7.89
CA PHE A 90 -8.35 0.24 -9.15
C PHE A 90 -7.43 0.62 -10.26
N ASP A 91 -7.64 0.03 -11.46
CA ASP A 91 -6.82 0.31 -12.60
C ASP A 91 -7.64 1.20 -13.47
N VAL A 92 -7.06 2.39 -13.81
CA VAL A 92 -7.71 3.38 -14.64
C VAL A 92 -7.99 2.91 -16.05
N THR A 93 -7.29 1.84 -16.51
CA THR A 93 -7.49 1.32 -17.82
C THR A 93 -8.53 0.21 -17.83
N SER A 94 -9.06 -0.18 -16.65
CA SER A 94 -10.05 -1.22 -16.57
C SER A 94 -11.32 -0.74 -15.92
N ARG A 95 -12.39 -0.74 -16.74
CA ARG A 95 -13.73 -0.35 -16.35
C ARG A 95 -14.27 -1.28 -15.31
N VAL A 96 -14.04 -2.60 -15.50
CA VAL A 96 -14.49 -3.67 -14.64
C VAL A 96 -13.92 -3.49 -13.27
N THR A 97 -12.61 -3.13 -13.20
CA THR A 97 -11.93 -2.93 -11.95
C THR A 97 -12.54 -1.79 -11.17
N TYR A 98 -12.90 -0.68 -11.87
CA TYR A 98 -13.52 0.48 -11.28
C TYR A 98 -14.91 0.14 -10.74
N LYS A 99 -15.66 -0.67 -11.51
CA LYS A 99 -17.01 -1.10 -11.18
C LYS A 99 -17.04 -1.87 -9.90
N ASN A 100 -15.97 -2.67 -9.62
CA ASN A 100 -15.86 -3.46 -8.41
C ASN A 100 -15.48 -2.70 -7.16
N VAL A 101 -15.09 -1.41 -7.27
CA VAL A 101 -14.71 -0.58 -6.14
C VAL A 101 -15.84 -0.47 -5.14
N PRO A 102 -17.15 -0.26 -5.53
CA PRO A 102 -18.25 -0.21 -4.59
C PRO A 102 -18.36 -1.47 -3.77
N ASN A 103 -18.06 -2.65 -4.35
CA ASN A 103 -18.09 -3.92 -3.65
C ASN A 103 -17.02 -3.97 -2.59
N TRP A 104 -15.79 -3.49 -2.91
CA TRP A 104 -14.69 -3.46 -1.97
C TRP A 104 -15.03 -2.53 -0.83
N HIS A 105 -15.55 -1.33 -1.18
CA HIS A 105 -15.95 -0.33 -0.21
C HIS A 105 -17.41 -0.57 0.09
N ARG A 106 -17.65 -1.67 0.80
CA ARG A 106 -18.95 -2.12 1.23
C ARG A 106 -18.54 -3.12 2.24
N ASP A 107 -17.76 -4.14 1.77
CA ASP A 107 -17.27 -5.17 2.64
C ASP A 107 -16.36 -4.57 3.66
N LEU A 108 -15.53 -3.58 3.24
CA LEU A 108 -14.61 -2.91 4.13
C LEU A 108 -15.34 -2.17 5.24
N VAL A 109 -16.34 -1.34 4.88
CA VAL A 109 -17.11 -0.57 5.82
C VAL A 109 -17.94 -1.42 6.73
N ARG A 110 -18.36 -2.62 6.28
CA ARG A 110 -19.13 -3.53 7.10
C ARG A 110 -18.35 -3.91 8.32
N VAL A 111 -17.03 -4.13 8.17
CA VAL A 111 -16.19 -4.53 9.26
C VAL A 111 -15.63 -3.37 10.06
N CYS A 112 -15.07 -2.31 9.42
CA CYS A 112 -14.51 -1.25 10.23
C CYS A 112 -15.21 0.06 10.33
N GLU A 113 -16.39 0.20 9.69
CA GLU A 113 -17.19 1.41 9.70
C GLU A 113 -16.42 2.63 9.22
N ASN A 114 -16.29 3.71 10.04
CA ASN A 114 -15.60 4.88 9.55
C ASN A 114 -14.17 4.90 10.00
N ILE A 115 -13.29 4.75 9.00
CA ILE A 115 -11.85 4.80 9.10
C ILE A 115 -11.40 5.46 7.81
N PRO A 116 -10.26 6.23 7.77
CA PRO A 116 -9.80 6.86 6.56
C PRO A 116 -9.47 5.88 5.48
N ILE A 117 -10.03 6.12 4.28
CA ILE A 117 -9.81 5.26 3.15
C ILE A 117 -9.48 6.14 1.98
N VAL A 118 -8.44 5.70 1.23
CA VAL A 118 -7.94 6.37 0.06
C VAL A 118 -8.17 5.46 -1.14
N LEU A 119 -8.73 6.04 -2.21
CA LEU A 119 -8.98 5.39 -3.47
C LEU A 119 -7.85 5.80 -4.37
N CYS A 120 -7.18 4.79 -4.96
CA CYS A 120 -6.09 5.04 -5.83
C CYS A 120 -6.34 4.54 -7.21
N GLY A 121 -6.21 5.46 -8.19
CA GLY A 121 -6.39 5.16 -9.57
C GLY A 121 -5.01 4.91 -10.08
N ASN A 122 -4.67 3.62 -10.21
CA ASN A 122 -3.39 3.14 -10.66
C ASN A 122 -3.26 3.18 -12.14
N LYS A 123 -1.97 3.11 -12.59
CA LYS A 123 -1.51 3.10 -13.96
C LYS A 123 -1.93 4.28 -14.79
N VAL A 124 -1.87 5.49 -14.18
CA VAL A 124 -2.21 6.73 -14.86
C VAL A 124 -1.24 7.07 -15.97
N ASP A 125 -0.07 6.41 -15.98
CA ASP A 125 0.98 6.56 -16.96
C ASP A 125 0.47 6.15 -18.33
N ILE A 126 -0.34 5.07 -18.40
CA ILE A 126 -0.89 4.54 -19.63
C ILE A 126 -1.79 5.57 -20.29
N LYS A 127 -1.55 5.76 -21.61
CA LYS A 127 -2.24 6.69 -22.45
C LYS A 127 -3.70 6.43 -22.69
N ASP A 128 -4.08 5.15 -22.93
CA ASP A 128 -5.46 4.80 -23.22
C ASP A 128 -6.22 4.60 -21.92
N ARG A 129 -6.54 5.73 -21.26
CA ARG A 129 -7.26 5.73 -20.01
C ARG A 129 -8.74 5.64 -20.26
N LYS A 130 -9.43 4.81 -19.45
CA LYS A 130 -10.85 4.64 -19.60
C LYS A 130 -11.58 5.38 -18.52
N VAL A 131 -11.12 5.28 -17.25
CA VAL A 131 -11.78 5.94 -16.15
C VAL A 131 -11.04 7.23 -15.95
N LYS A 132 -11.71 8.33 -16.35
CA LYS A 132 -11.19 9.66 -16.27
C LYS A 132 -11.38 10.19 -14.87
N ALA A 133 -10.45 11.08 -14.44
CA ALA A 133 -10.44 11.67 -13.13
C ALA A 133 -11.67 12.46 -12.84
N LYS A 134 -12.18 13.20 -13.86
CA LYS A 134 -13.37 14.00 -13.76
C LYS A 134 -14.59 13.15 -13.47
N SER A 135 -14.67 11.97 -14.12
CA SER A 135 -15.75 11.02 -14.01
C SER A 135 -15.91 10.46 -12.62
N ILE A 136 -14.78 10.25 -11.89
CA ILE A 136 -14.81 9.66 -10.57
C ILE A 136 -15.55 10.58 -9.62
N VAL A 137 -16.62 9.98 -9.04
CA VAL A 137 -17.53 10.61 -8.09
C VAL A 137 -17.72 9.79 -6.83
N PHE A 138 -17.21 8.54 -6.83
CA PHE A 138 -17.37 7.58 -5.76
C PHE A 138 -16.84 8.09 -4.46
N HIS A 139 -15.67 8.77 -4.50
CA HIS A 139 -15.04 9.31 -3.32
C HIS A 139 -15.88 10.34 -2.65
N ARG A 140 -16.57 11.23 -3.41
CA ARG A 140 -17.40 12.26 -2.84
C ARG A 140 -18.58 11.69 -2.10
N LYS A 141 -19.22 10.67 -2.68
CA LYS A 141 -20.35 9.99 -2.12
C LYS A 141 -19.99 9.25 -0.85
N LYS A 142 -18.82 8.60 -0.85
CA LYS A 142 -18.34 7.79 0.25
C LYS A 142 -17.38 8.43 1.22
N ASN A 143 -17.11 9.76 1.10
CA ASN A 143 -16.21 10.50 1.97
C ASN A 143 -14.82 9.89 2.02
N LEU A 144 -14.26 9.62 0.82
CA LEU A 144 -12.96 9.03 0.67
C LEU A 144 -12.08 10.02 -0.05
N GLN A 145 -10.75 9.83 0.06
CA GLN A 145 -9.80 10.70 -0.60
C GLN A 145 -9.38 10.01 -1.86
N TYR A 146 -9.21 10.76 -2.97
CA TYR A 146 -8.81 10.16 -4.22
C TYR A 146 -7.49 10.67 -4.69
N TYR A 147 -6.64 9.72 -5.14
CA TYR A 147 -5.34 10.04 -5.69
C TYR A 147 -5.06 9.29 -6.97
N ASP A 148 -4.50 10.01 -7.97
CA ASP A 148 -4.11 9.45 -9.24
C ASP A 148 -2.70 9.00 -8.94
N ILE A 149 -2.38 7.70 -9.18
CA ILE A 149 -1.04 7.21 -8.90
C ILE A 149 -0.53 6.35 -10.01
N SER A 150 0.82 6.24 -10.08
CA SER A 150 1.43 5.37 -11.04
C SER A 150 2.59 4.77 -10.34
N ALA A 151 2.56 3.44 -10.15
CA ALA A 151 3.61 2.69 -9.52
C ALA A 151 4.87 2.80 -10.32
N LYS A 152 4.72 2.72 -11.67
CA LYS A 152 5.82 2.79 -12.60
C LYS A 152 6.47 4.15 -12.69
N SER A 153 5.66 5.22 -12.72
CA SER A 153 6.18 6.56 -12.85
C SER A 153 6.42 7.27 -11.54
N ASN A 154 5.97 6.65 -10.41
CA ASN A 154 6.07 7.17 -9.06
C ASN A 154 5.24 8.40 -8.84
N TYR A 155 4.25 8.64 -9.73
CA TYR A 155 3.38 9.78 -9.66
C TYR A 155 2.50 9.61 -8.46
N ASN A 156 2.64 10.59 -7.51
CA ASN A 156 1.92 10.70 -6.26
C ASN A 156 2.03 9.43 -5.44
N PHE A 157 3.18 8.72 -5.54
CA PHE A 157 3.37 7.45 -4.89
C PHE A 157 3.28 7.49 -3.38
N GLU A 158 3.83 8.55 -2.75
CA GLU A 158 3.81 8.66 -1.30
C GLU A 158 2.61 9.35 -0.73
N LYS A 159 1.75 9.96 -1.57
CA LYS A 159 0.61 10.69 -1.09
C LYS A 159 -0.42 9.94 -0.29
N PRO A 160 -0.88 8.70 -0.65
CA PRO A 160 -1.85 8.00 0.16
C PRO A 160 -1.38 7.74 1.56
N PHE A 161 -0.10 7.36 1.73
CA PHE A 161 0.48 7.10 3.03
C PHE A 161 0.54 8.34 3.87
N LEU A 162 0.97 9.46 3.26
CA LEU A 162 1.07 10.71 3.96
C LEU A 162 -0.25 11.23 4.42
N TRP A 163 -1.30 11.15 3.54
CA TRP A 163 -2.62 11.62 3.88
C TRP A 163 -3.17 10.83 5.04
N LEU A 164 -3.04 9.49 4.98
CA LEU A 164 -3.54 8.60 6.00
C LEU A 164 -2.89 8.89 7.32
N ALA A 165 -1.56 9.12 7.30
CA ALA A 165 -0.79 9.43 8.47
C ALA A 165 -1.26 10.69 9.12
N ARG A 166 -1.53 11.75 8.31
CA ARG A 166 -1.99 13.02 8.80
C ARG A 166 -3.31 12.91 9.48
N LYS A 167 -4.28 12.17 8.88
CA LYS A 167 -5.59 12.04 9.48
C LYS A 167 -5.56 11.22 10.75
N LEU A 168 -4.81 10.10 10.76
CA LEU A 168 -4.71 9.25 11.92
C LEU A 168 -4.02 9.91 13.08
N ILE A 169 -2.87 10.58 12.82
CA ILE A 169 -2.09 11.30 13.80
C ILE A 169 -2.82 12.54 14.26
N GLY A 170 -3.50 13.23 13.33
CA GLY A 170 -4.24 14.42 13.65
C GLY A 170 -3.43 15.68 13.41
N ASP A 171 -2.26 15.57 12.72
CA ASP A 171 -1.46 16.73 12.45
C ASP A 171 -1.56 17.01 10.96
N PRO A 172 -2.26 18.10 10.56
CA PRO A 172 -2.44 18.50 9.18
C PRO A 172 -1.15 18.87 8.50
N ASN A 173 -0.12 19.25 9.29
CA ASN A 173 1.16 19.68 8.79
C ASN A 173 2.22 18.63 8.83
N LEU A 174 1.85 17.34 9.08
CA LEU A 174 2.79 16.25 9.17
C LEU A 174 3.52 16.08 7.86
N GLU A 175 4.87 15.98 7.94
CA GLU A 175 5.72 15.85 6.78
C GLU A 175 6.74 14.77 6.97
N PHE A 176 7.14 14.14 5.83
CA PHE A 176 8.13 13.10 5.77
C PHE A 176 9.49 13.76 5.88
N VAL A 177 10.37 13.16 6.70
CA VAL A 177 11.72 13.62 6.93
C VAL A 177 12.66 12.49 6.62
N ALA A 178 13.92 12.84 6.27
CA ALA A 178 14.99 11.95 5.89
C ALA A 178 15.15 10.65 6.65
N MET A 179 16.04 10.58 7.66
CA MET A 179 16.24 9.38 8.43
C MET A 179 16.90 9.79 9.72
N PRO A 180 16.55 9.17 10.89
CA PRO A 180 17.14 9.48 12.16
C PRO A 180 18.59 9.17 12.16
N ALA A 181 19.39 10.07 12.76
CA ALA A 181 20.81 9.89 12.83
C ALA A 181 21.04 9.25 14.17
N LEU A 182 21.33 7.95 14.13
CA LEU A 182 21.57 7.20 15.33
C LEU A 182 23.05 7.03 15.50
N ALA A 183 23.49 6.80 16.76
CA ALA A 183 24.89 6.58 17.05
C ALA A 183 25.13 5.13 16.75
N PRO A 184 26.02 4.84 15.76
CA PRO A 184 26.34 3.49 15.34
C PRO A 184 27.05 2.64 16.35
N PRO A 185 26.73 1.30 16.41
CA PRO A 185 27.39 0.36 17.27
C PRO A 185 28.80 0.11 16.76
N GLU A 186 29.71 -0.41 17.62
CA GLU A 186 31.07 -0.67 17.25
C GLU A 186 31.20 -1.65 16.13
N VAL A 187 30.49 -2.81 16.22
CA VAL A 187 30.45 -3.89 15.25
C VAL A 187 31.81 -4.51 15.01
N VAL A 188 32.07 -5.63 15.72
CA VAL A 188 33.33 -6.34 15.56
C VAL A 188 32.88 -7.66 14.95
N MET A 189 32.57 -8.69 15.79
CA MET A 189 32.09 -10.01 15.46
C MET A 189 32.89 -10.73 14.38
N ASP A 190 32.19 -11.27 13.33
CA ASP A 190 32.68 -12.00 12.20
C ASP A 190 33.23 -13.43 12.25
N PRO A 191 33.11 -14.29 13.33
CA PRO A 191 33.64 -15.64 13.27
C PRO A 191 32.85 -16.47 12.27
N ALA A 192 31.62 -16.91 12.65
CA ALA A 192 30.71 -17.66 11.84
C ALA A 192 30.26 -16.84 10.66
N LEU A 193 30.05 -15.52 10.92
CA LEU A 193 29.58 -14.54 9.99
C LEU A 193 30.42 -14.33 8.77
N ALA A 194 31.78 -14.29 8.90
CA ALA A 194 32.64 -14.05 7.76
C ALA A 194 32.81 -15.22 6.83
N ALA A 195 33.54 -14.96 5.71
CA ALA A 195 33.88 -15.89 4.64
C ALA A 195 32.76 -16.25 3.71
N GLN A 196 31.60 -16.65 4.27
CA GLN A 196 30.41 -17.08 3.56
C GLN A 196 29.87 -15.99 2.68
N TYR A 197 30.00 -14.71 3.12
CA TYR A 197 29.49 -13.57 2.39
C TYR A 197 30.08 -13.43 1.01
N GLU A 198 31.41 -13.65 0.86
CA GLU A 198 32.08 -13.53 -0.42
C GLU A 198 31.57 -14.52 -1.41
N HIS A 199 31.31 -15.77 -0.94
CA HIS A 199 30.80 -16.85 -1.77
C HIS A 199 29.45 -16.47 -2.32
N ASP A 200 28.58 -15.86 -1.47
CA ASP A 200 27.24 -15.43 -1.81
C ASP A 200 27.27 -14.33 -2.85
N LEU A 201 28.22 -13.37 -2.72
CA LEU A 201 28.38 -12.26 -3.63
C LEU A 201 28.68 -12.75 -5.00
N GLU A 202 29.58 -13.76 -5.13
CA GLU A 202 29.96 -14.36 -6.38
C GLU A 202 28.80 -15.02 -7.07
N VAL A 203 28.00 -15.81 -6.31
CA VAL A 203 26.86 -16.51 -6.86
C VAL A 203 25.85 -15.54 -7.38
N ALA A 204 25.64 -14.40 -6.66
CA ALA A 204 24.72 -13.35 -7.04
C ALA A 204 25.14 -12.66 -8.30
N GLN A 205 26.46 -12.35 -8.43
CA GLN A 205 27.03 -11.69 -9.58
C GLN A 205 26.88 -12.51 -10.83
N THR A 206 27.05 -13.85 -10.71
CA THR A 206 26.93 -14.82 -11.77
C THR A 206 25.49 -14.90 -12.28
N THR A 207 24.49 -14.88 -11.36
CA THR A 207 23.09 -15.01 -11.68
C THR A 207 22.60 -13.86 -12.55
N ALA A 208 21.85 -14.24 -13.62
CA ALA A 208 21.27 -13.31 -14.57
C ALA A 208 20.17 -12.55 -13.90
N LEU A 209 20.03 -11.25 -14.25
CA LEU A 209 19.04 -10.42 -13.63
C LEU A 209 17.89 -10.17 -14.56
N PRO A 210 16.65 -10.53 -14.10
CA PRO A 210 15.45 -10.33 -14.86
C PRO A 210 15.24 -8.87 -15.08
N ASP A 211 14.72 -8.52 -16.28
CA ASP A 211 14.46 -7.16 -16.62
C ASP A 211 13.15 -6.85 -15.96
N GLU A 212 13.23 -6.06 -14.88
CA GLU A 212 12.07 -5.66 -14.15
C GLU A 212 12.01 -4.16 -14.16
N ASP A 213 13.09 -3.50 -13.69
CA ASP A 213 13.14 -2.06 -13.60
C ASP A 213 14.14 -1.39 -14.51
N ASP A 214 14.71 -2.15 -15.47
CA ASP A 214 15.71 -1.70 -16.40
C ASP A 214 15.24 -0.58 -17.28
N ASP A 215 13.94 -0.60 -17.63
CA ASP A 215 13.28 0.36 -18.48
C ASP A 215 13.36 1.76 -17.94
N LEU A 216 13.20 1.95 -16.61
CA LEU A 216 13.24 3.23 -15.98
C LEU A 216 14.67 3.45 -15.47
N MET A 1 5.82 -3.13 22.16
CA MET A 1 5.91 -2.15 21.08
C MET A 1 6.77 -2.65 19.96
N ALA A 2 7.98 -3.14 20.32
CA ALA A 2 8.96 -3.67 19.41
C ALA A 2 8.43 -4.86 18.65
N ALA A 3 7.65 -5.72 19.34
CA ALA A 3 7.06 -6.91 18.75
C ALA A 3 6.10 -6.51 17.64
N GLN A 4 5.29 -5.46 17.90
CA GLN A 4 4.34 -4.90 16.97
C GLN A 4 5.05 -4.23 15.80
N GLY A 5 6.19 -3.59 16.09
CA GLY A 5 6.95 -2.88 15.09
C GLY A 5 6.60 -1.44 15.17
N GLU A 6 5.94 -1.05 16.27
CA GLU A 6 5.53 0.29 16.47
C GLU A 6 6.58 1.00 17.27
N PRO A 7 7.20 2.10 16.75
CA PRO A 7 8.15 2.90 17.49
C PRO A 7 7.11 3.71 18.19
N GLN A 8 6.42 3.13 19.17
CA GLN A 8 5.27 3.66 19.78
C GLN A 8 4.13 3.54 18.79
N VAL A 9 4.20 4.14 17.57
CA VAL A 9 3.06 4.11 16.67
C VAL A 9 3.03 3.05 15.58
N GLN A 10 1.90 2.30 15.55
CA GLN A 10 1.59 1.27 14.57
C GLN A 10 0.19 1.50 14.06
N PHE A 11 0.00 1.37 12.72
CA PHE A 11 -1.30 1.50 12.11
C PHE A 11 -1.55 0.30 11.24
N LYS A 12 -2.74 -0.33 11.37
CA LYS A 12 -3.10 -1.47 10.57
C LYS A 12 -3.77 -0.91 9.35
N LEU A 13 -3.12 -1.11 8.18
CA LEU A 13 -3.61 -0.62 6.93
C LEU A 13 -3.93 -1.79 6.07
N VAL A 14 -5.14 -1.78 5.48
CA VAL A 14 -5.49 -2.89 4.62
C VAL A 14 -5.56 -2.42 3.19
N LEU A 15 -4.79 -3.11 2.31
CA LEU A 15 -4.80 -2.81 0.90
C LEU A 15 -5.63 -3.85 0.21
N VAL A 16 -6.69 -3.34 -0.47
CA VAL A 16 -7.64 -4.13 -1.19
C VAL A 16 -7.83 -3.61 -2.58
N GLY A 17 -8.39 -4.47 -3.48
CA GLY A 17 -8.63 -4.09 -4.85
C GLY A 17 -8.58 -5.31 -5.72
N ASP A 18 -8.94 -5.15 -7.01
CA ASP A 18 -8.96 -6.25 -7.95
C ASP A 18 -7.59 -6.71 -8.33
N GLY A 19 -7.50 -7.96 -8.85
CA GLY A 19 -6.25 -8.55 -9.26
C GLY A 19 -5.68 -7.78 -10.43
N GLY A 20 -4.34 -7.60 -10.40
CA GLY A 20 -3.63 -6.92 -11.43
C GLY A 20 -3.61 -5.41 -11.28
N THR A 21 -4.22 -4.85 -10.21
CA THR A 21 -4.24 -3.43 -9.96
C THR A 21 -2.91 -2.82 -9.73
N GLY A 22 -2.03 -3.54 -8.99
CA GLY A 22 -0.73 -3.04 -8.68
C GLY A 22 -0.54 -2.84 -7.21
N LYS A 23 -1.37 -3.46 -6.35
CA LYS A 23 -1.29 -3.35 -4.91
C LYS A 23 0.07 -3.84 -4.42
N THR A 24 0.49 -5.03 -4.91
CA THR A 24 1.71 -5.68 -4.58
C THR A 24 2.91 -4.88 -5.04
N THR A 25 2.84 -4.34 -6.29
CA THR A 25 3.90 -3.55 -6.89
C THR A 25 4.11 -2.30 -6.08
N PHE A 26 3.01 -1.65 -5.63
CA PHE A 26 3.03 -0.44 -4.84
C PHE A 26 3.75 -0.68 -3.53
N VAL A 27 3.39 -1.78 -2.83
CA VAL A 27 3.97 -2.13 -1.56
C VAL A 27 5.45 -2.44 -1.71
N LYS A 28 5.83 -3.20 -2.76
CA LYS A 28 7.20 -3.61 -3.01
C LYS A 28 8.08 -2.42 -3.24
N ARG A 29 7.59 -1.42 -3.99
CA ARG A 29 8.28 -0.20 -4.28
C ARG A 29 8.57 0.56 -3.00
N HIS A 30 7.58 0.64 -2.08
CA HIS A 30 7.79 1.32 -0.81
C HIS A 30 8.83 0.65 0.03
N LEU A 31 8.81 -0.70 0.08
CA LEU A 31 9.74 -1.48 0.86
C LEU A 31 11.16 -1.47 0.35
N THR A 32 11.37 -1.61 -0.98
CA THR A 32 12.71 -1.70 -1.52
C THR A 32 13.13 -0.64 -2.50
N GLY A 33 12.17 0.02 -3.17
CA GLY A 33 12.48 1.03 -4.17
C GLY A 33 12.49 0.41 -5.54
N GLU A 34 12.39 -0.95 -5.63
CA GLU A 34 12.38 -1.71 -6.84
C GLU A 34 11.01 -1.63 -7.48
N PHE A 35 10.96 -1.81 -8.82
CA PHE A 35 9.72 -1.76 -9.54
C PHE A 35 9.61 -3.14 -10.12
N GLU A 36 8.54 -3.87 -9.74
CA GLU A 36 8.40 -5.22 -10.22
C GLU A 36 7.45 -5.23 -11.37
N LYS A 37 7.97 -5.66 -12.54
CA LYS A 37 7.20 -5.73 -13.76
C LYS A 37 6.52 -7.05 -13.97
N LYS A 38 6.90 -8.11 -13.20
CA LYS A 38 6.30 -9.40 -13.34
C LYS A 38 5.20 -9.50 -12.35
N TYR A 39 3.99 -9.82 -12.84
CA TYR A 39 2.85 -9.91 -11.98
C TYR A 39 2.64 -11.33 -11.60
N VAL A 40 2.86 -11.61 -10.29
CA VAL A 40 2.70 -12.91 -9.71
C VAL A 40 1.66 -12.66 -8.64
N ALA A 41 0.55 -13.42 -8.71
CA ALA A 41 -0.56 -13.29 -7.79
C ALA A 41 -0.21 -13.57 -6.35
N THR A 42 -0.83 -12.77 -5.46
CA THR A 42 -0.65 -12.85 -4.04
C THR A 42 -1.73 -13.77 -3.55
N LEU A 43 -1.34 -14.78 -2.73
CA LEU A 43 -2.27 -15.74 -2.22
C LEU A 43 -2.57 -15.39 -0.80
N GLY A 44 -3.89 -15.26 -0.49
CA GLY A 44 -4.37 -14.91 0.82
C GLY A 44 -3.96 -13.50 1.13
N VAL A 45 -3.21 -13.32 2.25
CA VAL A 45 -2.76 -12.04 2.67
C VAL A 45 -1.29 -12.11 2.99
N GLU A 46 -0.56 -11.03 2.62
CA GLU A 46 0.84 -10.95 2.92
C GLU A 46 0.98 -9.66 3.68
N VAL A 47 1.57 -9.79 4.88
CA VAL A 47 1.73 -8.70 5.81
C VAL A 47 3.13 -8.16 5.65
N HIS A 48 3.23 -6.86 5.32
CA HIS A 48 4.48 -6.19 5.13
C HIS A 48 4.60 -4.97 6.02
N PRO A 49 5.64 -4.91 6.89
CA PRO A 49 5.89 -3.78 7.75
C PRO A 49 6.57 -2.67 7.01
N LEU A 50 6.03 -1.43 7.07
CA LEU A 50 6.62 -0.31 6.40
C LEU A 50 6.73 0.83 7.37
N VAL A 51 7.95 1.37 7.57
CA VAL A 51 8.18 2.44 8.52
C VAL A 51 8.51 3.70 7.76
N PHE A 52 7.89 4.83 8.18
CA PHE A 52 8.10 6.14 7.63
C PHE A 52 8.51 7.05 8.76
N HIS A 53 9.51 7.93 8.49
CA HIS A 53 9.98 8.85 9.49
C HIS A 53 9.32 10.15 9.23
N THR A 54 8.68 10.68 10.28
CA THR A 54 7.96 11.92 10.19
C THR A 54 8.48 12.89 11.22
N ASN A 55 7.87 14.08 11.23
CA ASN A 55 8.14 15.19 12.10
C ASN A 55 7.92 14.77 13.54
N ARG A 56 6.92 13.89 13.78
CA ARG A 56 6.59 13.38 15.08
C ARG A 56 7.26 12.06 15.41
N GLY A 57 8.25 11.63 14.59
CA GLY A 57 8.98 10.41 14.80
C GLY A 57 8.54 9.32 13.86
N PRO A 58 9.20 8.13 13.90
CA PRO A 58 8.86 7.00 13.08
C PRO A 58 7.53 6.37 13.38
N ILE A 59 6.78 6.04 12.32
CA ILE A 59 5.48 5.42 12.43
C ILE A 59 5.51 4.20 11.56
N LYS A 60 4.87 3.09 12.01
CA LYS A 60 4.88 1.89 11.22
C LYS A 60 3.49 1.58 10.73
N PHE A 61 3.38 1.29 9.43
CA PHE A 61 2.16 0.89 8.79
C PHE A 61 2.34 -0.56 8.53
N ASN A 62 1.45 -1.37 9.15
CA ASN A 62 1.45 -2.79 9.02
C ASN A 62 0.49 -2.95 7.85
N VAL A 63 1.06 -3.15 6.64
CA VAL A 63 0.30 -3.26 5.43
C VAL A 63 -0.15 -4.67 5.21
N TRP A 64 -1.47 -4.84 5.02
CA TRP A 64 -2.05 -6.13 4.76
C TRP A 64 -2.43 -6.11 3.31
N ASP A 65 -1.56 -6.70 2.47
CA ASP A 65 -1.78 -6.75 1.05
C ASP A 65 -2.61 -7.97 0.84
N THR A 66 -3.86 -7.77 0.37
CA THR A 66 -4.77 -8.87 0.17
C THR A 66 -4.87 -9.33 -1.26
N ALA A 67 -5.43 -10.55 -1.46
CA ALA A 67 -5.64 -11.15 -2.75
C ALA A 67 -6.91 -10.62 -3.35
N GLY A 68 -6.86 -10.21 -4.64
CA GLY A 68 -8.00 -9.69 -5.34
C GLY A 68 -8.87 -10.75 -5.96
N GLN A 69 -8.41 -12.02 -5.90
CA GLN A 69 -9.04 -13.21 -6.39
C GLN A 69 -10.25 -13.58 -5.58
N GLU A 70 -10.13 -13.44 -4.24
CA GLU A 70 -11.17 -13.79 -3.28
C GLU A 70 -12.40 -12.97 -3.40
N LYS A 71 -13.55 -13.68 -3.27
CA LYS A 71 -14.87 -13.11 -3.33
C LYS A 71 -15.11 -12.26 -2.12
N PHE A 72 -15.98 -11.24 -2.29
CA PHE A 72 -16.37 -10.29 -1.28
C PHE A 72 -17.18 -11.08 -0.28
N GLY A 73 -16.90 -10.94 1.03
CA GLY A 73 -17.67 -11.68 1.99
C GLY A 73 -17.06 -11.76 3.35
N GLY A 74 -17.75 -12.53 4.21
CA GLY A 74 -17.42 -12.81 5.59
C GLY A 74 -16.11 -13.53 5.78
N LEU A 75 -15.65 -14.23 4.72
CA LEU A 75 -14.41 -14.97 4.66
C LEU A 75 -13.24 -14.04 4.87
N ARG A 76 -13.34 -12.82 4.32
CA ARG A 76 -12.34 -11.79 4.34
C ARG A 76 -12.42 -10.86 5.54
N ASP A 77 -13.27 -11.16 6.54
CA ASP A 77 -13.43 -10.32 7.71
C ASP A 77 -12.23 -10.15 8.58
N GLY A 78 -11.41 -11.21 8.77
CA GLY A 78 -10.23 -11.17 9.62
C GLY A 78 -9.24 -10.13 9.19
N TYR A 79 -9.08 -9.95 7.86
CA TYR A 79 -8.17 -9.01 7.27
C TYR A 79 -8.58 -7.60 7.65
N TYR A 80 -9.91 -7.30 7.61
CA TYR A 80 -10.31 -5.96 7.86
C TYR A 80 -10.60 -5.63 9.30
N ILE A 81 -10.88 -6.63 10.18
CA ILE A 81 -11.17 -6.39 11.58
C ILE A 81 -9.98 -5.71 12.22
N GLN A 82 -10.29 -4.66 13.02
CA GLN A 82 -9.35 -3.81 13.73
C GLN A 82 -8.49 -2.96 12.83
N ALA A 83 -8.90 -2.76 11.55
CA ALA A 83 -8.15 -1.91 10.64
C ALA A 83 -8.33 -0.49 11.07
N GLN A 84 -7.28 0.32 10.86
CA GLN A 84 -7.29 1.71 11.22
C GLN A 84 -7.39 2.59 10.02
N CYS A 85 -7.01 2.05 8.82
CA CYS A 85 -7.08 2.77 7.58
C CYS A 85 -7.06 1.78 6.43
N ALA A 86 -7.43 2.26 5.22
CA ALA A 86 -7.42 1.37 4.07
C ALA A 86 -7.15 2.07 2.78
N ILE A 87 -6.66 1.28 1.80
CA ILE A 87 -6.40 1.77 0.48
C ILE A 87 -7.12 0.82 -0.45
N ILE A 88 -7.96 1.39 -1.34
CA ILE A 88 -8.70 0.62 -2.31
C ILE A 88 -8.06 1.01 -3.60
N MET A 89 -7.57 -0.01 -4.33
CA MET A 89 -6.90 0.19 -5.57
C MET A 89 -7.57 -0.33 -6.78
N PHE A 90 -7.57 0.54 -7.81
CA PHE A 90 -8.13 0.24 -9.10
C PHE A 90 -7.17 0.62 -10.19
N ASP A 91 -7.38 0.07 -11.40
CA ASP A 91 -6.53 0.35 -12.52
C ASP A 91 -7.31 1.26 -13.42
N VAL A 92 -6.72 2.43 -13.74
CA VAL A 92 -7.34 3.42 -14.60
C VAL A 92 -7.57 2.95 -16.01
N THR A 93 -6.87 1.88 -16.44
CA THR A 93 -7.03 1.34 -17.76
C THR A 93 -8.11 0.27 -17.81
N SER A 94 -8.71 -0.09 -16.64
CA SER A 94 -9.75 -1.08 -16.62
C SER A 94 -11.00 -0.56 -15.98
N ARG A 95 -12.07 -0.47 -16.80
CA ARG A 95 -13.37 -0.02 -16.39
C ARG A 95 -13.98 -0.98 -15.42
N VAL A 96 -13.78 -2.30 -15.65
CA VAL A 96 -14.30 -3.38 -14.82
C VAL A 96 -13.72 -3.26 -13.43
N THR A 97 -12.40 -2.95 -13.34
CA THR A 97 -11.72 -2.81 -12.07
C THR A 97 -12.33 -1.68 -11.27
N TYR A 98 -12.64 -0.54 -11.94
CA TYR A 98 -13.26 0.60 -11.32
C TYR A 98 -14.66 0.27 -10.84
N LYS A 99 -15.43 -0.50 -11.64
CA LYS A 99 -16.78 -0.90 -11.33
C LYS A 99 -16.84 -1.69 -10.04
N ASN A 100 -15.81 -2.52 -9.77
CA ASN A 100 -15.73 -3.31 -8.56
C ASN A 100 -15.40 -2.56 -7.30
N VAL A 101 -14.96 -1.27 -7.40
CA VAL A 101 -14.59 -0.45 -6.26
C VAL A 101 -15.74 -0.29 -5.27
N PRO A 102 -17.03 -0.03 -5.70
CA PRO A 102 -18.15 0.08 -4.78
C PRO A 102 -18.31 -1.17 -3.96
N ASN A 103 -18.04 -2.36 -4.53
CA ASN A 103 -18.14 -3.63 -3.83
C ASN A 103 -17.08 -3.73 -2.76
N TRP A 104 -15.83 -3.28 -3.06
CA TRP A 104 -14.74 -3.30 -2.11
C TRP A 104 -15.07 -2.37 -0.97
N HIS A 105 -15.57 -1.16 -1.30
CA HIS A 105 -15.96 -0.16 -0.35
C HIS A 105 -17.43 -0.38 -0.06
N ARG A 106 -17.69 -1.50 0.63
CA ARG A 106 -19.00 -1.96 1.03
C ARG A 106 -18.64 -3.03 1.99
N ASP A 107 -17.81 -4.00 1.51
CA ASP A 107 -17.33 -5.09 2.29
C ASP A 107 -16.49 -4.49 3.42
N LEU A 108 -15.65 -3.49 3.08
CA LEU A 108 -14.79 -2.81 4.02
C LEU A 108 -15.55 -2.06 5.10
N VAL A 109 -16.53 -1.22 4.70
CA VAL A 109 -17.33 -0.43 5.60
C VAL A 109 -18.23 -1.24 6.45
N ARG A 110 -18.58 -2.47 6.00
CA ARG A 110 -19.43 -3.37 6.73
C ARG A 110 -18.80 -3.70 8.06
N VAL A 111 -17.48 -3.93 8.09
CA VAL A 111 -16.82 -4.25 9.33
C VAL A 111 -16.14 -3.10 10.03
N CYS A 112 -15.54 -2.12 9.31
CA CYS A 112 -14.90 -1.04 10.05
C CYS A 112 -15.57 0.30 10.05
N GLU A 113 -16.69 0.45 9.30
CA GLU A 113 -17.45 1.67 9.19
C GLU A 113 -16.65 2.88 8.81
N ASN A 114 -16.59 3.95 9.64
CA ASN A 114 -15.85 5.11 9.23
C ASN A 114 -14.46 5.11 9.76
N ILE A 115 -13.51 4.95 8.81
CA ILE A 115 -12.09 4.98 9.01
C ILE A 115 -11.55 5.63 7.73
N PRO A 116 -10.35 6.29 7.76
CA PRO A 116 -9.79 6.94 6.59
C PRO A 116 -9.53 5.96 5.48
N ILE A 117 -10.07 6.24 4.27
CA ILE A 117 -9.88 5.36 3.14
C ILE A 117 -9.50 6.23 1.96
N VAL A 118 -8.47 5.75 1.25
CA VAL A 118 -7.93 6.39 0.08
C VAL A 118 -8.15 5.49 -1.11
N LEU A 119 -8.68 6.06 -2.21
CA LEU A 119 -8.91 5.41 -3.47
C LEU A 119 -7.76 5.81 -4.34
N CYS A 120 -7.08 4.79 -4.90
CA CYS A 120 -5.94 5.03 -5.73
C CYS A 120 -6.16 4.53 -7.12
N GLY A 121 -5.98 5.45 -8.08
CA GLY A 121 -6.12 5.16 -9.48
C GLY A 121 -4.72 4.90 -9.95
N ASN A 122 -4.40 3.61 -10.08
CA ASN A 122 -3.10 3.14 -10.50
C ASN A 122 -2.94 3.19 -11.99
N LYS A 123 -1.65 3.10 -12.40
CA LYS A 123 -1.15 3.08 -13.75
C LYS A 123 -1.53 4.26 -14.59
N VAL A 124 -1.46 5.48 -14.00
CA VAL A 124 -1.77 6.71 -14.71
C VAL A 124 -0.75 7.01 -15.80
N ASP A 125 0.41 6.31 -15.77
CA ASP A 125 1.49 6.40 -16.71
C ASP A 125 1.04 5.96 -18.09
N ILE A 126 0.19 4.90 -18.15
CA ILE A 126 -0.30 4.33 -19.41
C ILE A 126 -1.13 5.36 -20.16
N LYS A 127 -0.85 5.46 -21.47
CA LYS A 127 -1.46 6.37 -22.41
C LYS A 127 -2.95 6.21 -22.62
N ASP A 128 -3.44 4.96 -22.83
CA ASP A 128 -4.84 4.73 -23.09
C ASP A 128 -5.60 4.61 -21.79
N ARG A 129 -5.86 5.77 -21.13
CA ARG A 129 -6.60 5.77 -19.90
C ARG A 129 -8.07 5.79 -20.20
N LYS A 130 -8.82 4.91 -19.48
CA LYS A 130 -10.23 4.81 -19.69
C LYS A 130 -11.03 5.52 -18.63
N VAL A 131 -10.61 5.40 -17.34
CA VAL A 131 -11.33 6.02 -16.26
C VAL A 131 -10.60 7.31 -15.98
N LYS A 132 -11.24 8.43 -16.39
CA LYS A 132 -10.73 9.76 -16.21
C LYS A 132 -10.93 10.18 -14.78
N ALA A 133 -9.99 10.99 -14.25
CA ALA A 133 -10.01 11.50 -12.91
C ALA A 133 -11.22 12.34 -12.65
N LYS A 134 -11.62 13.14 -13.67
CA LYS A 134 -12.75 14.02 -13.62
C LYS A 134 -14.04 13.22 -13.44
N SER A 135 -14.13 12.07 -14.14
CA SER A 135 -15.27 11.18 -14.12
C SER A 135 -15.56 10.60 -12.76
N ILE A 136 -14.49 10.27 -11.99
CA ILE A 136 -14.62 9.66 -10.69
C ILE A 136 -15.31 10.60 -9.74
N VAL A 137 -16.44 10.10 -9.18
CA VAL A 137 -17.30 10.78 -8.24
C VAL A 137 -17.57 9.95 -7.01
N PHE A 138 -17.12 8.67 -7.01
CA PHE A 138 -17.34 7.72 -5.94
C PHE A 138 -16.79 8.22 -4.63
N HIS A 139 -15.61 8.86 -4.67
CA HIS A 139 -14.96 9.40 -3.52
C HIS A 139 -15.80 10.45 -2.85
N ARG A 140 -16.48 11.33 -3.63
CA ARG A 140 -17.32 12.39 -3.09
C ARG A 140 -18.49 11.84 -2.33
N LYS A 141 -19.15 10.81 -2.90
CA LYS A 141 -20.29 10.15 -2.32
C LYS A 141 -19.93 9.46 -1.02
N LYS A 142 -18.77 8.78 -0.99
CA LYS A 142 -18.30 8.05 0.14
C LYS A 142 -17.32 8.70 1.07
N ASN A 143 -17.02 10.02 0.88
CA ASN A 143 -16.10 10.79 1.69
C ASN A 143 -14.72 10.18 1.81
N LEU A 144 -14.19 9.76 0.64
CA LEU A 144 -12.89 9.15 0.51
C LEU A 144 -11.98 10.12 -0.19
N GLN A 145 -10.66 9.92 -0.02
CA GLN A 145 -9.67 10.76 -0.65
C GLN A 145 -9.26 10.06 -1.90
N TYR A 146 -9.04 10.80 -3.00
CA TYR A 146 -8.66 10.20 -4.25
C TYR A 146 -7.30 10.67 -4.70
N TYR A 147 -6.45 9.70 -5.11
CA TYR A 147 -5.14 10.00 -5.62
C TYR A 147 -4.83 9.26 -6.89
N ASP A 148 -4.26 9.98 -7.88
CA ASP A 148 -3.84 9.42 -9.14
C ASP A 148 -2.43 9.00 -8.83
N ILE A 149 -2.10 7.70 -9.01
CA ILE A 149 -0.78 7.21 -8.72
C ILE A 149 -0.24 6.34 -9.80
N SER A 150 1.10 6.23 -9.82
CA SER A 150 1.74 5.36 -10.75
C SER A 150 2.89 4.77 -10.04
N ALA A 151 2.80 3.45 -9.75
CA ALA A 151 3.84 2.71 -9.08
C ALA A 151 5.08 2.74 -9.92
N LYS A 152 4.90 2.63 -11.26
CA LYS A 152 5.95 2.65 -12.24
C LYS A 152 6.70 3.94 -12.34
N SER A 153 5.99 5.10 -12.32
CA SER A 153 6.65 6.38 -12.46
C SER A 153 6.85 7.12 -11.16
N ASN A 154 6.36 6.56 -10.04
CA ASN A 154 6.41 7.13 -8.70
C ASN A 154 5.49 8.31 -8.54
N TYR A 155 4.60 8.61 -9.51
CA TYR A 155 3.73 9.75 -9.42
C TYR A 155 2.81 9.56 -8.24
N ASN A 156 2.89 10.56 -7.31
CA ASN A 156 2.14 10.66 -6.07
C ASN A 156 2.28 9.41 -5.23
N PHE A 157 3.47 8.77 -5.28
CA PHE A 157 3.73 7.51 -4.61
C PHE A 157 3.56 7.52 -3.13
N GLU A 158 4.01 8.59 -2.45
CA GLU A 158 3.87 8.65 -1.00
C GLU A 158 2.64 9.33 -0.51
N LYS A 159 1.81 9.91 -1.41
CA LYS A 159 0.64 10.63 -0.97
C LYS A 159 -0.38 9.86 -0.18
N PRO A 160 -0.79 8.60 -0.53
CA PRO A 160 -1.77 7.88 0.26
C PRO A 160 -1.32 7.65 1.68
N PHE A 161 -0.04 7.27 1.87
CA PHE A 161 0.52 7.01 3.18
C PHE A 161 0.57 8.25 4.00
N LEU A 162 1.00 9.38 3.38
CA LEU A 162 1.08 10.65 4.06
C LEU A 162 -0.25 11.15 4.50
N TRP A 163 -1.29 11.04 3.63
CA TRP A 163 -2.61 11.49 3.97
C TRP A 163 -3.14 10.72 5.14
N LEU A 164 -3.00 9.37 5.09
CA LEU A 164 -3.51 8.51 6.12
C LEU A 164 -2.88 8.83 7.44
N ALA A 165 -1.55 9.06 7.43
CA ALA A 165 -0.80 9.40 8.61
C ALA A 165 -1.28 10.67 9.22
N ARG A 166 -1.53 11.71 8.38
CA ARG A 166 -1.98 13.00 8.84
C ARG A 166 -3.32 12.93 9.49
N LYS A 167 -4.29 12.19 8.89
CA LYS A 167 -5.61 12.11 9.44
C LYS A 167 -5.63 11.34 10.73
N LEU A 168 -4.91 10.19 10.79
CA LEU A 168 -4.85 9.36 11.96
C LEU A 168 -4.17 10.02 13.12
N ILE A 169 -2.99 10.64 12.88
CA ILE A 169 -2.19 11.36 13.86
C ILE A 169 -2.88 12.62 14.29
N GLY A 170 -3.54 13.31 13.33
CA GLY A 170 -4.24 14.53 13.61
C GLY A 170 -3.44 15.77 13.33
N ASP A 171 -2.26 15.65 12.66
CA ASP A 171 -1.47 16.81 12.36
C ASP A 171 -1.56 17.05 10.87
N PRO A 172 -2.24 18.14 10.44
CA PRO A 172 -2.40 18.49 9.04
C PRO A 172 -1.10 18.83 8.36
N ASN A 173 -0.08 19.22 9.13
CA ASN A 173 1.21 19.62 8.63
C ASN A 173 2.28 18.57 8.76
N LEU A 174 1.91 17.30 9.12
CA LEU A 174 2.85 16.23 9.28
C LEU A 174 3.53 15.97 7.96
N GLU A 175 4.88 15.84 7.99
CA GLU A 175 5.64 15.61 6.80
C GLU A 175 6.67 14.56 6.98
N PHE A 176 6.98 13.89 5.86
CA PHE A 176 7.98 12.86 5.77
C PHE A 176 9.31 13.57 5.84
N VAL A 177 10.22 13.05 6.69
CA VAL A 177 11.53 13.62 6.86
C VAL A 177 12.58 12.57 6.64
N ALA A 178 13.63 13.01 5.92
CA ALA A 178 14.83 12.31 5.52
C ALA A 178 14.76 10.81 5.43
N MET A 179 15.10 10.10 6.55
CA MET A 179 15.15 8.66 6.72
C MET A 179 16.57 8.21 6.52
N PRO A 180 17.15 7.49 7.53
CA PRO A 180 18.50 6.98 7.46
C PRO A 180 18.64 6.07 6.28
N ALA A 181 19.82 6.12 5.61
CA ALA A 181 20.07 5.34 4.44
C ALA A 181 19.99 3.86 4.67
N LEU A 182 19.31 3.19 3.73
CA LEU A 182 19.10 1.76 3.75
C LEU A 182 20.43 1.11 3.49
N ALA A 183 20.66 -0.06 4.14
CA ALA A 183 21.89 -0.79 3.99
C ALA A 183 21.93 -1.49 2.66
N PRO A 184 23.02 -1.29 1.86
CA PRO A 184 23.20 -1.92 0.58
C PRO A 184 23.49 -3.38 0.77
N PRO A 185 22.99 -4.30 -0.12
CA PRO A 185 23.25 -5.71 0.00
C PRO A 185 24.70 -6.01 -0.31
N GLU A 186 25.41 -6.69 0.62
CA GLU A 186 26.79 -7.06 0.42
C GLU A 186 26.92 -8.13 -0.63
N VAL A 187 25.99 -9.13 -0.56
CA VAL A 187 25.85 -10.29 -1.41
C VAL A 187 27.04 -11.19 -1.64
N VAL A 188 27.51 -11.84 -0.54
CA VAL A 188 28.65 -12.75 -0.54
C VAL A 188 28.20 -14.21 -0.56
N MET A 189 27.16 -14.60 0.22
CA MET A 189 26.64 -15.95 0.32
C MET A 189 25.91 -16.42 -0.93
N ASP A 190 25.66 -17.76 -0.99
CA ASP A 190 25.00 -18.35 -2.12
C ASP A 190 23.72 -19.15 -1.89
N PRO A 191 23.63 -20.18 -0.99
CA PRO A 191 22.44 -21.00 -0.89
C PRO A 191 21.09 -20.42 -0.60
N ALA A 192 20.84 -19.88 0.61
CA ALA A 192 19.55 -19.30 0.96
C ALA A 192 19.23 -18.10 0.14
N LEU A 193 20.27 -17.26 -0.08
CA LEU A 193 20.21 -16.04 -0.82
C LEU A 193 19.85 -16.17 -2.26
N ALA A 194 20.32 -17.24 -2.94
CA ALA A 194 20.12 -17.44 -4.36
C ALA A 194 18.71 -17.60 -4.87
N ALA A 195 18.61 -17.44 -6.20
CA ALA A 195 17.47 -17.52 -7.08
C ALA A 195 16.51 -16.38 -7.05
N GLN A 196 15.89 -16.11 -5.89
CA GLN A 196 14.92 -15.06 -5.71
C GLN A 196 15.42 -13.67 -5.96
N TYR A 197 16.68 -13.41 -5.60
CA TYR A 197 17.36 -12.14 -5.69
C TYR A 197 17.47 -11.65 -7.13
N GLU A 198 17.78 -12.56 -8.09
CA GLU A 198 17.91 -12.22 -9.49
C GLU A 198 16.66 -11.65 -10.07
N HIS A 199 15.50 -12.21 -9.67
CA HIS A 199 14.20 -11.79 -10.12
C HIS A 199 13.96 -10.33 -9.81
N ASP A 200 14.29 -9.92 -8.57
CA ASP A 200 14.13 -8.57 -8.09
C ASP A 200 15.05 -7.60 -8.80
N LEU A 201 16.32 -8.03 -8.98
CA LEU A 201 17.33 -7.21 -9.61
C LEU A 201 16.99 -6.86 -11.00
N GLU A 202 16.51 -7.85 -11.81
CA GLU A 202 16.17 -7.65 -13.19
C GLU A 202 15.08 -6.65 -13.37
N VAL A 203 13.99 -6.79 -12.57
CA VAL A 203 12.87 -5.92 -12.68
C VAL A 203 13.22 -4.50 -12.34
N ALA A 204 14.06 -4.29 -11.30
CA ALA A 204 14.48 -2.97 -10.91
C ALA A 204 15.39 -2.29 -11.88
N GLN A 205 16.41 -3.04 -12.39
CA GLN A 205 17.43 -2.55 -13.29
C GLN A 205 16.87 -2.12 -14.62
N THR A 206 15.90 -2.89 -15.16
CA THR A 206 15.26 -2.63 -16.41
C THR A 206 14.43 -1.37 -16.37
N THR A 207 13.70 -1.14 -15.25
CA THR A 207 12.82 -0.01 -15.13
C THR A 207 13.58 1.29 -14.99
N ALA A 208 13.30 2.21 -15.94
CA ALA A 208 13.88 3.54 -15.95
C ALA A 208 13.09 4.35 -14.96
N LEU A 209 13.66 5.47 -14.47
CA LEU A 209 12.94 6.28 -13.51
C LEU A 209 12.38 7.53 -14.11
N PRO A 210 11.02 7.63 -14.30
CA PRO A 210 10.40 8.82 -14.81
C PRO A 210 10.34 9.71 -13.61
N ASP A 211 11.14 10.80 -13.59
CA ASP A 211 11.15 11.67 -12.44
C ASP A 211 9.91 12.49 -12.47
N GLU A 212 9.06 12.24 -11.44
CA GLU A 212 7.82 12.94 -11.30
C GLU A 212 7.91 13.68 -10.01
N ASP A 213 8.02 12.94 -8.88
CA ASP A 213 8.12 13.53 -7.57
C ASP A 213 9.22 12.84 -6.80
N ASP A 214 10.28 12.42 -7.53
CA ASP A 214 11.43 11.72 -7.01
C ASP A 214 12.19 12.53 -6.01
N ASP A 215 12.02 13.87 -6.05
CA ASP A 215 12.65 14.82 -5.17
C ASP A 215 12.24 14.53 -3.74
N LEU A 216 10.97 14.16 -3.51
CA LEU A 216 10.44 13.84 -2.21
C LEU A 216 10.92 12.42 -1.88
N MET A 1 5.03 -3.63 21.79
CA MET A 1 5.39 -2.50 20.92
C MET A 1 6.39 -2.95 19.91
N ALA A 2 7.57 -3.39 20.40
CA ALA A 2 8.69 -3.87 19.60
C ALA A 2 8.29 -5.06 18.78
N ALA A 3 7.45 -5.97 19.35
CA ALA A 3 6.97 -7.14 18.67
C ALA A 3 6.17 -6.76 17.45
N GLN A 4 5.29 -5.74 17.60
CA GLN A 4 4.47 -5.23 16.53
C GLN A 4 5.25 -4.42 15.52
N GLY A 5 6.41 -3.84 15.95
CA GLY A 5 7.22 -3.02 15.08
C GLY A 5 6.72 -1.62 15.12
N GLU A 6 5.99 -1.31 16.21
CA GLU A 6 5.35 -0.10 16.54
C GLU A 6 6.39 0.66 17.35
N PRO A 7 7.17 1.63 16.78
CA PRO A 7 8.13 2.42 17.52
C PRO A 7 7.17 3.40 18.07
N GLN A 8 6.41 3.01 19.10
CA GLN A 8 5.31 3.74 19.58
C GLN A 8 4.18 3.56 18.59
N VAL A 9 4.30 3.95 17.29
CA VAL A 9 3.14 3.84 16.44
C VAL A 9 3.16 2.79 15.35
N GLN A 10 2.05 2.00 15.30
CA GLN A 10 1.79 0.98 14.30
C GLN A 10 0.38 1.24 13.84
N PHE A 11 0.16 1.21 12.51
CA PHE A 11 -1.15 1.39 11.93
C PHE A 11 -1.40 0.19 11.05
N LYS A 12 -2.58 -0.47 11.18
CA LYS A 12 -2.89 -1.60 10.34
C LYS A 12 -3.63 -1.03 9.17
N LEU A 13 -3.04 -1.20 7.98
CA LEU A 13 -3.62 -0.67 6.78
C LEU A 13 -3.99 -1.85 5.95
N VAL A 14 -5.23 -1.85 5.41
CA VAL A 14 -5.55 -2.99 4.58
C VAL A 14 -5.65 -2.48 3.17
N LEU A 15 -4.89 -3.17 2.28
CA LEU A 15 -4.82 -2.85 0.90
C LEU A 15 -5.68 -3.85 0.17
N VAL A 16 -6.71 -3.30 -0.51
CA VAL A 16 -7.71 -4.02 -1.26
C VAL A 16 -7.87 -3.50 -2.65
N GLY A 17 -8.47 -4.34 -3.52
CA GLY A 17 -8.71 -3.98 -4.90
C GLY A 17 -8.67 -5.20 -5.74
N ASP A 18 -9.05 -5.05 -7.02
CA ASP A 18 -9.11 -6.14 -7.97
C ASP A 18 -7.75 -6.63 -8.37
N GLY A 19 -7.73 -7.89 -8.88
CA GLY A 19 -6.50 -8.51 -9.32
C GLY A 19 -5.92 -7.77 -10.49
N GLY A 20 -4.59 -7.63 -10.47
CA GLY A 20 -3.84 -6.97 -11.50
C GLY A 20 -3.78 -5.46 -11.39
N THR A 21 -4.36 -4.86 -10.33
CA THR A 21 -4.34 -3.42 -10.12
C THR A 21 -2.97 -2.87 -9.92
N GLY A 22 -2.12 -3.60 -9.18
CA GLY A 22 -0.79 -3.15 -8.89
C GLY A 22 -0.60 -2.98 -7.41
N LYS A 23 -1.45 -3.62 -6.57
CA LYS A 23 -1.38 -3.53 -5.12
C LYS A 23 -0.04 -4.04 -4.62
N THR A 24 0.36 -5.24 -5.11
CA THR A 24 1.58 -5.91 -4.76
C THR A 24 2.78 -5.13 -5.23
N THR A 25 2.73 -4.60 -6.48
CA THR A 25 3.80 -3.84 -7.09
C THR A 25 4.06 -2.58 -6.29
N PHE A 26 2.97 -1.92 -5.85
CA PHE A 26 3.03 -0.70 -5.07
C PHE A 26 3.73 -0.96 -3.75
N VAL A 27 3.35 -2.05 -3.04
CA VAL A 27 3.96 -2.37 -1.77
C VAL A 27 5.43 -2.72 -1.95
N LYS A 28 5.77 -3.47 -3.02
CA LYS A 28 7.12 -3.89 -3.30
C LYS A 28 8.02 -2.71 -3.54
N ARG A 29 7.51 -1.67 -4.25
CA ARG A 29 8.26 -0.47 -4.52
C ARG A 29 8.63 0.22 -3.22
N HIS A 30 7.67 0.31 -2.28
CA HIS A 30 7.92 0.93 -1.00
C HIS A 30 8.97 0.21 -0.20
N LEU A 31 8.90 -1.13 -0.18
CA LEU A 31 9.82 -1.95 0.55
C LEU A 31 11.21 -2.03 0.02
N THR A 32 11.37 -2.21 -1.32
CA THR A 32 12.67 -2.39 -1.91
C THR A 32 13.13 -1.35 -2.89
N GLY A 33 12.20 -0.64 -3.56
CA GLY A 33 12.57 0.34 -4.55
C GLY A 33 12.53 -0.28 -5.93
N GLU A 34 12.33 -1.61 -6.03
CA GLU A 34 12.24 -2.34 -7.27
C GLU A 34 10.88 -2.13 -7.88
N PHE A 35 10.80 -2.31 -9.22
CA PHE A 35 9.57 -2.19 -9.95
C PHE A 35 9.41 -3.59 -10.45
N GLU A 36 8.34 -4.30 -10.02
CA GLU A 36 8.14 -5.66 -10.45
C GLU A 36 7.18 -5.62 -11.60
N LYS A 37 7.68 -6.11 -12.76
CA LYS A 37 6.93 -6.15 -14.00
C LYS A 37 6.19 -7.45 -14.20
N LYS A 38 6.49 -8.48 -13.38
CA LYS A 38 5.87 -9.77 -13.51
C LYS A 38 4.80 -9.88 -12.46
N TYR A 39 3.58 -10.21 -12.92
CA TYR A 39 2.49 -10.33 -12.00
C TYR A 39 2.29 -11.73 -11.58
N VAL A 40 2.48 -11.95 -10.26
CA VAL A 40 2.32 -13.22 -9.62
C VAL A 40 1.25 -12.91 -8.61
N ALA A 41 0.11 -13.64 -8.69
CA ALA A 41 -1.01 -13.46 -7.82
C ALA A 41 -0.69 -13.75 -6.38
N THR A 42 -1.27 -12.95 -5.47
CA THR A 42 -1.08 -13.08 -4.06
C THR A 42 -2.23 -13.91 -3.58
N LEU A 43 -1.92 -14.97 -2.81
CA LEU A 43 -2.94 -15.84 -2.29
C LEU A 43 -3.15 -15.49 -0.85
N GLY A 44 -4.45 -15.28 -0.50
CA GLY A 44 -4.87 -14.89 0.82
C GLY A 44 -4.39 -13.50 1.12
N VAL A 45 -3.61 -13.35 2.21
CA VAL A 45 -3.09 -12.07 2.61
C VAL A 45 -1.62 -12.20 2.93
N GLU A 46 -0.84 -11.16 2.58
CA GLU A 46 0.57 -11.15 2.88
C GLU A 46 0.76 -9.84 3.60
N VAL A 47 1.35 -9.92 4.81
CA VAL A 47 1.55 -8.75 5.62
C VAL A 47 2.97 -8.30 5.46
N HIS A 48 3.13 -7.01 5.08
CA HIS A 48 4.39 -6.40 4.85
C HIS A 48 4.58 -5.19 5.75
N PRO A 49 5.68 -5.18 6.57
CA PRO A 49 6.02 -4.08 7.45
C PRO A 49 6.69 -2.95 6.72
N LEU A 50 6.19 -1.70 6.86
CA LEU A 50 6.81 -0.58 6.19
C LEU A 50 6.93 0.53 7.18
N VAL A 51 8.12 1.15 7.32
CA VAL A 51 8.31 2.22 8.28
C VAL A 51 8.68 3.48 7.54
N PHE A 52 8.04 4.61 7.94
CA PHE A 52 8.31 5.92 7.40
C PHE A 52 8.63 6.83 8.54
N HIS A 53 9.60 7.75 8.31
CA HIS A 53 10.03 8.69 9.31
C HIS A 53 9.35 9.99 9.07
N THR A 54 8.64 10.47 10.12
CA THR A 54 7.91 11.70 10.05
C THR A 54 8.40 12.66 11.10
N ASN A 55 7.75 13.83 11.17
CA ASN A 55 7.99 14.93 12.08
C ASN A 55 7.81 14.43 13.51
N ARG A 56 6.85 13.51 13.71
CA ARG A 56 6.52 12.91 14.99
C ARG A 56 7.34 11.68 15.30
N GLY A 57 8.30 11.30 14.42
CA GLY A 57 9.12 10.13 14.62
C GLY A 57 8.69 9.04 13.67
N PRO A 58 9.37 7.86 13.75
CA PRO A 58 9.06 6.72 12.92
C PRO A 58 7.72 6.10 13.20
N ILE A 59 6.98 5.76 12.13
CA ILE A 59 5.69 5.14 12.23
C ILE A 59 5.69 3.94 11.33
N LYS A 60 5.11 2.82 11.82
CA LYS A 60 5.04 1.59 11.07
C LYS A 60 3.66 1.37 10.55
N PHE A 61 3.59 1.01 9.26
CA PHE A 61 2.39 0.70 8.56
C PHE A 61 2.51 -0.78 8.31
N ASN A 62 1.57 -1.54 8.88
CA ASN A 62 1.49 -2.97 8.76
C ASN A 62 0.54 -3.07 7.58
N VAL A 63 1.09 -3.28 6.37
CA VAL A 63 0.26 -3.32 5.18
C VAL A 63 -0.20 -4.72 4.97
N TRP A 64 -1.53 -4.90 4.85
CA TRP A 64 -2.15 -6.17 4.64
C TRP A 64 -2.52 -6.18 3.18
N ASP A 65 -1.66 -6.81 2.33
CA ASP A 65 -1.92 -6.87 0.91
C ASP A 65 -2.81 -8.06 0.73
N THR A 66 -4.04 -7.81 0.25
CA THR A 66 -5.00 -8.87 0.07
C THR A 66 -5.13 -9.37 -1.35
N ALA A 67 -5.79 -10.54 -1.52
CA ALA A 67 -6.03 -11.15 -2.81
C ALA A 67 -7.29 -10.58 -3.39
N GLY A 68 -7.23 -10.15 -4.67
CA GLY A 68 -8.36 -9.59 -5.38
C GLY A 68 -9.28 -10.59 -5.99
N GLN A 69 -8.88 -11.88 -6.00
CA GLN A 69 -9.62 -12.99 -6.52
C GLN A 69 -10.84 -13.33 -5.70
N GLU A 70 -10.67 -13.25 -4.36
CA GLU A 70 -11.67 -13.58 -3.38
C GLU A 70 -12.89 -12.73 -3.44
N LYS A 71 -14.06 -13.39 -3.37
CA LYS A 71 -15.33 -12.71 -3.39
C LYS A 71 -15.56 -12.01 -2.08
N PHE A 72 -16.38 -10.96 -2.16
CA PHE A 72 -16.75 -10.09 -1.07
C PHE A 72 -17.57 -10.90 -0.09
N GLY A 73 -17.25 -10.81 1.21
CA GLY A 73 -18.02 -11.56 2.18
C GLY A 73 -17.38 -11.68 3.52
N GLY A 74 -18.06 -12.46 4.38
CA GLY A 74 -17.69 -12.76 5.74
C GLY A 74 -16.38 -13.50 5.88
N LEU A 75 -15.97 -14.21 4.80
CA LEU A 75 -14.74 -14.95 4.73
C LEU A 75 -13.55 -14.02 4.84
N ARG A 76 -13.72 -12.75 4.39
CA ARG A 76 -12.70 -11.72 4.39
C ARG A 76 -12.69 -10.85 5.63
N ASP A 77 -13.46 -11.20 6.69
CA ASP A 77 -13.56 -10.42 7.91
C ASP A 77 -12.28 -10.23 8.66
N GLY A 78 -11.41 -11.27 8.72
CA GLY A 78 -10.17 -11.26 9.44
C GLY A 78 -9.23 -10.18 8.99
N TYR A 79 -9.19 -9.90 7.67
CA TYR A 79 -8.35 -8.90 7.08
C TYR A 79 -8.72 -7.54 7.63
N TYR A 80 -10.04 -7.26 7.63
CA TYR A 80 -10.61 -6.03 8.11
C TYR A 80 -10.63 -5.72 9.54
N ILE A 81 -10.85 -6.75 10.40
CA ILE A 81 -10.91 -6.57 11.84
C ILE A 81 -9.67 -5.86 12.33
N GLN A 82 -9.92 -4.83 13.16
CA GLN A 82 -8.92 -3.97 13.77
C GLN A 82 -8.17 -3.05 12.82
N ALA A 83 -8.66 -2.87 11.56
CA ALA A 83 -8.01 -1.99 10.62
C ALA A 83 -8.14 -0.57 11.07
N GLN A 84 -7.09 0.23 10.77
CA GLN A 84 -7.02 1.61 11.13
C GLN A 84 -7.28 2.48 9.94
N CYS A 85 -6.93 2.00 8.74
CA CYS A 85 -7.16 2.70 7.50
C CYS A 85 -7.09 1.74 6.36
N ALA A 86 -7.48 2.21 5.15
CA ALA A 86 -7.46 1.33 4.00
C ALA A 86 -7.16 2.05 2.73
N ILE A 87 -6.66 1.26 1.74
CA ILE A 87 -6.38 1.78 0.45
C ILE A 87 -7.11 0.86 -0.51
N ILE A 88 -7.95 1.44 -1.40
CA ILE A 88 -8.68 0.69 -2.37
C ILE A 88 -8.02 1.06 -3.67
N MET A 89 -7.55 0.04 -4.41
CA MET A 89 -6.87 0.25 -5.65
C MET A 89 -7.58 -0.27 -6.84
N PHE A 90 -7.59 0.60 -7.87
CA PHE A 90 -8.18 0.30 -9.14
C PHE A 90 -7.23 0.69 -10.25
N ASP A 91 -7.44 0.09 -11.44
CA ASP A 91 -6.58 0.37 -12.57
C ASP A 91 -7.36 1.29 -13.46
N VAL A 92 -6.75 2.45 -13.78
CA VAL A 92 -7.36 3.47 -14.61
C VAL A 92 -7.64 3.03 -16.03
N THR A 93 -6.96 1.95 -16.48
CA THR A 93 -7.16 1.43 -17.81
C THR A 93 -8.28 0.41 -17.84
N SER A 94 -8.84 0.02 -16.66
CA SER A 94 -9.89 -0.95 -16.62
C SER A 94 -11.12 -0.41 -15.93
N ARG A 95 -12.19 -0.28 -16.74
CA ARG A 95 -13.49 0.18 -16.29
C ARG A 95 -14.10 -0.79 -15.33
N VAL A 96 -13.93 -2.12 -15.59
CA VAL A 96 -14.45 -3.19 -14.78
C VAL A 96 -13.86 -3.10 -13.39
N THR A 97 -12.54 -2.81 -13.30
CA THR A 97 -11.84 -2.69 -12.03
C THR A 97 -12.43 -1.54 -11.22
N TYR A 98 -12.74 -0.41 -11.90
CA TYR A 98 -13.34 0.75 -11.27
C TYR A 98 -14.73 0.45 -10.77
N LYS A 99 -15.51 -0.35 -11.56
CA LYS A 99 -16.87 -0.73 -11.24
C LYS A 99 -16.93 -1.48 -9.94
N ASN A 100 -15.92 -2.32 -9.66
CA ASN A 100 -15.84 -3.11 -8.45
C ASN A 100 -15.49 -2.34 -7.19
N VAL A 101 -15.04 -1.07 -7.32
CA VAL A 101 -14.65 -0.25 -6.18
C VAL A 101 -15.81 -0.09 -5.20
N PRO A 102 -17.09 0.19 -5.60
CA PRO A 102 -18.20 0.30 -4.66
C PRO A 102 -18.39 -0.96 -3.87
N ASN A 103 -18.13 -2.15 -4.45
CA ASN A 103 -18.24 -3.42 -3.78
C ASN A 103 -17.19 -3.52 -2.70
N TRP A 104 -15.94 -3.09 -3.00
CA TRP A 104 -14.85 -3.10 -2.05
C TRP A 104 -15.19 -2.18 -0.92
N HIS A 105 -15.66 -0.94 -1.24
CA HIS A 105 -16.05 0.03 -0.26
C HIS A 105 -17.51 -0.19 0.06
N ARG A 106 -17.77 -1.30 0.75
CA ARG A 106 -19.06 -1.74 1.18
C ARG A 106 -18.68 -2.83 2.12
N ASP A 107 -17.88 -3.80 1.60
CA ASP A 107 -17.38 -4.92 2.35
C ASP A 107 -16.50 -4.36 3.45
N LEU A 108 -15.67 -3.34 3.11
CA LEU A 108 -14.75 -2.69 4.03
C LEU A 108 -15.47 -2.02 5.17
N VAL A 109 -16.48 -1.18 4.83
CA VAL A 109 -17.25 -0.42 5.79
C VAL A 109 -18.14 -1.25 6.65
N ARG A 110 -18.46 -2.49 6.22
CA ARG A 110 -19.29 -3.40 6.98
C ARG A 110 -18.66 -3.71 8.32
N VAL A 111 -17.31 -3.89 8.34
CA VAL A 111 -16.60 -4.21 9.54
C VAL A 111 -15.96 -2.98 10.15
N CYS A 112 -15.26 -2.21 9.30
CA CYS A 112 -14.56 -1.01 9.66
C CYS A 112 -15.32 0.22 10.04
N GLU A 113 -16.47 0.46 9.37
CA GLU A 113 -17.31 1.62 9.52
C GLU A 113 -16.52 2.87 9.14
N ASN A 114 -16.35 3.89 10.02
CA ASN A 114 -15.63 5.05 9.59
C ASN A 114 -14.17 4.97 9.94
N ILE A 115 -13.36 4.87 8.88
CA ILE A 115 -11.91 4.81 8.90
C ILE A 115 -11.48 5.57 7.65
N PRO A 116 -10.29 6.25 7.66
CA PRO A 116 -9.80 6.95 6.48
C PRO A 116 -9.51 5.97 5.38
N ILE A 117 -10.05 6.24 4.18
CA ILE A 117 -9.84 5.38 3.05
C ILE A 117 -9.43 6.24 1.89
N VAL A 118 -8.40 5.77 1.17
CA VAL A 118 -7.87 6.45 0.02
C VAL A 118 -8.08 5.55 -1.18
N LEU A 119 -8.62 6.13 -2.26
CA LEU A 119 -8.86 5.48 -3.52
C LEU A 119 -7.68 5.85 -4.39
N CYS A 120 -7.02 4.83 -4.96
CA CYS A 120 -5.89 5.06 -5.79
C CYS A 120 -6.11 4.54 -7.17
N GLY A 121 -5.92 5.46 -8.15
CA GLY A 121 -6.07 5.14 -9.54
C GLY A 121 -4.68 4.88 -10.01
N ASN A 122 -4.37 3.58 -10.15
CA ASN A 122 -3.09 3.09 -10.58
C ASN A 122 -2.94 3.13 -12.06
N LYS A 123 -1.65 3.05 -12.47
CA LYS A 123 -1.16 3.03 -13.82
C LYS A 123 -1.54 4.22 -14.65
N VAL A 124 -1.44 5.43 -14.03
CA VAL A 124 -1.75 6.67 -14.73
C VAL A 124 -0.73 6.99 -15.80
N ASP A 125 0.40 6.25 -15.80
CA ASP A 125 1.48 6.33 -16.74
C ASP A 125 1.00 5.95 -18.13
N ILE A 126 0.10 4.92 -18.22
CA ILE A 126 -0.43 4.42 -19.47
C ILE A 126 -1.26 5.50 -20.16
N LYS A 127 -0.99 5.68 -21.46
CA LYS A 127 -1.60 6.65 -22.33
C LYS A 127 -3.07 6.50 -22.56
N ASP A 128 -3.55 5.26 -22.84
CA ASP A 128 -4.94 5.00 -23.12
C ASP A 128 -5.71 4.82 -21.82
N ARG A 129 -6.00 5.96 -21.16
CA ARG A 129 -6.71 5.98 -19.90
C ARG A 129 -8.18 5.90 -20.19
N LYS A 130 -8.91 5.08 -19.38
CA LYS A 130 -10.32 4.93 -19.58
C LYS A 130 -11.09 5.66 -18.52
N VAL A 131 -10.66 5.57 -17.25
CA VAL A 131 -11.35 6.22 -16.17
C VAL A 131 -10.59 7.50 -15.91
N LYS A 132 -11.21 8.63 -16.31
CA LYS A 132 -10.66 9.94 -16.15
C LYS A 132 -10.81 10.38 -14.71
N ALA A 133 -9.85 11.20 -14.24
CA ALA A 133 -9.84 11.72 -12.89
C ALA A 133 -11.05 12.57 -12.62
N LYS A 134 -11.46 13.36 -13.63
CA LYS A 134 -12.61 14.23 -13.57
C LYS A 134 -13.88 13.44 -13.36
N SER A 135 -14.00 12.29 -14.05
CA SER A 135 -15.12 11.40 -14.03
C SER A 135 -15.40 10.82 -12.67
N ILE A 136 -14.34 10.49 -11.90
CA ILE A 136 -14.48 9.88 -10.59
C ILE A 136 -15.22 10.81 -9.66
N VAL A 137 -16.34 10.26 -9.12
CA VAL A 137 -17.25 10.93 -8.21
C VAL A 137 -17.49 10.12 -6.95
N PHE A 138 -17.03 8.84 -6.94
CA PHE A 138 -17.24 7.90 -5.87
C PHE A 138 -16.69 8.39 -4.57
N HIS A 139 -15.50 9.04 -4.62
CA HIS A 139 -14.84 9.56 -3.46
C HIS A 139 -15.67 10.61 -2.79
N ARG A 140 -16.33 11.50 -3.56
CA ARG A 140 -17.16 12.54 -3.02
C ARG A 140 -18.35 12.02 -2.25
N LYS A 141 -19.03 10.99 -2.82
CA LYS A 141 -20.17 10.37 -2.21
C LYS A 141 -19.82 9.69 -0.92
N LYS A 142 -18.67 8.98 -0.89
CA LYS A 142 -18.22 8.23 0.24
C LYS A 142 -17.21 8.87 1.16
N ASN A 143 -16.88 10.17 0.95
CA ASN A 143 -15.92 10.93 1.75
C ASN A 143 -14.57 10.27 1.87
N LEU A 144 -14.03 9.89 0.70
CA LEU A 144 -12.76 9.24 0.57
C LEU A 144 -11.85 10.19 -0.17
N GLN A 145 -10.53 10.01 -0.02
CA GLN A 145 -9.59 10.86 -0.74
C GLN A 145 -9.13 10.13 -1.95
N TYR A 146 -8.91 10.85 -3.07
CA TYR A 146 -8.49 10.21 -4.29
C TYR A 146 -7.13 10.69 -4.74
N TYR A 147 -6.30 9.71 -5.17
CA TYR A 147 -4.99 9.99 -5.70
C TYR A 147 -4.69 9.24 -6.96
N ASP A 148 -4.06 9.94 -7.93
CA ASP A 148 -3.64 9.37 -9.19
C ASP A 148 -2.25 8.90 -8.86
N ILE A 149 -1.98 7.59 -9.07
CA ILE A 149 -0.68 7.05 -8.76
C ILE A 149 -0.15 6.19 -9.87
N SER A 150 1.18 6.05 -9.89
CA SER A 150 1.82 5.20 -10.85
C SER A 150 2.98 4.57 -10.15
N ALA A 151 2.88 3.24 -9.92
CA ALA A 151 3.90 2.45 -9.27
C ALA A 151 5.15 2.49 -10.12
N LYS A 152 4.94 2.45 -11.46
CA LYS A 152 5.95 2.47 -12.49
C LYS A 152 6.74 3.75 -12.51
N SER A 153 6.06 4.92 -12.44
CA SER A 153 6.76 6.18 -12.51
C SER A 153 6.98 6.87 -11.20
N ASN A 154 6.46 6.29 -10.08
CA ASN A 154 6.54 6.79 -8.73
C ASN A 154 5.70 8.02 -8.50
N TYR A 155 4.82 8.35 -9.47
CA TYR A 155 3.98 9.51 -9.39
C TYR A 155 3.01 9.30 -8.28
N ASN A 156 3.13 10.22 -7.29
CA ASN A 156 2.39 10.34 -6.07
C ASN A 156 2.40 9.05 -5.27
N PHE A 157 3.47 8.21 -5.36
CA PHE A 157 3.45 6.94 -4.67
C PHE A 157 3.35 7.06 -3.17
N GLU A 158 4.00 8.07 -2.56
CA GLU A 158 3.90 8.23 -1.12
C GLU A 158 2.72 9.01 -0.62
N LYS A 159 1.93 9.65 -1.51
CA LYS A 159 0.83 10.47 -1.06
C LYS A 159 -0.23 9.78 -0.26
N PRO A 160 -0.75 8.57 -0.62
CA PRO A 160 -1.75 7.90 0.20
C PRO A 160 -1.29 7.63 1.60
N PHE A 161 -0.02 7.20 1.78
CA PHE A 161 0.57 6.90 3.06
C PHE A 161 0.65 8.13 3.92
N LEU A 162 1.08 9.26 3.31
CA LEU A 162 1.19 10.52 4.00
C LEU A 162 -0.13 11.04 4.45
N TRP A 163 -1.16 10.98 3.57
CA TRP A 163 -2.50 11.44 3.89
C TRP A 163 -3.06 10.66 5.04
N LEU A 164 -2.92 9.31 4.99
CA LEU A 164 -3.43 8.43 6.01
C LEU A 164 -2.80 8.74 7.33
N ALA A 165 -1.47 8.98 7.33
CA ALA A 165 -0.71 9.27 8.52
C ALA A 165 -1.20 10.54 9.15
N ARG A 166 -1.45 11.59 8.32
CA ARG A 166 -1.92 12.87 8.80
C ARG A 166 -3.25 12.77 9.46
N LYS A 167 -4.22 12.04 8.85
CA LYS A 167 -5.54 11.92 9.41
C LYS A 167 -5.53 11.12 10.69
N LEU A 168 -4.80 10.00 10.72
CA LEU A 168 -4.71 9.15 11.88
C LEU A 168 -4.04 9.79 13.06
N ILE A 169 -2.87 10.45 12.83
CA ILE A 169 -2.12 11.14 13.86
C ILE A 169 -2.85 12.39 14.27
N GLY A 170 -3.48 13.09 13.29
CA GLY A 170 -4.22 14.30 13.56
C GLY A 170 -3.44 15.56 13.31
N ASP A 171 -2.24 15.47 12.69
CA ASP A 171 -1.49 16.67 12.42
C ASP A 171 -1.52 16.87 10.93
N PRO A 172 -2.19 17.96 10.45
CA PRO A 172 -2.31 18.29 9.04
C PRO A 172 -0.99 18.68 8.44
N ASN A 173 0.01 19.03 9.27
CA ASN A 173 1.30 19.46 8.84
C ASN A 173 2.34 18.37 8.82
N LEU A 174 1.95 17.08 9.04
CA LEU A 174 2.92 15.99 9.02
C LEU A 174 3.62 15.87 7.71
N GLU A 175 4.95 15.70 7.79
CA GLU A 175 5.78 15.59 6.63
C GLU A 175 6.77 14.49 6.83
N PHE A 176 7.13 13.85 5.69
CA PHE A 176 8.12 12.81 5.64
C PHE A 176 9.45 13.50 5.77
N VAL A 177 10.32 12.99 6.68
CA VAL A 177 11.61 13.56 6.90
C VAL A 177 12.70 12.53 6.81
N ALA A 178 13.78 12.91 6.09
CA ALA A 178 14.97 12.13 5.89
C ALA A 178 14.68 10.72 5.43
N MET A 179 15.23 9.70 6.12
CA MET A 179 15.14 8.27 5.92
C MET A 179 16.57 7.85 6.09
N PRO A 180 16.87 6.94 7.06
CA PRO A 180 18.22 6.50 7.30
C PRO A 180 18.84 5.95 6.05
N ALA A 181 20.04 6.45 5.73
CA ALA A 181 20.75 6.02 4.56
C ALA A 181 21.45 4.75 4.91
N LEU A 182 21.30 3.74 4.03
CA LEU A 182 21.91 2.46 4.25
C LEU A 182 23.31 2.58 3.74
N ALA A 183 24.27 2.53 4.69
CA ALA A 183 25.66 2.66 4.36
C ALA A 183 26.38 1.57 5.10
N PRO A 184 27.45 0.99 4.48
CA PRO A 184 28.24 -0.04 5.10
C PRO A 184 28.96 0.51 6.33
N PRO A 185 29.19 -0.33 7.38
CA PRO A 185 29.84 0.08 8.62
C PRO A 185 31.26 0.54 8.43
N GLU A 186 31.76 1.41 9.36
CA GLU A 186 33.09 1.94 9.31
C GLU A 186 34.12 0.85 9.43
N VAL A 187 33.97 -0.06 10.44
CA VAL A 187 34.78 -1.23 10.72
C VAL A 187 36.29 -1.04 10.85
N VAL A 188 37.04 -2.17 11.05
CA VAL A 188 38.48 -2.19 11.15
C VAL A 188 39.02 -3.15 10.09
N MET A 189 38.75 -4.47 10.25
CA MET A 189 39.20 -5.51 9.35
C MET A 189 38.52 -5.51 8.00
N ASP A 190 39.24 -6.10 7.00
CA ASP A 190 38.73 -6.19 5.66
C ASP A 190 38.74 -7.56 5.00
N PRO A 191 39.86 -8.37 4.97
CA PRO A 191 39.85 -9.64 4.25
C PRO A 191 38.81 -10.70 4.54
N ALA A 192 38.62 -11.12 5.80
CA ALA A 192 37.63 -12.11 6.16
C ALA A 192 36.24 -11.56 6.02
N LEU A 193 36.10 -10.28 6.43
CA LEU A 193 34.87 -9.54 6.45
C LEU A 193 34.42 -9.07 5.09
N ALA A 194 35.27 -9.22 4.04
CA ALA A 194 34.99 -8.82 2.68
C ALA A 194 33.92 -9.71 2.08
N ALA A 195 33.49 -9.38 0.83
CA ALA A 195 32.44 -10.06 0.07
C ALA A 195 31.07 -9.63 0.52
N GLN A 196 30.81 -9.62 1.85
CA GLN A 196 29.57 -9.22 2.48
C GLN A 196 29.26 -7.78 2.16
N TYR A 197 30.29 -6.96 1.92
CA TYR A 197 30.14 -5.55 1.61
C TYR A 197 29.36 -5.30 0.36
N GLU A 198 29.57 -6.14 -0.69
CA GLU A 198 28.87 -6.02 -1.95
C GLU A 198 27.40 -6.17 -1.75
N HIS A 199 26.99 -7.11 -0.86
CA HIS A 199 25.59 -7.36 -0.56
C HIS A 199 24.94 -6.13 0.02
N ASP A 200 25.61 -5.42 0.96
CA ASP A 200 25.10 -4.23 1.60
C ASP A 200 24.92 -3.11 0.61
N LEU A 201 25.92 -2.94 -0.27
CA LEU A 201 25.95 -1.91 -1.28
C LEU A 201 24.80 -2.06 -2.24
N GLU A 202 24.50 -3.30 -2.65
CA GLU A 202 23.40 -3.62 -3.54
C GLU A 202 22.08 -3.26 -2.93
N VAL A 203 21.90 -3.57 -1.62
CA VAL A 203 20.67 -3.30 -0.89
C VAL A 203 20.44 -1.80 -0.89
N ALA A 204 21.50 -1.00 -0.65
CA ALA A 204 21.44 0.45 -0.65
C ALA A 204 21.08 1.04 -1.99
N GLN A 205 21.73 0.53 -3.07
CA GLN A 205 21.53 0.96 -4.43
C GLN A 205 20.14 0.72 -4.93
N THR A 206 19.55 -0.45 -4.57
CA THR A 206 18.23 -0.87 -4.92
C THR A 206 17.20 0.03 -4.27
N THR A 207 17.43 0.38 -2.97
CA THR A 207 16.50 1.20 -2.23
C THR A 207 16.55 2.59 -2.81
N ALA A 208 15.37 3.01 -3.31
CA ALA A 208 15.22 4.30 -3.91
C ALA A 208 14.52 5.12 -2.88
N LEU A 209 14.99 6.37 -2.74
CA LEU A 209 14.42 7.32 -1.81
C LEU A 209 13.07 7.76 -2.32
N PRO A 210 12.09 7.97 -1.40
CA PRO A 210 10.75 8.33 -1.77
C PRO A 210 10.60 9.52 -2.65
N ASP A 211 9.96 9.25 -3.79
CA ASP A 211 9.70 10.20 -4.79
C ASP A 211 8.23 10.38 -4.69
N GLU A 212 7.80 11.62 -4.42
CA GLU A 212 6.40 11.85 -4.37
C GLU A 212 6.06 12.25 -5.76
N ASP A 213 6.53 13.43 -6.18
CA ASP A 213 6.31 13.97 -7.50
C ASP A 213 7.49 14.83 -7.84
N ASP A 214 8.66 14.38 -7.36
CA ASP A 214 9.96 14.95 -7.47
C ASP A 214 10.38 15.06 -8.91
N ASP A 215 9.96 14.07 -9.74
CA ASP A 215 10.27 13.99 -11.15
C ASP A 215 9.76 15.20 -11.91
N LEU A 216 8.55 15.70 -11.55
CA LEU A 216 7.96 16.86 -12.18
C LEU A 216 8.75 18.09 -11.71
N MET A 1 6.34 -3.28 21.57
CA MET A 1 6.48 -2.21 20.57
C MET A 1 7.47 -2.61 19.51
N ALA A 2 8.68 -3.03 19.93
CA ALA A 2 9.76 -3.43 19.06
C ALA A 2 9.39 -4.61 18.20
N ALA A 3 8.69 -5.62 18.79
CA ALA A 3 8.27 -6.81 18.09
C ALA A 3 7.29 -6.45 16.98
N GLN A 4 6.36 -5.53 17.29
CA GLN A 4 5.35 -5.02 16.40
C GLN A 4 5.96 -4.24 15.26
N GLY A 5 7.06 -3.51 15.57
CA GLY A 5 7.73 -2.70 14.60
C GLY A 5 7.21 -1.31 14.74
N GLU A 6 6.54 -1.03 15.88
CA GLU A 6 5.93 0.20 16.27
C GLU A 6 7.04 0.95 16.98
N PRO A 7 7.81 1.87 16.28
CA PRO A 7 8.85 2.64 16.94
C PRO A 7 8.22 3.46 18.02
N GLN A 8 7.09 4.10 17.66
CA GLN A 8 6.25 4.89 18.48
C GLN A 8 4.92 4.30 18.12
N VAL A 9 4.53 4.45 16.81
CA VAL A 9 3.27 3.98 16.31
C VAL A 9 3.35 3.03 15.14
N GLN A 10 2.39 2.08 15.14
CA GLN A 10 2.21 1.06 14.13
C GLN A 10 0.78 1.21 13.70
N PHE A 11 0.55 1.25 12.37
CA PHE A 11 -0.78 1.33 11.83
C PHE A 11 -0.99 0.22 10.86
N LYS A 12 -2.16 -0.46 10.99
CA LYS A 12 -2.50 -1.56 10.12
C LYS A 12 -3.24 -1.00 8.94
N LEU A 13 -2.64 -1.18 7.75
CA LEU A 13 -3.22 -0.71 6.54
C LEU A 13 -3.55 -1.91 5.73
N VAL A 14 -4.80 -1.94 5.21
CA VAL A 14 -5.20 -3.06 4.40
C VAL A 14 -5.31 -2.55 2.99
N LEU A 15 -4.55 -3.21 2.11
CA LEU A 15 -4.49 -2.89 0.72
C LEU A 15 -5.32 -3.92 0.01
N VAL A 16 -6.41 -3.41 -0.61
CA VAL A 16 -7.37 -4.18 -1.34
C VAL A 16 -7.53 -3.64 -2.73
N GLY A 17 -8.11 -4.48 -3.62
CA GLY A 17 -8.34 -4.12 -4.99
C GLY A 17 -8.29 -5.35 -5.81
N ASP A 18 -8.73 -5.23 -7.08
CA ASP A 18 -8.77 -6.32 -8.01
C ASP A 18 -7.42 -6.75 -8.50
N GLY A 19 -7.34 -7.99 -9.03
CA GLY A 19 -6.13 -8.54 -9.55
C GLY A 19 -5.70 -7.77 -10.75
N GLY A 20 -4.37 -7.55 -10.85
CA GLY A 20 -3.75 -6.83 -11.93
C GLY A 20 -3.76 -5.34 -11.77
N THR A 21 -4.29 -4.82 -10.64
CA THR A 21 -4.34 -3.39 -10.38
C THR A 21 -2.97 -2.79 -10.24
N GLY A 22 -2.04 -3.50 -9.57
CA GLY A 22 -0.71 -2.98 -9.38
C GLY A 22 -0.44 -2.74 -7.92
N LYS A 23 -1.28 -3.30 -7.02
CA LYS A 23 -1.17 -3.19 -5.59
C LYS A 23 0.15 -3.75 -5.09
N THR A 24 0.54 -4.94 -5.61
CA THR A 24 1.76 -5.62 -5.29
C THR A 24 2.95 -4.80 -5.75
N THR A 25 2.86 -4.21 -6.98
CA THR A 25 3.90 -3.40 -7.59
C THR A 25 4.13 -2.16 -6.74
N PHE A 26 3.03 -1.55 -6.25
CA PHE A 26 3.04 -0.37 -5.41
C PHE A 26 3.79 -0.65 -4.14
N VAL A 27 3.48 -1.78 -3.48
CA VAL A 27 4.14 -2.18 -2.25
C VAL A 27 5.61 -2.45 -2.46
N LYS A 28 5.98 -3.17 -3.56
CA LYS A 28 7.34 -3.50 -3.87
C LYS A 28 8.18 -2.29 -4.11
N ARG A 29 7.60 -1.29 -4.79
CA ARG A 29 8.23 -0.04 -5.09
C ARG A 29 8.54 0.68 -3.80
N HIS A 30 7.59 0.70 -2.84
CA HIS A 30 7.84 1.34 -1.56
C HIS A 30 8.94 0.67 -0.78
N LEU A 31 8.93 -0.69 -0.77
CA LEU A 31 9.92 -1.48 -0.08
C LEU A 31 11.33 -1.36 -0.59
N THR A 32 11.52 -1.47 -1.93
CA THR A 32 12.85 -1.44 -2.50
C THR A 32 13.14 -0.38 -3.51
N GLY A 33 12.11 0.19 -4.16
CA GLY A 33 12.32 1.19 -5.18
C GLY A 33 12.30 0.55 -6.55
N GLU A 34 12.28 -0.80 -6.62
CA GLU A 34 12.25 -1.56 -7.85
C GLU A 34 10.88 -1.48 -8.45
N PHE A 35 10.82 -1.56 -9.80
CA PHE A 35 9.57 -1.48 -10.51
C PHE A 35 9.41 -2.86 -11.07
N GLU A 36 8.25 -3.51 -10.79
CA GLU A 36 8.08 -4.85 -11.29
C GLU A 36 7.09 -4.86 -12.41
N LYS A 37 7.61 -5.21 -13.61
CA LYS A 37 6.83 -5.34 -14.83
C LYS A 37 5.96 -6.57 -14.84
N LYS A 38 6.55 -7.70 -14.38
CA LYS A 38 5.94 -9.01 -14.35
C LYS A 38 4.90 -9.09 -13.28
N TYR A 39 3.72 -9.68 -13.60
CA TYR A 39 2.72 -9.78 -12.58
C TYR A 39 2.72 -11.20 -12.09
N VAL A 40 3.01 -11.32 -10.79
CA VAL A 40 3.04 -12.57 -10.08
C VAL A 40 1.90 -12.43 -9.12
N ALA A 41 0.96 -13.40 -9.18
CA ALA A 41 -0.22 -13.42 -8.33
C ALA A 41 0.12 -13.56 -6.89
N THR A 42 -0.62 -12.79 -6.06
CA THR A 42 -0.45 -12.77 -4.64
C THR A 42 -1.52 -13.70 -4.13
N LEU A 43 -1.08 -14.71 -3.35
CA LEU A 43 -1.98 -15.67 -2.79
C LEU A 43 -2.11 -15.33 -1.34
N GLY A 44 -3.38 -15.25 -0.89
CA GLY A 44 -3.75 -14.89 0.46
C GLY A 44 -3.33 -13.49 0.74
N VAL A 45 -2.57 -13.29 1.84
CA VAL A 45 -2.10 -11.99 2.24
C VAL A 45 -0.60 -12.03 2.46
N GLU A 46 0.07 -10.94 2.01
CA GLU A 46 1.48 -10.73 2.18
C GLU A 46 1.55 -9.52 3.06
N VAL A 47 2.24 -9.64 4.22
CA VAL A 47 2.35 -8.55 5.15
C VAL A 47 3.72 -7.97 4.97
N HIS A 48 3.76 -6.67 4.60
CA HIS A 48 5.00 -5.97 4.41
C HIS A 48 5.06 -4.74 5.26
N PRO A 49 6.10 -4.64 6.15
CA PRO A 49 6.32 -3.52 7.00
C PRO A 49 6.96 -2.38 6.24
N LEU A 50 6.41 -1.15 6.35
CA LEU A 50 6.94 0.02 5.70
C LEU A 50 7.16 1.05 6.76
N VAL A 51 8.38 1.63 6.83
CA VAL A 51 8.67 2.64 7.83
C VAL A 51 8.78 3.95 7.11
N PHE A 52 8.04 4.95 7.62
CA PHE A 52 8.05 6.29 7.11
C PHE A 52 8.52 7.17 8.20
N HIS A 53 9.49 8.04 7.87
CA HIS A 53 10.06 8.93 8.84
C HIS A 53 9.39 10.24 8.63
N THR A 54 8.77 10.73 9.72
CA THR A 54 8.05 11.98 9.66
C THR A 54 8.57 12.97 10.66
N ASN A 55 7.95 14.18 10.67
CA ASN A 55 8.28 15.28 11.55
C ASN A 55 8.14 14.86 12.98
N ARG A 56 7.12 14.03 13.30
CA ARG A 56 6.90 13.54 14.63
C ARG A 56 7.66 12.28 14.94
N GLY A 57 8.50 11.79 14.00
CA GLY A 57 9.28 10.60 14.21
C GLY A 57 8.83 9.48 13.30
N PRO A 58 9.49 8.29 13.40
CA PRO A 58 9.16 7.14 12.61
C PRO A 58 7.81 6.55 12.92
N ILE A 59 7.10 6.11 11.87
CA ILE A 59 5.79 5.51 11.94
C ILE A 59 5.94 4.25 11.11
N LYS A 60 5.37 3.10 11.55
CA LYS A 60 5.44 1.92 10.74
C LYS A 60 4.06 1.53 10.32
N PHE A 61 3.87 1.32 9.01
CA PHE A 61 2.62 0.94 8.47
C PHE A 61 2.80 -0.49 8.04
N ASN A 62 2.01 -1.39 8.66
CA ASN A 62 2.06 -2.78 8.30
C ASN A 62 1.01 -2.88 7.25
N VAL A 63 1.47 -3.00 5.99
CA VAL A 63 0.58 -3.05 4.86
C VAL A 63 0.31 -4.47 4.54
N TRP A 64 -0.99 -4.81 4.50
CA TRP A 64 -1.40 -6.14 4.20
C TRP A 64 -1.91 -6.10 2.79
N ASP A 65 -1.09 -6.69 1.89
CA ASP A 65 -1.39 -6.76 0.49
C ASP A 65 -2.23 -7.99 0.35
N THR A 66 -3.50 -7.79 -0.07
CA THR A 66 -4.41 -8.88 -0.22
C THR A 66 -4.54 -9.38 -1.64
N ALA A 67 -5.10 -10.59 -1.80
CA ALA A 67 -5.32 -11.19 -3.10
C ALA A 67 -6.62 -10.66 -3.65
N GLY A 68 -6.60 -10.19 -4.92
CA GLY A 68 -7.78 -9.66 -5.56
C GLY A 68 -8.64 -10.75 -6.16
N GLN A 69 -8.10 -11.98 -6.21
CA GLN A 69 -8.72 -13.17 -6.73
C GLN A 69 -9.88 -13.62 -5.88
N GLU A 70 -9.70 -13.51 -4.55
CA GLU A 70 -10.66 -13.92 -3.55
C GLU A 70 -11.97 -13.20 -3.61
N LYS A 71 -13.04 -13.98 -3.35
CA LYS A 71 -14.41 -13.54 -3.35
C LYS A 71 -14.69 -12.64 -2.19
N PHE A 72 -15.65 -11.72 -2.39
CA PHE A 72 -16.07 -10.74 -1.42
C PHE A 72 -16.87 -11.47 -0.36
N GLY A 73 -16.57 -11.22 0.94
CA GLY A 73 -17.32 -11.90 1.96
C GLY A 73 -16.63 -12.00 3.28
N GLY A 74 -17.22 -12.87 4.14
CA GLY A 74 -16.80 -13.18 5.49
C GLY A 74 -15.45 -13.82 5.59
N LEU A 75 -14.97 -14.45 4.49
CA LEU A 75 -13.69 -15.09 4.37
C LEU A 75 -12.59 -14.09 4.58
N ARG A 76 -12.81 -12.87 4.06
CA ARG A 76 -11.93 -11.73 4.04
C ARG A 76 -11.96 -10.91 5.32
N ASP A 77 -12.81 -11.28 6.32
CA ASP A 77 -12.96 -10.53 7.54
C ASP A 77 -11.74 -10.37 8.38
N GLY A 78 -10.92 -11.44 8.56
CA GLY A 78 -9.73 -11.43 9.38
C GLY A 78 -8.72 -10.42 8.94
N TYR A 79 -8.58 -10.26 7.61
CA TYR A 79 -7.66 -9.38 6.95
C TYR A 79 -7.99 -7.95 7.35
N TYR A 80 -9.30 -7.60 7.36
CA TYR A 80 -9.68 -6.23 7.63
C TYR A 80 -9.92 -5.94 9.10
N ILE A 81 -10.05 -6.97 9.98
CA ILE A 81 -10.28 -6.77 11.40
C ILE A 81 -9.13 -6.01 12.00
N GLN A 82 -9.48 -4.98 12.81
CA GLN A 82 -8.59 -4.07 13.48
C GLN A 82 -7.77 -3.21 12.55
N ALA A 83 -8.26 -2.99 11.30
CA ALA A 83 -7.57 -2.13 10.36
C ALA A 83 -7.75 -0.71 10.79
N GLN A 84 -6.64 0.06 10.68
CA GLN A 84 -6.62 1.45 11.05
C GLN A 84 -6.94 2.28 9.84
N CYS A 85 -6.49 1.84 8.64
CA CYS A 85 -6.75 2.53 7.40
C CYS A 85 -6.72 1.58 6.25
N ALA A 86 -7.27 2.03 5.10
CA ALA A 86 -7.28 1.19 3.93
C ALA A 86 -6.99 1.92 2.66
N ILE A 87 -6.44 1.15 1.69
CA ILE A 87 -6.16 1.68 0.39
C ILE A 87 -6.89 0.73 -0.54
N ILE A 88 -7.78 1.29 -1.39
CA ILE A 88 -8.54 0.52 -2.34
C ILE A 88 -7.94 0.95 -3.65
N MET A 89 -7.42 -0.04 -4.40
CA MET A 89 -6.80 0.23 -5.65
C MET A 89 -7.55 -0.30 -6.82
N PHE A 90 -7.68 0.60 -7.82
CA PHE A 90 -8.33 0.28 -9.06
C PHE A 90 -7.44 0.70 -10.19
N ASP A 91 -7.67 0.11 -11.38
CA ASP A 91 -6.89 0.41 -12.55
C ASP A 91 -7.75 1.33 -13.36
N VAL A 92 -7.19 2.51 -13.70
CA VAL A 92 -7.88 3.52 -14.48
C VAL A 92 -8.22 3.08 -15.87
N THR A 93 -7.51 2.07 -16.40
CA THR A 93 -7.77 1.58 -17.72
C THR A 93 -8.81 0.47 -17.71
N SER A 94 -9.26 0.01 -16.51
CA SER A 94 -10.24 -1.04 -16.44
C SER A 94 -11.48 -0.59 -15.74
N ARG A 95 -12.59 -0.58 -16.52
CA ARG A 95 -13.89 -0.21 -16.04
C ARG A 95 -14.39 -1.23 -15.06
N VAL A 96 -14.12 -2.53 -15.32
CA VAL A 96 -14.52 -3.65 -14.50
C VAL A 96 -13.91 -3.54 -13.13
N THR A 97 -12.60 -3.16 -13.06
CA THR A 97 -11.88 -3.01 -11.81
C THR A 97 -12.53 -1.90 -11.00
N TYR A 98 -12.90 -0.78 -11.68
CA TYR A 98 -13.54 0.36 -11.05
C TYR A 98 -14.91 -0.07 -10.51
N LYS A 99 -15.66 -0.90 -11.26
CA LYS A 99 -16.97 -1.39 -10.87
C LYS A 99 -16.91 -2.18 -9.60
N ASN A 100 -15.84 -2.97 -9.40
CA ASN A 100 -15.67 -3.77 -8.20
C ASN A 100 -15.30 -2.97 -6.96
N VAL A 101 -14.93 -1.67 -7.11
CA VAL A 101 -14.55 -0.82 -6.01
C VAL A 101 -15.69 -0.68 -5.00
N PRO A 102 -16.99 -0.46 -5.39
CA PRO A 102 -18.08 -0.37 -4.43
C PRO A 102 -18.21 -1.61 -3.60
N ASN A 103 -17.93 -2.82 -4.17
CA ASN A 103 -17.99 -4.06 -3.47
C ASN A 103 -16.93 -4.11 -2.39
N TRP A 104 -15.69 -3.66 -2.72
CA TRP A 104 -14.59 -3.63 -1.78
C TRP A 104 -14.94 -2.68 -0.67
N HIS A 105 -15.45 -1.48 -1.02
CA HIS A 105 -15.85 -0.47 -0.09
C HIS A 105 -17.31 -0.64 0.24
N ARG A 106 -17.60 -1.79 0.86
CA ARG A 106 -18.90 -2.18 1.33
C ARG A 106 -18.52 -3.18 2.36
N ASP A 107 -17.78 -4.23 1.93
CA ASP A 107 -17.31 -5.29 2.78
C ASP A 107 -16.37 -4.69 3.82
N LEU A 108 -15.50 -3.74 3.39
CA LEU A 108 -14.56 -3.07 4.25
C LEU A 108 -15.25 -2.27 5.33
N VAL A 109 -16.30 -1.51 4.93
CA VAL A 109 -17.11 -0.65 5.78
C VAL A 109 -17.81 -1.49 6.81
N ARG A 110 -18.30 -2.69 6.43
CA ARG A 110 -19.00 -3.58 7.33
C ARG A 110 -18.10 -3.94 8.48
N VAL A 111 -16.83 -4.32 8.20
CA VAL A 111 -15.89 -4.69 9.22
C VAL A 111 -15.38 -3.55 10.10
N CYS A 112 -14.92 -2.42 9.51
CA CYS A 112 -14.34 -1.36 10.31
C CYS A 112 -15.02 -0.02 10.43
N GLU A 113 -16.25 0.11 9.91
CA GLU A 113 -17.03 1.33 9.93
C GLU A 113 -16.30 2.50 9.31
N ASN A 114 -16.12 3.65 10.01
CA ASN A 114 -15.44 4.76 9.39
C ASN A 114 -14.04 4.84 9.90
N ILE A 115 -13.11 4.63 8.94
CA ILE A 115 -11.67 4.72 9.09
C ILE A 115 -11.22 5.36 7.79
N PRO A 116 -10.06 6.09 7.76
CA PRO A 116 -9.58 6.74 6.55
C PRO A 116 -9.30 5.76 5.45
N ILE A 117 -9.89 6.00 4.26
CA ILE A 117 -9.68 5.14 3.12
C ILE A 117 -9.32 6.01 1.95
N VAL A 118 -8.29 5.56 1.20
CA VAL A 118 -7.80 6.25 0.04
C VAL A 118 -8.03 5.36 -1.15
N LEU A 119 -8.60 5.94 -2.22
CA LEU A 119 -8.85 5.28 -3.47
C LEU A 119 -7.71 5.71 -4.34
N CYS A 120 -7.01 4.72 -4.91
CA CYS A 120 -5.90 4.98 -5.76
C CYS A 120 -6.21 4.49 -7.14
N GLY A 121 -6.12 5.43 -8.11
CA GLY A 121 -6.35 5.15 -9.49
C GLY A 121 -4.98 4.93 -10.02
N ASN A 122 -4.61 3.65 -10.19
CA ASN A 122 -3.31 3.29 -10.66
C ASN A 122 -3.27 3.28 -12.16
N LYS A 123 -2.01 3.25 -12.67
CA LYS A 123 -1.60 3.23 -14.05
C LYS A 123 -2.07 4.44 -14.82
N VAL A 124 -1.97 5.63 -14.18
CA VAL A 124 -2.34 6.88 -14.81
C VAL A 124 -1.41 7.24 -15.97
N ASP A 125 -0.23 6.57 -16.03
CA ASP A 125 0.80 6.72 -17.04
C ASP A 125 0.26 6.34 -18.40
N ILE A 126 -0.59 5.27 -18.47
CA ILE A 126 -1.17 4.78 -19.71
C ILE A 126 -2.11 5.84 -20.25
N LYS A 127 -1.94 6.16 -21.56
CA LYS A 127 -2.73 7.15 -22.25
C LYS A 127 -4.18 6.86 -22.43
N ASP A 128 -4.55 5.60 -22.73
CA ASP A 128 -5.93 5.23 -22.95
C ASP A 128 -6.59 4.99 -21.60
N ARG A 129 -6.92 6.11 -20.91
CA ARG A 129 -7.56 6.09 -19.62
C ARG A 129 -9.03 6.07 -19.86
N LYS A 130 -9.72 5.13 -19.19
CA LYS A 130 -11.13 4.98 -19.34
C LYS A 130 -11.86 5.60 -18.20
N VAL A 131 -11.35 5.43 -16.96
CA VAL A 131 -12.00 5.99 -15.80
C VAL A 131 -11.26 7.27 -15.56
N LYS A 132 -11.94 8.39 -15.86
CA LYS A 132 -11.41 9.72 -15.72
C LYS A 132 -11.62 10.21 -14.33
N ALA A 133 -10.70 11.12 -13.89
CA ALA A 133 -10.71 11.70 -12.56
C ALA A 133 -11.95 12.50 -12.31
N LYS A 134 -12.42 13.28 -13.31
CA LYS A 134 -13.60 14.10 -13.23
C LYS A 134 -14.83 13.25 -13.03
N SER A 135 -14.88 12.10 -13.75
CA SER A 135 -15.95 11.15 -13.74
C SER A 135 -16.16 10.48 -12.41
N ILE A 136 -15.06 10.18 -11.68
CA ILE A 136 -15.14 9.50 -10.39
C ILE A 136 -15.88 10.37 -9.42
N VAL A 137 -16.96 9.77 -8.86
CA VAL A 137 -17.84 10.38 -7.88
C VAL A 137 -17.92 9.54 -6.63
N PHE A 138 -17.34 8.31 -6.66
CA PHE A 138 -17.37 7.36 -5.59
C PHE A 138 -16.76 7.90 -4.33
N HIS A 139 -15.58 8.56 -4.44
CA HIS A 139 -14.90 9.11 -3.31
C HIS A 139 -15.70 10.19 -2.61
N ARG A 140 -16.36 11.06 -3.40
CA ARG A 140 -17.15 12.17 -2.92
C ARG A 140 -18.31 11.66 -2.10
N LYS A 141 -19.01 10.63 -2.60
CA LYS A 141 -20.14 10.02 -1.94
C LYS A 141 -19.76 9.33 -0.66
N LYS A 142 -18.63 8.59 -0.71
CA LYS A 142 -18.16 7.80 0.40
C LYS A 142 -17.23 8.50 1.35
N ASN A 143 -16.92 9.81 1.12
CA ASN A 143 -16.02 10.61 1.94
C ASN A 143 -14.65 9.99 2.07
N LEU A 144 -14.11 9.58 0.91
CA LEU A 144 -12.82 8.97 0.77
C LEU A 144 -11.95 9.93 0.01
N GLN A 145 -10.61 9.76 0.13
CA GLN A 145 -9.67 10.60 -0.56
C GLN A 145 -9.27 9.92 -1.82
N TYR A 146 -9.12 10.66 -2.94
CA TYR A 146 -8.73 10.06 -4.18
C TYR A 146 -7.40 10.61 -4.65
N TYR A 147 -6.51 9.66 -5.04
CA TYR A 147 -5.22 9.99 -5.58
C TYR A 147 -4.96 9.28 -6.88
N ASP A 148 -4.39 10.01 -7.84
CA ASP A 148 -4.02 9.50 -9.14
C ASP A 148 -2.62 9.02 -8.88
N ILE A 149 -2.33 7.72 -9.10
CA ILE A 149 -1.00 7.21 -8.88
C ILE A 149 -0.50 6.43 -10.06
N SER A 150 0.83 6.41 -10.21
CA SER A 150 1.44 5.62 -11.23
C SER A 150 2.58 4.94 -10.55
N ALA A 151 2.53 3.58 -10.49
CA ALA A 151 3.56 2.79 -9.88
C ALA A 151 4.85 2.97 -10.65
N LYS A 152 4.76 2.90 -11.99
CA LYS A 152 5.90 3.06 -12.85
C LYS A 152 6.51 4.42 -12.89
N SER A 153 5.66 5.47 -12.91
CA SER A 153 6.15 6.83 -12.99
C SER A 153 6.39 7.50 -11.67
N ASN A 154 6.05 6.84 -10.53
CA ASN A 154 6.19 7.37 -9.18
C ASN A 154 5.33 8.58 -8.95
N TYR A 155 4.24 8.74 -9.74
CA TYR A 155 3.37 9.87 -9.63
C TYR A 155 2.53 9.62 -8.41
N ASN A 156 2.58 10.60 -7.47
CA ASN A 156 1.89 10.62 -6.20
C ASN A 156 2.15 9.38 -5.39
N PHE A 157 3.43 8.92 -5.44
CA PHE A 157 3.92 7.74 -4.79
C PHE A 157 3.73 7.71 -3.30
N GLU A 158 4.09 8.80 -2.60
CA GLU A 158 3.97 8.84 -1.16
C GLU A 158 2.72 9.47 -0.65
N LYS A 159 1.89 10.06 -1.54
CA LYS A 159 0.70 10.75 -1.08
C LYS A 159 -0.33 9.97 -0.32
N PRO A 160 -0.77 8.74 -0.70
CA PRO A 160 -1.75 8.01 0.08
C PRO A 160 -1.27 7.72 1.48
N PHE A 161 0.01 7.33 1.64
CA PHE A 161 0.60 7.03 2.92
C PHE A 161 0.63 8.23 3.80
N LEU A 162 1.06 9.39 3.22
CA LEU A 162 1.14 10.62 3.95
C LEU A 162 -0.19 11.10 4.41
N TRP A 163 -1.23 11.03 3.55
CA TRP A 163 -2.56 11.48 3.90
C TRP A 163 -3.10 10.67 5.03
N LEU A 164 -2.92 9.32 4.98
CA LEU A 164 -3.39 8.41 6.01
C LEU A 164 -2.73 8.72 7.31
N ALA A 165 -1.40 8.95 7.29
CA ALA A 165 -0.61 9.25 8.47
C ALA A 165 -1.07 10.52 9.11
N ARG A 166 -1.35 11.57 8.30
CA ARG A 166 -1.80 12.85 8.76
C ARG A 166 -3.11 12.75 9.47
N LYS A 167 -4.07 11.99 8.88
CA LYS A 167 -5.37 11.81 9.47
C LYS A 167 -5.34 11.06 10.76
N LEU A 168 -4.58 9.95 10.80
CA LEU A 168 -4.45 9.10 11.97
C LEU A 168 -3.83 9.83 13.12
N ILE A 169 -2.71 10.54 12.86
CA ILE A 169 -1.99 11.31 13.85
C ILE A 169 -2.77 12.53 14.27
N GLY A 170 -3.45 13.18 13.29
CA GLY A 170 -4.22 14.37 13.53
C GLY A 170 -3.42 15.61 13.27
N ASP A 171 -2.21 15.50 12.65
CA ASP A 171 -1.41 16.65 12.37
C ASP A 171 -1.45 16.88 10.88
N PRO A 172 -2.15 17.96 10.42
CA PRO A 172 -2.27 18.30 9.02
C PRO A 172 -0.96 18.72 8.38
N ASN A 173 0.01 19.18 9.19
CA ASN A 173 1.29 19.65 8.75
C ASN A 173 2.36 18.59 8.72
N LEU A 174 2.00 17.31 9.01
CA LEU A 174 2.95 16.22 9.06
C LEU A 174 3.59 16.03 7.71
N GLU A 175 4.94 15.95 7.68
CA GLU A 175 5.67 15.78 6.46
C GLU A 175 6.76 14.76 6.60
N PHE A 176 7.11 14.13 5.45
CA PHE A 176 8.11 13.12 5.32
C PHE A 176 9.47 13.76 5.37
N VAL A 177 10.38 13.14 6.16
CA VAL A 177 11.74 13.57 6.34
C VAL A 177 12.60 12.42 5.87
N ALA A 178 13.86 12.74 5.48
CA ALA A 178 14.80 11.78 4.95
C ALA A 178 15.14 10.61 5.83
N MET A 179 16.12 10.73 6.75
CA MET A 179 16.46 9.60 7.58
C MET A 179 17.14 9.98 8.87
N PRO A 180 16.42 10.00 10.02
CA PRO A 180 16.99 10.28 11.31
C PRO A 180 17.79 9.06 11.71
N ALA A 181 18.82 9.25 12.55
CA ALA A 181 19.62 8.14 12.96
C ALA A 181 18.89 7.55 14.13
N LEU A 182 18.42 6.30 13.92
CA LEU A 182 17.69 5.57 14.93
C LEU A 182 18.65 4.71 15.68
N ALA A 183 18.29 4.38 16.93
CA ALA A 183 19.12 3.55 17.77
C ALA A 183 18.88 2.12 17.35
N PRO A 184 19.97 1.37 17.02
CA PRO A 184 19.88 -0.02 16.62
C PRO A 184 19.36 -0.93 17.69
N PRO A 185 18.57 -1.98 17.33
CA PRO A 185 18.03 -2.93 18.27
C PRO A 185 19.09 -3.84 18.83
N GLU A 186 18.75 -4.57 19.92
CA GLU A 186 19.65 -5.48 20.59
C GLU A 186 20.10 -6.60 19.70
N VAL A 187 19.16 -7.20 18.90
CA VAL A 187 19.38 -8.29 17.98
C VAL A 187 19.96 -9.49 18.71
N VAL A 188 19.09 -10.11 19.56
CA VAL A 188 19.43 -11.26 20.36
C VAL A 188 19.33 -12.60 19.65
N MET A 189 19.95 -13.64 20.28
CA MET A 189 20.00 -15.03 19.88
C MET A 189 20.45 -15.30 18.47
N ASP A 190 19.62 -16.04 17.65
CA ASP A 190 19.84 -16.44 16.29
C ASP A 190 21.09 -17.26 15.95
N PRO A 191 21.52 -18.30 16.76
CA PRO A 191 22.71 -19.07 16.42
C PRO A 191 22.59 -19.79 15.10
N ALA A 192 21.47 -20.51 14.88
CA ALA A 192 21.20 -21.25 13.67
C ALA A 192 20.93 -20.30 12.54
N LEU A 193 20.16 -19.24 12.84
CA LEU A 193 19.76 -18.23 11.90
C LEU A 193 20.85 -17.41 11.31
N ALA A 194 21.89 -17.06 12.09
CA ALA A 194 23.00 -16.24 11.64
C ALA A 194 23.91 -16.98 10.70
N ALA A 195 24.80 -16.19 10.00
CA ALA A 195 25.78 -16.63 9.02
C ALA A 195 25.23 -17.03 7.68
N GLN A 196 24.12 -17.81 7.68
CA GLN A 196 23.44 -18.31 6.52
C GLN A 196 22.94 -17.20 5.65
N TYR A 197 22.48 -16.08 6.26
CA TYR A 197 21.95 -14.93 5.57
C TYR A 197 22.99 -14.34 4.63
N GLU A 198 24.28 -14.28 5.05
CA GLU A 198 25.37 -13.76 4.24
C GLU A 198 25.55 -14.60 3.00
N HIS A 199 25.48 -15.94 3.15
CA HIS A 199 25.62 -16.90 2.08
C HIS A 199 24.49 -16.73 1.08
N ASP A 200 23.25 -16.51 1.59
CA ASP A 200 22.06 -16.31 0.80
C ASP A 200 22.20 -15.08 -0.05
N LEU A 201 22.78 -13.98 0.53
CA LEU A 201 23.01 -12.74 -0.16
C LEU A 201 23.97 -12.95 -1.30
N GLU A 202 25.03 -13.77 -1.09
CA GLU A 202 26.02 -14.09 -2.09
C GLU A 202 25.39 -14.79 -3.27
N VAL A 203 24.47 -15.75 -2.98
CA VAL A 203 23.76 -16.52 -3.99
C VAL A 203 22.91 -15.56 -4.82
N ALA A 204 22.25 -14.59 -4.13
CA ALA A 204 21.41 -13.58 -4.76
C ALA A 204 22.21 -12.72 -5.70
N GLN A 205 23.43 -12.32 -5.27
CA GLN A 205 24.36 -11.50 -6.04
C GLN A 205 24.75 -12.21 -7.30
N THR A 206 25.03 -13.53 -7.21
CA THR A 206 25.42 -14.36 -8.33
C THR A 206 24.31 -14.45 -9.35
N THR A 207 23.04 -14.59 -8.89
CA THR A 207 21.87 -14.72 -9.74
C THR A 207 21.64 -13.48 -10.59
N ALA A 208 21.34 -13.73 -11.90
CA ALA A 208 21.08 -12.70 -12.87
C ALA A 208 19.74 -12.07 -12.60
N LEU A 209 19.65 -10.75 -12.86
CA LEU A 209 18.45 -10.00 -12.63
C LEU A 209 17.75 -9.83 -13.96
N PRO A 210 16.44 -10.23 -14.05
CA PRO A 210 15.65 -10.09 -15.24
C PRO A 210 15.31 -8.63 -15.47
N ASP A 211 14.81 -8.28 -16.68
CA ASP A 211 14.46 -6.92 -16.98
C ASP A 211 13.14 -6.64 -16.31
N GLU A 212 13.23 -5.81 -15.25
CA GLU A 212 12.09 -5.42 -14.48
C GLU A 212 12.05 -3.92 -14.46
N ASP A 213 13.12 -3.28 -13.91
CA ASP A 213 13.21 -1.84 -13.81
C ASP A 213 14.25 -1.21 -14.69
N ASP A 214 14.79 -1.97 -15.67
CA ASP A 214 15.82 -1.51 -16.57
C ASP A 214 15.40 -0.35 -17.42
N ASP A 215 14.13 -0.33 -17.88
CA ASP A 215 13.59 0.71 -18.71
C ASP A 215 13.61 2.07 -18.06
N LEU A 216 13.27 2.15 -16.76
CA LEU A 216 13.27 3.39 -16.05
C LEU A 216 14.69 3.70 -15.56
N MET A 1 4.86 -3.15 21.62
CA MET A 1 5.34 -2.03 20.82
C MET A 1 6.40 -2.52 19.87
N ALA A 2 7.49 -3.08 20.43
CA ALA A 2 8.61 -3.61 19.71
C ALA A 2 8.23 -4.75 18.81
N ALA A 3 7.35 -5.66 19.31
CA ALA A 3 6.87 -6.80 18.56
C ALA A 3 6.14 -6.37 17.33
N GLN A 4 5.26 -5.36 17.48
CA GLN A 4 4.48 -4.80 16.42
C GLN A 4 5.35 -4.11 15.40
N GLY A 5 6.43 -3.44 15.88
CA GLY A 5 7.29 -2.71 14.99
C GLY A 5 6.81 -1.29 15.00
N GLU A 6 6.08 -0.92 16.07
CA GLU A 6 5.50 0.34 16.37
C GLU A 6 6.63 1.03 17.08
N PRO A 7 7.40 1.96 16.40
CA PRO A 7 8.48 2.67 17.05
C PRO A 7 7.85 3.50 18.12
N GLN A 8 6.76 4.18 17.70
CA GLN A 8 5.94 5.02 18.48
C GLN A 8 4.59 4.47 18.15
N VAL A 9 4.16 4.56 16.85
CA VAL A 9 2.85 4.10 16.46
C VAL A 9 2.96 3.20 15.23
N GLN A 10 2.06 2.18 15.19
CA GLN A 10 1.91 1.26 14.11
C GLN A 10 0.47 1.35 13.72
N PHE A 11 0.23 1.48 12.39
CA PHE A 11 -1.08 1.56 11.84
C PHE A 11 -1.26 0.39 10.92
N LYS A 12 -2.44 -0.27 11.05
CA LYS A 12 -2.77 -1.41 10.24
C LYS A 12 -3.48 -0.86 9.04
N LEU A 13 -2.78 -1.02 7.90
CA LEU A 13 -3.23 -0.59 6.61
C LEU A 13 -3.58 -1.80 5.82
N VAL A 14 -4.83 -1.82 5.32
CA VAL A 14 -5.26 -2.94 4.53
C VAL A 14 -5.36 -2.44 3.13
N LEU A 15 -4.62 -3.13 2.24
CA LEU A 15 -4.58 -2.80 0.85
C LEU A 15 -5.38 -3.83 0.14
N VAL A 16 -6.46 -3.35 -0.52
CA VAL A 16 -7.40 -4.15 -1.25
C VAL A 16 -7.58 -3.62 -2.66
N GLY A 17 -8.14 -4.46 -3.54
CA GLY A 17 -8.38 -4.09 -4.90
C GLY A 17 -8.34 -5.33 -5.74
N ASP A 18 -8.72 -5.18 -7.03
CA ASP A 18 -8.74 -6.29 -7.94
C ASP A 18 -7.37 -6.73 -8.37
N GLY A 19 -7.29 -7.96 -8.92
CA GLY A 19 -6.06 -8.53 -9.39
C GLY A 19 -5.57 -7.78 -10.59
N GLY A 20 -4.24 -7.58 -10.64
CA GLY A 20 -3.57 -6.89 -11.71
C GLY A 20 -3.59 -5.39 -11.57
N THR A 21 -4.18 -4.86 -10.47
CA THR A 21 -4.26 -3.46 -10.21
C THR A 21 -2.89 -2.85 -10.01
N GLY A 22 -1.98 -3.54 -9.29
CA GLY A 22 -0.67 -3.00 -9.06
C GLY A 22 -0.42 -2.74 -7.61
N LYS A 23 -1.22 -3.37 -6.72
CA LYS A 23 -1.13 -3.24 -5.28
C LYS A 23 0.22 -3.75 -4.80
N THR A 24 0.61 -4.93 -5.33
CA THR A 24 1.84 -5.62 -5.02
C THR A 24 3.00 -4.79 -5.48
N THR A 25 2.91 -4.20 -6.70
CA THR A 25 3.94 -3.39 -7.29
C THR A 25 4.15 -2.14 -6.45
N PHE A 26 3.05 -1.50 -5.95
CA PHE A 26 3.08 -0.31 -5.12
C PHE A 26 3.85 -0.59 -3.86
N VAL A 27 3.54 -1.72 -3.19
CA VAL A 27 4.18 -2.12 -1.95
C VAL A 27 5.65 -2.40 -2.17
N LYS A 28 5.99 -3.13 -3.25
CA LYS A 28 7.36 -3.47 -3.57
C LYS A 28 8.21 -2.28 -3.84
N ARG A 29 7.63 -1.28 -4.54
CA ARG A 29 8.27 -0.04 -4.86
C ARG A 29 8.61 0.68 -3.58
N HIS A 30 7.68 0.73 -2.60
CA HIS A 30 7.94 1.37 -1.33
C HIS A 30 9.04 0.67 -0.55
N LEU A 31 9.01 -0.68 -0.51
CA LEU A 31 9.98 -1.50 0.17
C LEU A 31 11.39 -1.45 -0.37
N THR A 32 11.55 -1.61 -1.70
CA THR A 32 12.84 -1.68 -2.33
C THR A 32 13.18 -0.62 -3.34
N GLY A 33 12.15 -0.01 -3.97
CA GLY A 33 12.38 0.98 -4.99
C GLY A 33 12.36 0.34 -6.35
N GLU A 34 12.29 -1.01 -6.43
CA GLU A 34 12.24 -1.75 -7.66
C GLU A 34 10.88 -1.63 -8.27
N PHE A 35 10.82 -1.73 -9.62
CA PHE A 35 9.59 -1.63 -10.35
C PHE A 35 9.36 -3.00 -10.87
N GLU A 36 8.15 -3.53 -10.59
CA GLU A 36 7.79 -4.86 -10.99
C GLU A 36 6.86 -4.77 -12.16
N LYS A 37 7.30 -5.32 -13.32
CA LYS A 37 6.49 -5.33 -14.52
C LYS A 37 5.74 -6.63 -14.64
N LYS A 38 6.34 -7.74 -14.17
CA LYS A 38 5.77 -9.06 -14.24
C LYS A 38 4.90 -9.24 -13.04
N TYR A 39 3.62 -9.64 -13.26
CA TYR A 39 2.75 -9.79 -12.13
C TYR A 39 2.68 -11.24 -11.77
N VAL A 40 3.02 -11.47 -10.49
CA VAL A 40 2.99 -12.77 -9.87
C VAL A 40 1.87 -12.61 -8.88
N ALA A 41 0.93 -13.59 -8.90
CA ALA A 41 -0.23 -13.58 -8.04
C ALA A 41 0.13 -13.61 -6.59
N THR A 42 -0.64 -12.82 -5.82
CA THR A 42 -0.50 -12.70 -4.39
C THR A 42 -1.49 -13.70 -3.87
N LEU A 43 -1.00 -14.65 -3.04
CA LEU A 43 -1.83 -15.67 -2.47
C LEU A 43 -2.05 -15.28 -1.05
N GLY A 44 -3.35 -15.21 -0.66
CA GLY A 44 -3.77 -14.81 0.67
C GLY A 44 -3.34 -13.40 0.92
N VAL A 45 -2.60 -13.19 2.03
CA VAL A 45 -2.12 -11.88 2.41
C VAL A 45 -0.63 -11.92 2.61
N GLU A 46 0.02 -10.83 2.12
CA GLU A 46 1.43 -10.60 2.25
C GLU A 46 1.50 -9.46 3.21
N VAL A 47 2.24 -9.65 4.32
CA VAL A 47 2.39 -8.69 5.37
C VAL A 47 3.71 -8.01 5.14
N HIS A 48 3.68 -6.68 4.87
CA HIS A 48 4.90 -5.96 4.65
C HIS A 48 4.97 -4.76 5.53
N PRO A 49 6.02 -4.70 6.41
CA PRO A 49 6.24 -3.59 7.30
C PRO A 49 6.87 -2.46 6.54
N LEU A 50 6.31 -1.24 6.62
CA LEU A 50 6.88 -0.09 5.95
C LEU A 50 7.06 0.94 7.01
N VAL A 51 8.29 1.50 7.15
CA VAL A 51 8.54 2.51 8.15
C VAL A 51 8.69 3.80 7.39
N PHE A 52 7.92 4.83 7.83
CA PHE A 52 7.97 6.13 7.24
C PHE A 52 8.41 7.06 8.32
N HIS A 53 9.41 7.90 7.99
CA HIS A 53 9.97 8.82 8.94
C HIS A 53 9.31 10.13 8.73
N THR A 54 8.71 10.66 9.81
CA THR A 54 8.01 11.91 9.74
C THR A 54 8.56 12.89 10.75
N ASN A 55 7.98 14.11 10.77
CA ASN A 55 8.34 15.20 11.65
C ASN A 55 8.20 14.79 13.09
N ARG A 56 7.15 13.98 13.39
CA ARG A 56 6.89 13.49 14.72
C ARG A 56 7.65 12.22 15.04
N GLY A 57 8.46 11.70 14.09
CA GLY A 57 9.21 10.50 14.33
C GLY A 57 8.76 9.39 13.42
N PRO A 58 9.38 8.19 13.54
CA PRO A 58 9.04 7.04 12.74
C PRO A 58 7.67 6.47 13.05
N ILE A 59 6.93 6.09 11.99
CA ILE A 59 5.60 5.53 12.07
C ILE A 59 5.72 4.27 11.24
N LYS A 60 5.09 3.16 11.66
CA LYS A 60 5.14 1.97 10.85
C LYS A 60 3.76 1.63 10.38
N PHE A 61 3.62 1.45 9.05
CA PHE A 61 2.40 1.04 8.44
C PHE A 61 2.63 -0.39 8.11
N ASN A 62 1.79 -1.26 8.72
CA ASN A 62 1.87 -2.66 8.49
C ASN A 62 0.88 -2.76 7.37
N VAL A 63 1.39 -3.02 6.16
CA VAL A 63 0.56 -3.09 4.99
C VAL A 63 0.23 -4.52 4.78
N TRP A 64 -1.09 -4.79 4.68
CA TRP A 64 -1.58 -6.12 4.48
C TRP A 64 -2.04 -6.07 3.05
N ASP A 65 -1.21 -6.63 2.13
CA ASP A 65 -1.52 -6.65 0.72
C ASP A 65 -2.34 -7.90 0.57
N THR A 66 -3.60 -7.71 0.13
CA THR A 66 -4.49 -8.83 -0.02
C THR A 66 -4.62 -9.29 -1.45
N ALA A 67 -5.10 -10.55 -1.62
CA ALA A 67 -5.30 -11.14 -2.92
C ALA A 67 -6.59 -10.61 -3.50
N GLY A 68 -6.54 -10.17 -4.78
CA GLY A 68 -7.71 -9.65 -5.46
C GLY A 68 -8.55 -10.76 -6.05
N GLN A 69 -7.99 -11.98 -6.11
CA GLN A 69 -8.63 -13.16 -6.64
C GLN A 69 -9.77 -13.61 -5.77
N GLU A 70 -9.59 -13.51 -4.44
CA GLU A 70 -10.55 -13.92 -3.45
C GLU A 70 -11.84 -13.15 -3.52
N LYS A 71 -12.93 -13.93 -3.33
CA LYS A 71 -14.30 -13.49 -3.36
C LYS A 71 -14.61 -12.57 -2.21
N PHE A 72 -15.52 -11.61 -2.45
CA PHE A 72 -15.96 -10.62 -1.50
C PHE A 72 -16.77 -11.37 -0.47
N GLY A 73 -16.51 -11.14 0.85
CA GLY A 73 -17.28 -11.83 1.85
C GLY A 73 -16.64 -11.95 3.19
N GLY A 74 -17.25 -12.84 4.01
CA GLY A 74 -16.89 -13.18 5.37
C GLY A 74 -15.53 -13.79 5.51
N LEU A 75 -15.01 -14.38 4.41
CA LEU A 75 -13.73 -15.03 4.30
C LEU A 75 -12.62 -14.02 4.54
N ARG A 76 -12.84 -12.79 4.04
CA ARG A 76 -11.93 -11.67 4.06
C ARG A 76 -11.96 -10.88 5.36
N ASP A 77 -12.81 -11.27 6.34
CA ASP A 77 -12.94 -10.54 7.58
C ASP A 77 -11.72 -10.39 8.44
N GLY A 78 -10.92 -11.46 8.60
CA GLY A 78 -9.74 -11.44 9.43
C GLY A 78 -8.73 -10.40 9.03
N TYR A 79 -8.58 -10.23 7.70
CA TYR A 79 -7.67 -9.32 7.07
C TYR A 79 -8.03 -7.90 7.46
N TYR A 80 -9.35 -7.57 7.44
CA TYR A 80 -9.75 -6.22 7.69
C TYR A 80 -10.00 -5.91 9.16
N ILE A 81 -10.13 -6.94 10.04
CA ILE A 81 -10.37 -6.71 11.46
C ILE A 81 -9.22 -5.93 12.05
N GLN A 82 -9.58 -4.91 12.86
CA GLN A 82 -8.72 -3.99 13.54
C GLN A 82 -7.94 -3.07 12.60
N ALA A 83 -8.42 -2.91 11.33
CA ALA A 83 -7.76 -2.03 10.39
C ALA A 83 -7.98 -0.61 10.83
N GLN A 84 -6.92 0.20 10.69
CA GLN A 84 -6.96 1.59 11.07
C GLN A 84 -7.16 2.42 9.84
N CYS A 85 -6.62 1.94 8.69
CA CYS A 85 -6.76 2.63 7.44
C CYS A 85 -6.79 1.68 6.28
N ALA A 86 -7.31 2.15 5.12
CA ALA A 86 -7.36 1.30 3.97
C ALA A 86 -7.11 2.02 2.71
N ILE A 87 -6.54 1.27 1.73
CA ILE A 87 -6.31 1.81 0.43
C ILE A 87 -7.00 0.82 -0.49
N ILE A 88 -7.89 1.36 -1.34
CA ILE A 88 -8.60 0.56 -2.30
C ILE A 88 -8.00 0.99 -3.60
N MET A 89 -7.45 0.00 -4.32
CA MET A 89 -6.83 0.27 -5.58
C MET A 89 -7.55 -0.27 -6.75
N PHE A 90 -7.65 0.62 -7.75
CA PHE A 90 -8.27 0.31 -9.00
C PHE A 90 -7.35 0.72 -10.10
N ASP A 91 -7.53 0.09 -11.29
CA ASP A 91 -6.73 0.38 -12.43
C ASP A 91 -7.56 1.26 -13.30
N VAL A 92 -6.99 2.43 -13.65
CA VAL A 92 -7.67 3.42 -14.48
C VAL A 92 -7.95 2.94 -15.88
N THR A 93 -7.21 1.91 -16.35
CA THR A 93 -7.41 1.37 -17.66
C THR A 93 -8.45 0.25 -17.66
N SER A 94 -8.95 -0.16 -16.47
CA SER A 94 -9.92 -1.22 -16.38
C SER A 94 -11.20 -0.75 -15.74
N ARG A 95 -12.26 -0.80 -16.57
CA ARG A 95 -13.60 -0.43 -16.17
C ARG A 95 -14.14 -1.38 -15.16
N VAL A 96 -13.86 -2.69 -15.34
CA VAL A 96 -14.30 -3.76 -14.47
C VAL A 96 -13.73 -3.57 -13.08
N THR A 97 -12.43 -3.19 -13.00
CA THR A 97 -11.75 -2.98 -11.75
C THR A 97 -12.40 -1.85 -11.00
N TYR A 98 -12.73 -0.74 -11.70
CA TYR A 98 -13.38 0.41 -11.12
C TYR A 98 -14.77 0.04 -10.62
N LYS A 99 -15.52 -0.78 -11.39
CA LYS A 99 -16.85 -1.21 -11.06
C LYS A 99 -16.88 -1.99 -9.77
N ASN A 100 -15.84 -2.81 -9.52
CA ASN A 100 -15.69 -3.60 -8.32
C ASN A 100 -15.33 -2.82 -7.08
N VAL A 101 -14.94 -1.52 -7.21
CA VAL A 101 -14.56 -0.69 -6.09
C VAL A 101 -15.72 -0.53 -5.10
N PRO A 102 -17.01 -0.31 -5.52
CA PRO A 102 -18.12 -0.21 -4.58
C PRO A 102 -18.28 -1.44 -3.75
N ASN A 103 -18.00 -2.65 -4.32
CA ASN A 103 -18.08 -3.91 -3.64
C ASN A 103 -17.02 -3.98 -2.56
N TRP A 104 -15.77 -3.51 -2.88
CA TRP A 104 -14.68 -3.49 -1.93
C TRP A 104 -15.03 -2.55 -0.79
N HIS A 105 -15.56 -1.35 -1.13
CA HIS A 105 -15.96 -0.35 -0.17
C HIS A 105 -17.42 -0.58 0.14
N ARG A 106 -17.66 -1.74 0.75
CA ARG A 106 -18.95 -2.22 1.19
C ARG A 106 -18.53 -3.24 2.20
N ASP A 107 -17.71 -4.22 1.74
CA ASP A 107 -17.17 -5.28 2.55
C ASP A 107 -16.31 -4.66 3.64
N LEU A 108 -15.48 -3.67 3.25
CA LEU A 108 -14.59 -2.96 4.14
C LEU A 108 -15.33 -2.21 5.22
N VAL A 109 -16.40 -1.48 4.81
CA VAL A 109 -17.24 -0.66 5.65
C VAL A 109 -17.94 -1.53 6.66
N ARG A 110 -18.37 -2.74 6.25
CA ARG A 110 -19.04 -3.66 7.12
C ARG A 110 -18.16 -4.05 8.27
N VAL A 111 -16.87 -4.35 8.00
CA VAL A 111 -15.97 -4.74 9.05
C VAL A 111 -15.50 -3.61 9.96
N CYS A 112 -15.01 -2.47 9.41
CA CYS A 112 -14.49 -1.42 10.28
C CYS A 112 -15.19 -0.08 10.32
N GLU A 113 -16.38 0.04 9.71
CA GLU A 113 -17.18 1.24 9.66
C GLU A 113 -16.43 2.44 9.12
N ASN A 114 -16.35 3.57 9.88
CA ASN A 114 -15.68 4.73 9.37
C ASN A 114 -14.28 4.85 9.86
N ILE A 115 -13.36 4.69 8.90
CA ILE A 115 -11.92 4.79 9.04
C ILE A 115 -11.46 5.45 7.75
N PRO A 116 -10.33 6.22 7.72
CA PRO A 116 -9.86 6.85 6.51
C PRO A 116 -9.50 5.87 5.45
N ILE A 117 -10.07 6.08 4.24
CA ILE A 117 -9.83 5.22 3.12
C ILE A 117 -9.48 6.11 1.95
N VAL A 118 -8.44 5.66 1.22
CA VAL A 118 -7.90 6.33 0.06
C VAL A 118 -8.16 5.45 -1.13
N LEU A 119 -8.71 6.06 -2.20
CA LEU A 119 -8.95 5.38 -3.45
C LEU A 119 -7.80 5.79 -4.31
N CYS A 120 -7.09 4.79 -4.85
CA CYS A 120 -5.97 5.06 -5.70
C CYS A 120 -6.23 4.54 -7.08
N GLY A 121 -6.15 5.48 -8.04
CA GLY A 121 -6.35 5.17 -9.42
C GLY A 121 -4.97 5.01 -9.92
N ASN A 122 -4.57 3.73 -10.08
CA ASN A 122 -3.25 3.48 -10.54
C ASN A 122 -3.14 3.34 -12.02
N LYS A 123 -1.86 3.31 -12.48
CA LYS A 123 -1.41 3.23 -13.85
C LYS A 123 -1.88 4.40 -14.67
N VAL A 124 -1.84 5.61 -14.05
CA VAL A 124 -2.22 6.86 -14.69
C VAL A 124 -1.30 7.23 -15.82
N ASP A 125 -0.08 6.63 -15.85
CA ASP A 125 0.95 6.83 -16.85
C ASP A 125 0.43 6.42 -18.22
N ILE A 126 -0.34 5.31 -18.30
CA ILE A 126 -0.87 4.78 -19.54
C ILE A 126 -1.80 5.81 -20.16
N LYS A 127 -1.58 6.08 -21.48
CA LYS A 127 -2.33 7.03 -22.24
C LYS A 127 -3.78 6.70 -22.44
N ASP A 128 -4.10 5.41 -22.70
CA ASP A 128 -5.47 5.03 -22.93
C ASP A 128 -6.16 4.80 -21.60
N ARG A 129 -6.59 5.91 -20.97
CA ARG A 129 -7.27 5.88 -19.70
C ARG A 129 -8.74 5.75 -19.98
N LYS A 130 -9.38 4.79 -19.29
CA LYS A 130 -10.78 4.55 -19.46
C LYS A 130 -11.55 5.26 -18.39
N VAL A 131 -11.08 5.18 -17.13
CA VAL A 131 -11.75 5.81 -16.02
C VAL A 131 -11.00 7.10 -15.79
N LYS A 132 -11.73 8.20 -16.08
CA LYS A 132 -11.23 9.54 -15.96
C LYS A 132 -11.43 10.04 -14.57
N ALA A 133 -10.53 10.95 -14.13
CA ALA A 133 -10.54 11.55 -12.82
C ALA A 133 -11.82 12.33 -12.60
N LYS A 134 -12.27 13.06 -13.66
CA LYS A 134 -13.48 13.85 -13.66
C LYS A 134 -14.69 12.98 -13.45
N SER A 135 -14.71 11.79 -14.10
CA SER A 135 -15.77 10.82 -14.05
C SER A 135 -15.98 10.26 -12.67
N ILE A 136 -14.88 10.04 -11.91
CA ILE A 136 -14.95 9.47 -10.58
C ILE A 136 -15.67 10.42 -9.65
N VAL A 137 -16.76 9.88 -9.07
CA VAL A 137 -17.62 10.54 -8.11
C VAL A 137 -17.83 9.70 -6.87
N PHE A 138 -17.28 8.45 -6.89
CA PHE A 138 -17.42 7.48 -5.83
C PHE A 138 -16.85 7.99 -4.54
N HIS A 139 -15.68 8.64 -4.60
CA HIS A 139 -15.01 9.19 -3.44
C HIS A 139 -15.83 10.24 -2.74
N ARG A 140 -16.49 11.14 -3.51
CA ARG A 140 -17.31 12.20 -2.96
C ARG A 140 -18.49 11.66 -2.21
N LYS A 141 -19.16 10.66 -2.81
CA LYS A 141 -20.32 10.01 -2.22
C LYS A 141 -19.96 9.28 -0.96
N LYS A 142 -18.81 8.57 -0.97
CA LYS A 142 -18.35 7.78 0.14
C LYS A 142 -17.44 8.47 1.12
N ASN A 143 -17.14 9.78 0.93
CA ASN A 143 -16.27 10.58 1.78
C ASN A 143 -14.89 9.99 1.96
N LEU A 144 -14.29 9.63 0.80
CA LEU A 144 -12.98 9.05 0.72
C LEU A 144 -12.13 9.99 -0.09
N GLN A 145 -10.79 9.92 0.04
CA GLN A 145 -9.95 10.78 -0.77
C GLN A 145 -9.39 10.03 -1.92
N TYR A 146 -9.35 10.69 -3.09
CA TYR A 146 -8.87 10.09 -4.31
C TYR A 146 -7.55 10.65 -4.75
N TYR A 147 -6.62 9.73 -5.07
CA TYR A 147 -5.31 10.07 -5.55
C TYR A 147 -4.99 9.33 -6.82
N ASP A 148 -4.45 10.07 -7.82
CA ASP A 148 -4.02 9.52 -9.09
C ASP A 148 -2.61 9.09 -8.81
N ILE A 149 -2.30 7.78 -8.98
CA ILE A 149 -0.96 7.31 -8.72
C ILE A 149 -0.46 6.47 -9.86
N SER A 150 0.88 6.44 -10.01
CA SER A 150 1.49 5.61 -11.00
C SER A 150 2.63 4.95 -10.30
N ALA A 151 2.58 3.60 -10.22
CA ALA A 151 3.62 2.82 -9.59
C ALA A 151 4.90 2.97 -10.37
N LYS A 152 4.79 2.88 -11.71
CA LYS A 152 5.89 2.98 -12.62
C LYS A 152 6.53 4.34 -12.66
N SER A 153 5.72 5.41 -12.68
CA SER A 153 6.23 6.75 -12.76
C SER A 153 6.46 7.44 -11.45
N ASN A 154 6.08 6.79 -10.31
CA ASN A 154 6.22 7.33 -8.96
C ASN A 154 5.37 8.57 -8.75
N TYR A 155 4.31 8.74 -9.60
CA TYR A 155 3.46 9.89 -9.49
C TYR A 155 2.59 9.67 -8.30
N ASN A 156 2.62 10.65 -7.37
CA ASN A 156 1.91 10.71 -6.11
C ASN A 156 2.16 9.46 -5.28
N PHE A 157 3.44 9.01 -5.29
CA PHE A 157 3.94 7.84 -4.60
C PHE A 157 3.70 7.94 -3.12
N GLU A 158 4.05 9.11 -2.54
CA GLU A 158 3.96 9.41 -1.15
C GLU A 158 2.63 9.82 -0.60
N LYS A 159 1.76 10.38 -1.47
CA LYS A 159 0.52 10.93 -1.00
C LYS A 159 -0.48 10.10 -0.26
N PRO A 160 -0.84 8.85 -0.66
CA PRO A 160 -1.82 8.07 0.10
C PRO A 160 -1.38 7.81 1.52
N PHE A 161 -0.11 7.39 1.72
CA PHE A 161 0.38 7.14 3.05
C PHE A 161 0.46 8.36 3.89
N LEU A 162 0.91 9.49 3.30
CA LEU A 162 1.02 10.73 4.03
C LEU A 162 -0.30 11.24 4.49
N TRP A 163 -1.34 11.19 3.62
CA TRP A 163 -2.64 11.66 3.99
C TRP A 163 -3.21 10.82 5.11
N LEU A 164 -3.05 9.47 5.01
CA LEU A 164 -3.55 8.56 6.02
C LEU A 164 -2.91 8.84 7.34
N ALA A 165 -1.57 9.05 7.35
CA ALA A 165 -0.81 9.32 8.54
C ALA A 165 -1.24 10.60 9.18
N ARG A 166 -1.47 11.67 8.37
CA ARG A 166 -1.90 12.96 8.86
C ARG A 166 -3.23 12.88 9.53
N LYS A 167 -4.19 12.17 8.89
CA LYS A 167 -5.53 12.02 9.39
C LYS A 167 -5.58 11.26 10.69
N LEU A 168 -4.86 10.13 10.74
CA LEU A 168 -4.79 9.27 11.90
C LEU A 168 -4.16 9.93 13.09
N ILE A 169 -2.99 10.59 12.88
CA ILE A 169 -2.27 11.29 13.91
C ILE A 169 -3.02 12.52 14.34
N GLY A 170 -3.62 13.23 13.37
CA GLY A 170 -4.36 14.44 13.61
C GLY A 170 -3.51 15.66 13.40
N ASP A 171 -2.26 15.50 12.86
CA ASP A 171 -1.39 16.61 12.62
C ASP A 171 -1.45 16.91 11.13
N PRO A 172 -2.11 18.04 10.74
CA PRO A 172 -2.23 18.46 9.36
C PRO A 172 -0.93 18.84 8.72
N ASN A 173 0.08 19.21 9.54
CA ASN A 173 1.37 19.66 9.12
C ASN A 173 2.40 18.56 9.05
N LEU A 174 2.00 17.27 9.25
CA LEU A 174 2.92 16.16 9.25
C LEU A 174 3.56 16.02 7.89
N GLU A 175 4.92 15.95 7.86
CA GLU A 175 5.68 15.83 6.64
C GLU A 175 6.70 14.74 6.76
N PHE A 176 7.03 14.15 5.59
CA PHE A 176 7.96 13.07 5.45
C PHE A 176 9.36 13.63 5.44
N VAL A 177 10.27 12.97 6.21
CA VAL A 177 11.65 13.35 6.33
C VAL A 177 12.49 12.18 5.87
N ALA A 178 13.77 12.46 5.52
CA ALA A 178 14.71 11.49 5.01
C ALA A 178 14.98 10.29 5.90
N MET A 179 16.02 10.34 6.78
CA MET A 179 16.30 9.20 7.62
C MET A 179 17.03 9.54 8.89
N PRO A 180 16.31 9.68 10.04
CA PRO A 180 16.91 9.95 11.32
C PRO A 180 17.56 8.68 11.83
N ALA A 181 18.56 8.81 12.73
CA ALA A 181 19.20 7.66 13.28
C ALA A 181 18.24 7.06 14.26
N LEU A 182 17.96 5.76 14.09
CA LEU A 182 17.02 5.07 14.93
C LEU A 182 17.72 4.08 15.79
N ALA A 183 17.36 4.08 17.09
CA ALA A 183 17.89 3.16 18.05
C ALA A 183 17.05 1.92 17.86
N PRO A 184 17.68 0.74 17.66
CA PRO A 184 16.98 -0.50 17.45
C PRO A 184 16.12 -0.93 18.62
N PRO A 185 14.91 -1.50 18.35
CA PRO A 185 14.00 -1.96 19.37
C PRO A 185 14.48 -3.22 20.04
N GLU A 186 13.82 -3.57 21.17
CA GLU A 186 14.10 -4.74 21.98
C GLU A 186 13.91 -6.01 21.17
N VAL A 187 12.82 -6.06 20.36
CA VAL A 187 12.42 -7.15 19.48
C VAL A 187 12.00 -8.34 20.29
N VAL A 188 10.67 -8.49 20.39
CA VAL A 188 10.01 -9.56 21.09
C VAL A 188 8.97 -10.18 20.17
N MET A 189 8.47 -11.36 20.59
CA MET A 189 7.46 -12.17 19.91
C MET A 189 7.75 -12.49 18.45
N ASP A 190 6.77 -12.29 17.52
CA ASP A 190 6.81 -12.53 16.09
C ASP A 190 7.28 -13.89 15.60
N PRO A 191 6.80 -15.05 16.15
CA PRO A 191 7.25 -16.34 15.69
C PRO A 191 6.88 -16.63 14.26
N ALA A 192 5.58 -16.83 13.96
CA ALA A 192 5.13 -17.10 12.63
C ALA A 192 5.34 -15.94 11.70
N LEU A 193 4.98 -14.73 12.14
CA LEU A 193 5.09 -13.56 11.31
C LEU A 193 6.42 -13.06 10.87
N ALA A 194 7.43 -13.05 11.75
CA ALA A 194 8.72 -12.53 11.38
C ALA A 194 9.54 -13.43 10.53
N ALA A 195 10.59 -12.81 9.92
CA ALA A 195 11.58 -13.40 9.10
C ALA A 195 11.20 -13.84 7.73
N GLN A 196 10.05 -14.53 7.58
CA GLN A 196 9.62 -15.10 6.32
C GLN A 196 9.45 -14.15 5.18
N TYR A 197 8.75 -13.01 5.38
CA TYR A 197 8.51 -12.08 4.30
C TYR A 197 9.75 -11.44 3.75
N GLU A 198 10.63 -10.98 4.68
CA GLU A 198 11.87 -10.34 4.35
C GLU A 198 12.79 -11.29 3.65
N HIS A 199 12.82 -12.57 4.10
CA HIS A 199 13.63 -13.62 3.53
C HIS A 199 13.22 -13.88 2.10
N ASP A 200 11.89 -13.91 1.81
CA ASP A 200 11.36 -14.15 0.48
C ASP A 200 11.80 -13.07 -0.46
N LEU A 201 11.73 -11.78 0.00
CA LEU A 201 12.12 -10.63 -0.77
C LEU A 201 13.58 -10.70 -1.13
N GLU A 202 14.44 -11.07 -0.14
CA GLU A 202 15.87 -11.19 -0.31
C GLU A 202 16.23 -12.25 -1.32
N VAL A 203 15.58 -13.43 -1.25
CA VAL A 203 15.82 -14.54 -2.16
C VAL A 203 15.47 -14.12 -3.56
N ALA A 204 14.32 -13.41 -3.72
CA ALA A 204 13.85 -12.94 -5.00
C ALA A 204 14.84 -11.98 -5.61
N GLN A 205 15.38 -11.04 -4.79
CA GLN A 205 16.34 -10.06 -5.21
C GLN A 205 17.64 -10.68 -5.65
N THR A 206 18.11 -11.72 -4.93
CA THR A 206 19.33 -12.44 -5.23
C THR A 206 19.23 -13.15 -6.57
N THR A 207 18.07 -13.79 -6.86
CA THR A 207 17.81 -14.54 -8.08
C THR A 207 17.87 -13.65 -9.30
N ALA A 208 18.48 -14.17 -10.41
CA ALA A 208 18.62 -13.46 -11.67
C ALA A 208 17.26 -13.27 -12.27
N LEU A 209 16.98 -12.03 -12.69
CA LEU A 209 15.69 -11.71 -13.23
C LEU A 209 15.77 -10.98 -14.53
N PRO A 210 14.69 -11.10 -15.36
CA PRO A 210 14.59 -10.43 -16.62
C PRO A 210 14.32 -8.96 -16.36
N ASP A 211 14.20 -8.15 -17.44
CA ASP A 211 13.94 -6.74 -17.31
C ASP A 211 12.63 -6.47 -16.63
N GLU A 212 12.74 -5.75 -15.50
CA GLU A 212 11.60 -5.35 -14.72
C GLU A 212 11.76 -3.88 -14.47
N ASP A 213 12.89 -3.44 -13.88
CA ASP A 213 13.13 -2.04 -13.59
C ASP A 213 14.23 -1.43 -14.42
N ASP A 214 14.79 -2.18 -15.40
CA ASP A 214 15.86 -1.74 -16.25
C ASP A 214 15.49 -0.57 -17.12
N ASP A 215 14.21 -0.52 -17.56
CA ASP A 215 13.65 0.51 -18.41
C ASP A 215 13.74 1.88 -17.78
N LEU A 216 13.46 1.98 -16.45
CA LEU A 216 13.49 3.22 -15.74
C LEU A 216 14.95 3.51 -15.33
N MET A 1 3.90 -3.17 21.59
CA MET A 1 4.69 -2.16 20.85
C MET A 1 5.69 -2.83 19.95
N ALA A 2 6.70 -3.49 20.56
CA ALA A 2 7.76 -4.18 19.86
C ALA A 2 7.26 -5.28 19.00
N ALA A 3 6.25 -6.03 19.51
CA ALA A 3 5.65 -7.14 18.80
C ALA A 3 5.05 -6.70 17.50
N GLN A 4 4.31 -5.58 17.53
CA GLN A 4 3.69 -5.02 16.37
C GLN A 4 4.69 -4.45 15.39
N GLY A 5 5.76 -3.82 15.90
CA GLY A 5 6.73 -3.20 15.02
C GLY A 5 6.43 -1.73 15.05
N GLU A 6 5.72 -1.30 16.10
CA GLU A 6 5.30 0.02 16.39
C GLU A 6 6.48 0.62 17.10
N PRO A 7 7.35 1.45 16.41
CA PRO A 7 8.48 2.06 17.07
C PRO A 7 7.93 2.95 18.16
N GLN A 8 6.89 3.72 17.78
CA GLN A 8 6.14 4.58 18.62
C GLN A 8 4.73 4.18 18.24
N VAL A 9 4.36 4.36 16.93
CA VAL A 9 3.03 4.06 16.46
C VAL A 9 3.08 3.16 15.23
N GLN A 10 2.11 2.22 15.16
CA GLN A 10 1.96 1.34 14.03
C GLN A 10 0.53 1.45 13.62
N PHE A 11 0.33 1.56 12.29
CA PHE A 11 -1.00 1.63 11.75
C PHE A 11 -1.16 0.45 10.83
N LYS A 12 -2.30 -0.26 10.96
CA LYS A 12 -2.57 -1.39 10.14
C LYS A 12 -3.31 -0.87 8.94
N LEU A 13 -2.66 -1.04 7.78
CA LEU A 13 -3.16 -0.60 6.52
C LEU A 13 -3.52 -1.83 5.75
N VAL A 14 -4.76 -1.84 5.22
CA VAL A 14 -5.17 -2.97 4.44
C VAL A 14 -5.26 -2.46 3.03
N LEU A 15 -4.52 -3.15 2.14
CA LEU A 15 -4.48 -2.81 0.76
C LEU A 15 -5.29 -3.85 0.06
N VAL A 16 -6.38 -3.37 -0.56
CA VAL A 16 -7.35 -4.16 -1.28
C VAL A 16 -7.52 -3.62 -2.69
N GLY A 17 -8.09 -4.46 -3.56
CA GLY A 17 -8.32 -4.09 -4.93
C GLY A 17 -8.27 -5.33 -5.75
N ASP A 18 -8.70 -5.21 -7.02
CA ASP A 18 -8.75 -6.32 -7.93
C ASP A 18 -7.39 -6.75 -8.40
N GLY A 19 -7.33 -7.99 -8.95
CA GLY A 19 -6.12 -8.56 -9.45
C GLY A 19 -5.67 -7.81 -10.68
N GLY A 20 -4.33 -7.63 -10.77
CA GLY A 20 -3.69 -6.95 -11.88
C GLY A 20 -3.70 -5.45 -11.75
N THR A 21 -4.26 -4.92 -10.64
CA THR A 21 -4.34 -3.52 -10.38
C THR A 21 -2.97 -2.91 -10.21
N GLY A 22 -2.05 -3.60 -9.50
CA GLY A 22 -0.74 -3.05 -9.27
C GLY A 22 -0.47 -2.80 -7.82
N LYS A 23 -1.29 -3.39 -6.93
CA LYS A 23 -1.18 -3.27 -5.50
C LYS A 23 0.15 -3.81 -4.98
N THR A 24 0.54 -5.00 -5.51
CA THR A 24 1.77 -5.67 -5.17
C THR A 24 2.95 -4.84 -5.63
N THR A 25 2.86 -4.26 -6.87
CA THR A 25 3.89 -3.43 -7.45
C THR A 25 4.08 -2.19 -6.60
N PHE A 26 2.97 -1.58 -6.10
CA PHE A 26 2.98 -0.40 -5.26
C PHE A 26 3.73 -0.68 -3.98
N VAL A 27 3.44 -1.83 -3.32
CA VAL A 27 4.09 -2.25 -2.09
C VAL A 27 5.57 -2.51 -2.28
N LYS A 28 5.93 -3.20 -3.40
CA LYS A 28 7.28 -3.56 -3.74
C LYS A 28 8.10 -2.32 -3.93
N ARG A 29 7.53 -1.32 -4.63
CA ARG A 29 8.13 -0.06 -4.92
C ARG A 29 8.43 0.69 -3.65
N HIS A 30 7.48 0.73 -2.68
CA HIS A 30 7.72 1.39 -1.43
C HIS A 30 8.83 0.75 -0.63
N LEU A 31 8.84 -0.60 -0.57
CA LEU A 31 9.83 -1.35 0.15
C LEU A 31 11.23 -1.23 -0.39
N THR A 32 11.39 -1.40 -1.73
CA THR A 32 12.69 -1.40 -2.35
C THR A 32 13.00 -0.37 -3.40
N GLY A 33 11.98 0.20 -4.07
CA GLY A 33 12.20 1.16 -5.12
C GLY A 33 12.22 0.48 -6.47
N GLU A 34 12.13 -0.86 -6.49
CA GLU A 34 12.12 -1.72 -7.66
C GLU A 34 10.75 -1.64 -8.29
N PHE A 35 10.69 -1.74 -9.63
CA PHE A 35 9.44 -1.67 -10.35
C PHE A 35 9.24 -3.02 -10.94
N GLU A 36 8.07 -3.67 -10.69
CA GLU A 36 7.83 -4.96 -11.24
C GLU A 36 6.86 -4.93 -12.38
N LYS A 37 7.37 -5.25 -13.58
CA LYS A 37 6.61 -5.34 -14.81
C LYS A 37 5.73 -6.54 -14.86
N LYS A 38 6.28 -7.69 -14.40
CA LYS A 38 5.65 -8.98 -14.39
C LYS A 38 4.81 -9.16 -13.19
N TYR A 39 3.56 -9.62 -13.44
CA TYR A 39 2.64 -9.84 -12.37
C TYR A 39 2.60 -11.29 -12.01
N VAL A 40 2.93 -11.52 -10.73
CA VAL A 40 2.93 -12.82 -10.10
C VAL A 40 1.87 -12.60 -9.05
N ALA A 41 0.85 -13.48 -9.05
CA ALA A 41 -0.26 -13.41 -8.14
C ALA A 41 0.13 -13.55 -6.70
N THR A 42 -0.54 -12.71 -5.85
CA THR A 42 -0.36 -12.69 -4.43
C THR A 42 -1.39 -13.65 -3.92
N LEU A 43 -0.92 -14.63 -3.11
CA LEU A 43 -1.80 -15.62 -2.56
C LEU A 43 -1.98 -15.27 -1.13
N GLY A 44 -3.26 -15.21 -0.71
CA GLY A 44 -3.65 -14.86 0.62
C GLY A 44 -3.26 -13.44 0.91
N VAL A 45 -2.50 -13.25 2.01
CA VAL A 45 -2.05 -11.95 2.44
C VAL A 45 -0.56 -11.97 2.64
N GLU A 46 0.10 -10.87 2.21
CA GLU A 46 1.50 -10.65 2.37
C GLU A 46 1.57 -9.48 3.31
N VAL A 47 2.29 -9.67 4.44
CA VAL A 47 2.40 -8.66 5.46
C VAL A 47 3.75 -8.02 5.31
N HIS A 48 3.77 -6.72 4.93
CA HIS A 48 5.01 -6.01 4.79
C HIS A 48 5.05 -4.74 5.58
N PRO A 49 6.03 -4.61 6.52
CA PRO A 49 6.20 -3.42 7.31
C PRO A 49 6.91 -2.34 6.52
N LEU A 50 6.39 -1.10 6.59
CA LEU A 50 6.96 0.05 5.94
C LEU A 50 7.22 1.04 7.01
N VAL A 51 8.42 1.65 7.05
CA VAL A 51 8.75 2.62 8.08
C VAL A 51 8.80 3.96 7.37
N PHE A 52 8.03 4.94 7.91
CA PHE A 52 7.98 6.29 7.40
C PHE A 52 8.42 7.17 8.54
N HIS A 53 9.39 8.06 8.25
CA HIS A 53 9.91 8.95 9.24
C HIS A 53 9.22 10.24 9.02
N THR A 54 8.54 10.73 10.09
CA THR A 54 7.79 11.94 10.00
C THR A 54 8.27 12.93 11.03
N ASN A 55 7.59 14.10 11.06
CA ASN A 55 7.87 15.20 11.96
C ASN A 55 7.70 14.71 13.39
N ARG A 56 6.69 13.82 13.61
CA ARG A 56 6.34 13.23 14.87
C ARG A 56 7.23 12.04 15.22
N GLY A 57 8.16 11.64 14.32
CA GLY A 57 9.04 10.53 14.57
C GLY A 57 8.69 9.36 13.67
N PRO A 58 9.39 8.21 13.82
CA PRO A 58 9.17 7.01 13.06
C PRO A 58 7.83 6.38 13.31
N ILE A 59 7.17 5.94 12.23
CA ILE A 59 5.87 5.32 12.29
C ILE A 59 5.96 4.12 11.37
N LYS A 60 5.31 2.99 11.73
CA LYS A 60 5.31 1.87 10.81
C LYS A 60 3.93 1.59 10.33
N PHE A 61 3.80 1.44 9.00
CA PHE A 61 2.58 1.09 8.36
C PHE A 61 2.76 -0.35 8.05
N ASN A 62 1.88 -1.17 8.67
CA ASN A 62 1.90 -2.59 8.51
C ASN A 62 0.93 -2.76 7.39
N VAL A 63 1.47 -2.95 6.16
CA VAL A 63 0.65 -3.06 4.99
C VAL A 63 0.34 -4.49 4.74
N TRP A 64 -0.97 -4.79 4.66
CA TRP A 64 -1.39 -6.12 4.36
C TRP A 64 -1.87 -6.07 2.94
N ASP A 65 -1.05 -6.65 2.04
CA ASP A 65 -1.34 -6.71 0.63
C ASP A 65 -2.17 -7.94 0.51
N THR A 66 -3.43 -7.76 0.08
CA THR A 66 -4.35 -8.87 -0.06
C THR A 66 -4.48 -9.36 -1.47
N ALA A 67 -5.02 -10.59 -1.63
CA ALA A 67 -5.24 -11.19 -2.91
C ALA A 67 -6.55 -10.68 -3.46
N GLY A 68 -6.51 -10.17 -4.72
CA GLY A 68 -7.68 -9.65 -5.39
C GLY A 68 -8.53 -10.72 -6.01
N GLN A 69 -8.00 -11.97 -6.08
CA GLN A 69 -8.66 -13.14 -6.60
C GLN A 69 -9.82 -13.57 -5.74
N GLU A 70 -9.63 -13.48 -4.41
CA GLU A 70 -10.58 -13.89 -3.40
C GLU A 70 -11.87 -13.11 -3.49
N LYS A 71 -12.99 -13.84 -3.35
CA LYS A 71 -14.31 -13.28 -3.42
C LYS A 71 -14.65 -12.45 -2.21
N PHE A 72 -15.58 -11.50 -2.43
CA PHE A 72 -16.06 -10.55 -1.45
C PHE A 72 -16.85 -11.31 -0.42
N GLY A 73 -16.59 -11.05 0.88
CA GLY A 73 -17.33 -11.75 1.90
C GLY A 73 -16.67 -11.83 3.23
N GLY A 74 -17.33 -12.65 4.10
CA GLY A 74 -16.97 -12.96 5.47
C GLY A 74 -15.65 -13.66 5.61
N LEU A 75 -15.18 -14.29 4.50
CA LEU A 75 -13.95 -15.02 4.36
C LEU A 75 -12.79 -14.08 4.61
N ARG A 76 -12.93 -12.83 4.13
CA ARG A 76 -11.95 -11.78 4.20
C ARG A 76 -11.99 -10.94 5.45
N ASP A 77 -12.81 -11.30 6.47
CA ASP A 77 -12.93 -10.54 7.68
C ASP A 77 -11.67 -10.36 8.45
N GLY A 78 -10.85 -11.42 8.59
CA GLY A 78 -9.63 -11.40 9.36
C GLY A 78 -8.65 -10.39 8.87
N TYR A 79 -8.55 -10.23 7.54
CA TYR A 79 -7.66 -9.33 6.85
C TYR A 79 -7.99 -7.91 7.28
N TYR A 80 -9.29 -7.56 7.30
CA TYR A 80 -9.66 -6.21 7.62
C TYR A 80 -9.87 -5.93 9.10
N ILE A 81 -9.94 -6.95 9.99
CA ILE A 81 -10.14 -6.74 11.41
C ILE A 81 -9.03 -5.91 11.99
N GLN A 82 -9.48 -4.89 12.76
CA GLN A 82 -8.72 -3.88 13.43
C GLN A 82 -7.83 -3.08 12.51
N ALA A 83 -8.34 -2.80 11.28
CA ALA A 83 -7.63 -2.00 10.33
C ALA A 83 -7.79 -0.59 10.79
N GLN A 84 -6.72 0.20 10.62
CA GLN A 84 -6.73 1.58 11.03
C GLN A 84 -6.97 2.43 9.81
N CYS A 85 -6.52 1.96 8.62
CA CYS A 85 -6.70 2.67 7.39
C CYS A 85 -6.69 1.71 6.23
N ALA A 86 -7.24 2.16 5.08
CA ALA A 86 -7.26 1.31 3.92
C ALA A 86 -7.00 2.03 2.66
N ILE A 87 -6.47 1.27 1.67
CA ILE A 87 -6.22 1.78 0.36
C ILE A 87 -6.93 0.80 -0.55
N ILE A 88 -7.82 1.34 -1.41
CA ILE A 88 -8.57 0.55 -2.36
C ILE A 88 -7.93 0.98 -3.65
N MET A 89 -7.45 -0.01 -4.41
CA MET A 89 -6.77 0.33 -5.61
C MET A 89 -7.47 -0.26 -6.81
N PHE A 90 -7.65 0.61 -7.82
CA PHE A 90 -8.27 0.28 -9.07
C PHE A 90 -7.40 0.70 -10.21
N ASP A 91 -7.62 0.09 -11.38
CA ASP A 91 -6.87 0.36 -12.56
C ASP A 91 -7.72 1.29 -13.39
N VAL A 92 -7.15 2.46 -13.74
CA VAL A 92 -7.85 3.47 -14.53
C VAL A 92 -8.17 3.00 -15.94
N THR A 93 -7.44 1.98 -16.43
CA THR A 93 -7.66 1.46 -17.75
C THR A 93 -8.66 0.33 -17.74
N SER A 94 -9.12 -0.14 -16.54
CA SER A 94 -10.09 -1.20 -16.48
C SER A 94 -11.34 -0.74 -15.79
N ARG A 95 -12.43 -0.78 -16.60
CA ARG A 95 -13.75 -0.41 -16.16
C ARG A 95 -14.26 -1.38 -15.15
N VAL A 96 -13.99 -2.70 -15.35
CA VAL A 96 -14.42 -3.78 -14.49
C VAL A 96 -13.82 -3.59 -13.12
N THR A 97 -12.51 -3.22 -13.05
CA THR A 97 -11.82 -3.02 -11.80
C THR A 97 -12.46 -1.88 -11.03
N TYR A 98 -12.81 -0.76 -11.73
CA TYR A 98 -13.46 0.38 -11.12
C TYR A 98 -14.82 -0.01 -10.59
N LYS A 99 -15.58 -0.85 -11.34
CA LYS A 99 -16.90 -1.32 -10.99
C LYS A 99 -16.89 -2.08 -9.70
N ASN A 100 -15.83 -2.89 -9.45
CA ASN A 100 -15.68 -3.66 -8.24
C ASN A 100 -15.32 -2.84 -7.02
N VAL A 101 -14.91 -1.55 -7.18
CA VAL A 101 -14.54 -0.69 -6.08
C VAL A 101 -15.68 -0.54 -5.09
N PRO A 102 -16.98 -0.32 -5.49
CA PRO A 102 -18.08 -0.22 -4.55
C PRO A 102 -18.20 -1.45 -3.69
N ASN A 103 -17.94 -2.67 -4.23
CA ASN A 103 -17.99 -3.89 -3.46
C ASN A 103 -16.91 -3.91 -2.41
N TRP A 104 -15.67 -3.47 -2.78
CA TRP A 104 -14.57 -3.41 -1.85
C TRP A 104 -14.91 -2.45 -0.73
N HIS A 105 -15.44 -1.25 -1.09
CA HIS A 105 -15.84 -0.25 -0.13
C HIS A 105 -17.28 -0.46 0.20
N ARG A 106 -17.54 -1.61 0.85
CA ARG A 106 -18.82 -2.06 1.30
C ARG A 106 -18.41 -3.10 2.29
N ASP A 107 -17.63 -4.10 1.83
CA ASP A 107 -17.14 -5.17 2.65
C ASP A 107 -16.23 -4.58 3.72
N LEU A 108 -15.38 -3.60 3.31
CA LEU A 108 -14.46 -2.92 4.20
C LEU A 108 -15.20 -2.15 5.28
N VAL A 109 -16.26 -1.40 4.88
CA VAL A 109 -17.10 -0.58 5.73
C VAL A 109 -17.78 -1.45 6.76
N ARG A 110 -18.23 -2.67 6.34
CA ARG A 110 -18.90 -3.62 7.18
C ARG A 110 -18.03 -3.98 8.34
N VAL A 111 -16.73 -4.27 8.09
CA VAL A 111 -15.83 -4.63 9.15
C VAL A 111 -15.35 -3.48 10.03
N CYS A 112 -14.85 -2.35 9.45
CA CYS A 112 -14.32 -1.28 10.29
C CYS A 112 -15.02 0.04 10.39
N GLU A 113 -16.24 0.17 9.82
CA GLU A 113 -17.04 1.37 9.82
C GLU A 113 -16.30 2.58 9.27
N ASN A 114 -16.20 3.73 10.02
CA ASN A 114 -15.50 4.85 9.46
C ASN A 114 -14.10 4.94 9.93
N ILE A 115 -13.18 4.76 8.95
CA ILE A 115 -11.75 4.84 9.10
C ILE A 115 -11.29 5.48 7.79
N PRO A 116 -10.14 6.22 7.76
CA PRO A 116 -9.67 6.85 6.56
C PRO A 116 -9.35 5.86 5.46
N ILE A 117 -9.94 6.10 4.27
CA ILE A 117 -9.74 5.24 3.13
C ILE A 117 -9.41 6.13 1.95
N VAL A 118 -8.36 5.68 1.22
CA VAL A 118 -7.85 6.32 0.05
C VAL A 118 -8.08 5.43 -1.14
N LEU A 119 -8.62 6.02 -2.23
CA LEU A 119 -8.86 5.35 -3.48
C LEU A 119 -7.71 5.75 -4.35
N CYS A 120 -7.03 4.75 -4.91
CA CYS A 120 -5.91 5.00 -5.78
C CYS A 120 -6.22 4.51 -7.15
N GLY A 121 -6.14 5.44 -8.12
CA GLY A 121 -6.38 5.14 -9.50
C GLY A 121 -5.02 4.96 -10.05
N ASN A 122 -4.62 3.69 -10.25
CA ASN A 122 -3.31 3.45 -10.76
C ASN A 122 -3.25 3.29 -12.25
N LYS A 123 -1.98 3.22 -12.74
CA LYS A 123 -1.58 3.10 -14.11
C LYS A 123 -2.05 4.29 -14.91
N VAL A 124 -1.94 5.50 -14.30
CA VAL A 124 -2.34 6.74 -14.93
C VAL A 124 -1.39 7.15 -16.05
N ASP A 125 -0.21 6.48 -16.14
CA ASP A 125 0.80 6.70 -17.13
C ASP A 125 0.24 6.39 -18.51
N ILE A 126 -0.59 5.31 -18.61
CA ILE A 126 -1.19 4.86 -19.86
C ILE A 126 -2.13 5.93 -20.39
N LYS A 127 -1.96 6.27 -21.68
CA LYS A 127 -2.74 7.26 -22.37
C LYS A 127 -4.19 6.93 -22.57
N ASP A 128 -4.52 5.65 -22.89
CA ASP A 128 -5.89 5.21 -23.11
C ASP A 128 -6.51 4.92 -21.76
N ARG A 129 -6.96 6.00 -21.09
CA ARG A 129 -7.59 5.96 -19.79
C ARG A 129 -9.05 5.81 -20.04
N LYS A 130 -9.70 4.89 -19.30
CA LYS A 130 -11.11 4.67 -19.47
C LYS A 130 -11.86 5.34 -18.37
N VAL A 131 -11.34 5.27 -17.12
CA VAL A 131 -11.99 5.87 -15.99
C VAL A 131 -11.26 7.18 -15.78
N LYS A 132 -11.98 8.28 -16.08
CA LYS A 132 -11.47 9.62 -15.96
C LYS A 132 -11.59 10.11 -14.56
N ALA A 133 -10.60 10.94 -14.13
CA ALA A 133 -10.53 11.50 -12.80
C ALA A 133 -11.70 12.37 -12.49
N LYS A 134 -12.13 13.22 -13.46
CA LYS A 134 -13.27 14.10 -13.29
C LYS A 134 -14.54 13.34 -13.09
N SER A 135 -14.69 12.22 -13.83
CA SER A 135 -15.81 11.33 -13.83
C SER A 135 -16.05 10.67 -12.51
N ILE A 136 -14.96 10.31 -11.78
CA ILE A 136 -15.06 9.63 -10.50
C ILE A 136 -15.76 10.52 -9.50
N VAL A 137 -16.86 9.97 -8.93
CA VAL A 137 -17.70 10.59 -7.94
C VAL A 137 -17.86 9.72 -6.71
N PHE A 138 -17.30 8.49 -6.75
CA PHE A 138 -17.38 7.51 -5.69
C PHE A 138 -16.82 8.03 -4.40
N HIS A 139 -15.65 8.71 -4.47
CA HIS A 139 -15.00 9.26 -3.31
C HIS A 139 -15.82 10.30 -2.61
N ARG A 140 -16.50 11.18 -3.38
CA ARG A 140 -17.33 12.24 -2.85
C ARG A 140 -18.48 11.68 -2.06
N LYS A 141 -19.14 10.64 -2.64
CA LYS A 141 -20.26 9.98 -2.02
C LYS A 141 -19.86 9.27 -0.76
N LYS A 142 -18.68 8.61 -0.79
CA LYS A 142 -18.19 7.83 0.32
C LYS A 142 -17.26 8.51 1.29
N ASN A 143 -17.01 9.84 1.13
CA ASN A 143 -16.11 10.61 2.00
C ASN A 143 -14.71 10.03 2.04
N LEU A 144 -14.18 9.69 0.85
CA LEU A 144 -12.86 9.12 0.69
C LEU A 144 -12.01 10.08 -0.06
N GLN A 145 -10.68 9.89 0.01
CA GLN A 145 -9.76 10.74 -0.71
C GLN A 145 -9.31 10.01 -1.94
N TYR A 146 -9.21 10.72 -3.07
CA TYR A 146 -8.80 10.09 -4.31
C TYR A 146 -7.48 10.63 -4.78
N TYR A 147 -6.57 9.69 -5.11
CA TYR A 147 -5.25 10.01 -5.61
C TYR A 147 -4.98 9.27 -6.89
N ASP A 148 -4.43 9.99 -7.88
CA ASP A 148 -4.06 9.46 -9.18
C ASP A 148 -2.64 9.02 -8.95
N ILE A 149 -2.33 7.72 -9.16
CA ILE A 149 -0.99 7.23 -8.95
C ILE A 149 -0.52 6.38 -10.09
N SER A 150 0.82 6.28 -10.23
CA SER A 150 1.39 5.43 -11.22
C SER A 150 2.56 4.82 -10.54
N ALA A 151 2.52 3.47 -10.43
CA ALA A 151 3.57 2.70 -9.82
C ALA A 151 4.83 2.84 -10.63
N LYS A 152 4.69 2.76 -11.97
CA LYS A 152 5.74 2.86 -12.95
C LYS A 152 6.43 4.19 -12.99
N SER A 153 5.64 5.30 -12.97
CA SER A 153 6.23 6.62 -13.06
C SER A 153 6.44 7.33 -11.75
N ASN A 154 6.05 6.70 -10.61
CA ASN A 154 6.16 7.26 -9.28
C ASN A 154 5.32 8.49 -9.06
N TYR A 155 4.27 8.66 -9.89
CA TYR A 155 3.39 9.79 -9.81
C TYR A 155 2.55 9.57 -8.58
N ASN A 156 2.61 10.58 -7.67
CA ASN A 156 1.93 10.65 -6.39
C ASN A 156 2.18 9.44 -5.53
N PHE A 157 3.43 8.96 -5.55
CA PHE A 157 3.94 7.81 -4.87
C PHE A 157 3.73 7.77 -3.39
N GLU A 158 4.08 8.85 -2.66
CA GLU A 158 3.91 8.83 -1.23
C GLU A 158 2.66 9.46 -0.73
N LYS A 159 1.82 10.04 -1.62
CA LYS A 159 0.65 10.74 -1.17
C LYS A 159 -0.38 9.97 -0.39
N PRO A 160 -0.80 8.73 -0.75
CA PRO A 160 -1.78 8.00 0.05
C PRO A 160 -1.31 7.76 1.45
N PHE A 161 -0.02 7.36 1.60
CA PHE A 161 0.55 7.09 2.90
C PHE A 161 0.60 8.30 3.76
N LEU A 162 1.03 9.44 3.17
CA LEU A 162 1.14 10.69 3.87
C LEU A 162 -0.17 11.20 4.36
N TRP A 163 -1.23 11.16 3.50
CA TRP A 163 -2.53 11.65 3.90
C TRP A 163 -3.07 10.81 5.02
N LEU A 164 -2.92 9.47 4.93
CA LEU A 164 -3.40 8.57 5.95
C LEU A 164 -2.74 8.84 7.26
N ALA A 165 -1.40 9.05 7.25
CA ALA A 165 -0.63 9.32 8.44
C ALA A 165 -1.07 10.60 9.10
N ARG A 166 -1.31 11.66 8.29
CA ARG A 166 -1.73 12.96 8.78
C ARG A 166 -3.06 12.87 9.46
N LYS A 167 -4.01 12.16 8.81
CA LYS A 167 -5.36 12.01 9.30
C LYS A 167 -5.40 11.23 10.59
N LEU A 168 -4.65 10.12 10.66
CA LEU A 168 -4.59 9.26 11.81
C LEU A 168 -3.99 9.94 13.02
N ILE A 169 -2.86 10.65 12.82
CA ILE A 169 -2.18 11.38 13.86
C ILE A 169 -3.01 12.58 14.27
N GLY A 170 -3.64 13.24 13.28
CA GLY A 170 -4.44 14.41 13.49
C GLY A 170 -3.65 15.65 13.26
N ASP A 171 -2.41 15.55 12.70
CA ASP A 171 -1.60 16.71 12.45
C ASP A 171 -1.63 16.98 10.95
N PRO A 172 -2.33 18.07 10.51
CA PRO A 172 -2.42 18.46 9.11
C PRO A 172 -1.10 18.88 8.50
N ASN A 173 -0.15 19.32 9.35
CA ASN A 173 1.16 19.81 8.97
C ASN A 173 2.22 18.74 8.91
N LEU A 174 1.84 17.46 9.12
CA LEU A 174 2.77 16.36 9.12
C LEU A 174 3.45 16.17 7.77
N GLU A 175 4.80 16.05 7.82
CA GLU A 175 5.61 15.85 6.64
C GLU A 175 6.60 14.76 6.87
N PHE A 176 6.99 14.13 5.74
CA PHE A 176 7.95 13.06 5.69
C PHE A 176 9.31 13.72 5.76
N VAL A 177 10.19 13.17 6.64
CA VAL A 177 11.52 13.67 6.82
C VAL A 177 12.48 12.57 6.45
N ALA A 178 13.75 12.98 6.13
CA ALA A 178 14.85 12.14 5.70
C ALA A 178 15.08 10.82 6.40
N MET A 179 16.02 10.72 7.39
CA MET A 179 16.24 9.45 8.05
C MET A 179 16.85 9.55 9.43
N PRO A 180 16.11 10.05 10.46
CA PRO A 180 16.59 10.12 11.82
C PRO A 180 16.60 8.75 12.44
N ALA A 181 17.38 8.56 13.53
CA ALA A 181 17.45 7.30 14.22
C ALA A 181 16.13 6.92 14.82
N LEU A 182 15.85 5.60 14.81
CA LEU A 182 14.63 5.04 15.33
C LEU A 182 14.55 5.13 16.83
N ALA A 183 13.30 5.15 17.34
CA ALA A 183 13.01 5.20 18.75
C ALA A 183 13.00 3.76 19.17
N PRO A 184 13.84 3.36 20.17
CA PRO A 184 13.91 2.00 20.66
C PRO A 184 12.62 1.52 21.28
N PRO A 185 12.17 0.28 20.96
CA PRO A 185 10.97 -0.28 21.50
C PRO A 185 11.10 -0.73 22.93
N GLU A 186 9.95 -0.82 23.64
CA GLU A 186 9.83 -1.28 25.00
C GLU A 186 10.25 -2.72 25.15
N VAL A 187 9.89 -3.56 24.14
CA VAL A 187 10.13 -4.98 24.03
C VAL A 187 9.26 -5.73 25.01
N VAL A 188 8.00 -5.93 24.57
CA VAL A 188 6.94 -6.63 25.25
C VAL A 188 6.27 -7.56 24.26
N MET A 189 5.50 -8.54 24.78
CA MET A 189 4.77 -9.52 24.01
C MET A 189 5.61 -10.43 23.12
N ASP A 190 5.46 -10.33 21.76
CA ASP A 190 6.15 -11.11 20.74
C ASP A 190 5.85 -12.58 20.44
N PRO A 191 4.76 -13.26 20.94
CA PRO A 191 4.53 -14.66 20.62
C PRO A 191 4.25 -14.88 19.15
N ALA A 192 2.98 -14.75 18.71
CA ALA A 192 2.57 -14.93 17.35
C ALA A 192 3.13 -13.88 16.45
N LEU A 193 3.17 -12.63 16.95
CA LEU A 193 3.61 -11.46 16.24
C LEU A 193 5.02 -11.46 15.75
N ALA A 194 6.00 -11.95 16.54
CA ALA A 194 7.38 -11.95 16.13
C ALA A 194 7.68 -12.97 15.06
N ALA A 195 8.87 -12.82 14.43
CA ALA A 195 9.42 -13.65 13.38
C ALA A 195 8.81 -13.53 12.01
N GLN A 196 7.47 -13.44 11.90
CA GLN A 196 6.77 -13.38 10.64
C GLN A 196 7.12 -12.21 9.77
N TYR A 197 7.25 -10.99 10.36
CA TYR A 197 7.56 -9.78 9.64
C TYR A 197 8.90 -9.89 8.95
N GLU A 198 9.90 -10.40 9.70
CA GLU A 198 11.26 -10.60 9.32
C GLU A 198 11.34 -11.54 8.15
N HIS A 199 10.57 -12.65 8.22
CA HIS A 199 10.51 -13.67 7.21
C HIS A 199 10.03 -13.14 5.90
N ASP A 200 8.93 -12.35 5.90
CA ASP A 200 8.37 -11.80 4.69
C ASP A 200 9.33 -10.86 4.01
N LEU A 201 9.98 -9.99 4.80
CA LEU A 201 10.95 -9.03 4.29
C LEU A 201 12.11 -9.71 3.65
N GLU A 202 12.66 -10.75 4.31
CA GLU A 202 13.77 -11.51 3.82
C GLU A 202 13.49 -12.22 2.54
N VAL A 203 12.30 -12.86 2.42
CA VAL A 203 11.92 -13.60 1.23
C VAL A 203 11.89 -12.66 0.05
N ALA A 204 11.27 -11.47 0.22
CA ALA A 204 11.16 -10.49 -0.84
C ALA A 204 12.51 -10.01 -1.32
N GLN A 205 13.40 -9.68 -0.36
CA GLN A 205 14.73 -9.20 -0.64
C GLN A 205 15.60 -10.21 -1.34
N THR A 206 15.52 -11.48 -0.89
CA THR A 206 16.27 -12.60 -1.41
C THR A 206 15.91 -12.90 -2.84
N THR A 207 14.59 -12.80 -3.21
CA THR A 207 14.11 -13.11 -4.54
C THR A 207 14.88 -12.33 -5.59
N ALA A 208 15.40 -13.11 -6.56
CA ALA A 208 16.19 -12.64 -7.66
C ALA A 208 15.33 -11.87 -8.58
N LEU A 209 15.95 -10.85 -9.22
CA LEU A 209 15.24 -10.02 -10.14
C LEU A 209 15.62 -10.26 -11.57
N PRO A 210 14.62 -10.55 -12.44
CA PRO A 210 14.80 -10.69 -13.87
C PRO A 210 14.78 -9.28 -14.46
N ASP A 211 14.38 -9.12 -15.74
CA ASP A 211 14.30 -7.81 -16.38
C ASP A 211 12.97 -7.25 -15.92
N GLU A 212 13.04 -6.31 -14.95
CA GLU A 212 11.86 -5.70 -14.40
C GLU A 212 11.98 -4.21 -14.39
N ASP A 213 13.03 -3.68 -13.70
CA ASP A 213 13.29 -2.28 -13.55
C ASP A 213 14.33 -1.72 -14.49
N ASP A 214 14.85 -2.57 -15.41
CA ASP A 214 15.87 -2.23 -16.37
C ASP A 214 15.45 -1.13 -17.29
N ASP A 215 14.17 -1.14 -17.71
CA ASP A 215 13.58 -0.19 -18.62
C ASP A 215 13.63 1.22 -18.09
N LEU A 216 13.36 1.41 -16.78
CA LEU A 216 13.38 2.71 -16.14
C LEU A 216 14.84 3.07 -15.87
N MET A 1 4.76 -2.79 21.66
CA MET A 1 5.29 -1.71 20.82
C MET A 1 6.35 -2.23 19.91
N ALA A 2 7.43 -2.75 20.51
CA ALA A 2 8.59 -3.27 19.83
C ALA A 2 8.26 -4.43 18.94
N ALA A 3 7.40 -5.35 19.43
CA ALA A 3 6.96 -6.53 18.70
C ALA A 3 6.24 -6.14 17.44
N GLN A 4 5.32 -5.16 17.58
CA GLN A 4 4.51 -4.63 16.53
C GLN A 4 5.34 -3.94 15.49
N GLY A 5 6.42 -3.26 15.93
CA GLY A 5 7.27 -2.52 15.04
C GLY A 5 6.80 -1.09 15.05
N GLU A 6 6.06 -0.74 16.11
CA GLU A 6 5.45 0.51 16.41
C GLU A 6 6.53 1.25 17.16
N PRO A 7 7.34 2.13 16.47
CA PRO A 7 8.38 2.89 17.13
C PRO A 7 7.71 3.77 18.14
N GLN A 8 6.63 4.43 17.71
CA GLN A 8 5.77 5.26 18.46
C GLN A 8 4.43 4.70 18.10
N VAL A 9 4.07 4.79 16.79
CA VAL A 9 2.80 4.31 16.30
C VAL A 9 2.90 3.34 15.17
N GLN A 10 1.96 2.35 15.21
CA GLN A 10 1.83 1.34 14.20
C GLN A 10 0.39 1.44 13.79
N PHE A 11 0.17 1.41 12.46
CA PHE A 11 -1.16 1.44 11.93
C PHE A 11 -1.32 0.24 11.04
N LYS A 12 -2.48 -0.43 11.17
CA LYS A 12 -2.78 -1.57 10.36
C LYS A 12 -3.49 -1.04 9.15
N LEU A 13 -2.81 -1.25 8.01
CA LEU A 13 -3.29 -0.80 6.74
C LEU A 13 -3.66 -2.01 5.95
N VAL A 14 -4.90 -2.00 5.41
CA VAL A 14 -5.31 -3.12 4.60
C VAL A 14 -5.38 -2.61 3.19
N LEU A 15 -4.61 -3.28 2.30
CA LEU A 15 -4.54 -2.93 0.92
C LEU A 15 -5.35 -3.96 0.18
N VAL A 16 -6.41 -3.46 -0.47
CA VAL A 16 -7.37 -4.21 -1.21
C VAL A 16 -7.55 -3.67 -2.61
N GLY A 17 -8.15 -4.50 -3.48
CA GLY A 17 -8.40 -4.14 -4.84
C GLY A 17 -8.37 -5.38 -5.68
N ASP A 18 -8.80 -5.25 -6.94
CA ASP A 18 -8.85 -6.36 -7.87
C ASP A 18 -7.49 -6.82 -8.32
N GLY A 19 -7.43 -8.07 -8.83
CA GLY A 19 -6.22 -8.66 -9.31
C GLY A 19 -5.72 -7.91 -10.51
N GLY A 20 -4.38 -7.75 -10.56
CA GLY A 20 -3.70 -7.06 -11.63
C GLY A 20 -3.69 -5.56 -11.52
N THR A 21 -4.26 -5.00 -10.43
CA THR A 21 -4.30 -3.58 -10.21
C THR A 21 -2.93 -2.99 -10.05
N GLY A 22 -2.04 -3.66 -9.28
CA GLY A 22 -0.71 -3.13 -9.06
C GLY A 22 -0.44 -2.90 -7.61
N LYS A 23 -1.24 -3.53 -6.72
CA LYS A 23 -1.15 -3.44 -5.28
C LYS A 23 0.19 -3.96 -4.81
N THR A 24 0.57 -5.16 -5.34
CA THR A 24 1.80 -5.85 -5.02
C THR A 24 2.98 -5.01 -5.50
N THR A 25 2.89 -4.43 -6.72
CA THR A 25 3.92 -3.62 -7.33
C THR A 25 4.16 -2.39 -6.48
N PHE A 26 3.06 -1.76 -5.97
CA PHE A 26 3.10 -0.59 -5.14
C PHE A 26 3.86 -0.86 -3.87
N VAL A 27 3.53 -2.00 -3.19
CA VAL A 27 4.18 -2.37 -1.96
C VAL A 27 5.65 -2.70 -2.18
N LYS A 28 5.98 -3.43 -3.27
CA LYS A 28 7.34 -3.80 -3.59
C LYS A 28 8.21 -2.63 -3.84
N ARG A 29 7.66 -1.61 -4.54
CA ARG A 29 8.36 -0.39 -4.84
C ARG A 29 8.71 0.31 -3.55
N HIS A 30 7.76 0.38 -2.58
CA HIS A 30 8.03 1.01 -1.30
C HIS A 30 9.12 0.31 -0.54
N LEU A 31 9.04 -1.05 -0.48
CA LEU A 31 9.99 -1.88 0.23
C LEU A 31 11.40 -1.89 -0.30
N THR A 32 11.57 -2.07 -1.64
CA THR A 32 12.88 -2.17 -2.21
C THR A 32 13.26 -1.13 -3.23
N GLY A 33 12.26 -0.47 -3.85
CA GLY A 33 12.53 0.53 -4.87
C GLY A 33 12.47 -0.05 -6.26
N GLU A 34 12.36 -1.40 -6.37
CA GLU A 34 12.28 -2.11 -7.62
C GLU A 34 10.92 -1.89 -8.23
N PHE A 35 10.86 -1.85 -9.58
CA PHE A 35 9.61 -1.66 -10.28
C PHE A 35 9.40 -2.99 -10.92
N GLU A 36 8.27 -3.66 -10.59
CA GLU A 36 8.05 -4.95 -11.16
C GLU A 36 6.99 -4.93 -12.21
N LYS A 37 7.43 -5.21 -13.46
CA LYS A 37 6.58 -5.28 -14.63
C LYS A 37 5.71 -6.51 -14.67
N LYS A 38 6.30 -7.67 -14.33
CA LYS A 38 5.61 -8.94 -14.35
C LYS A 38 4.70 -9.09 -13.17
N TYR A 39 3.55 -9.76 -13.37
CA TYR A 39 2.64 -9.93 -12.29
C TYR A 39 2.70 -11.35 -11.84
N VAL A 40 2.98 -11.50 -10.54
CA VAL A 40 3.05 -12.76 -9.86
C VAL A 40 1.91 -12.63 -8.87
N ALA A 41 0.99 -13.61 -8.89
CA ALA A 41 -0.17 -13.63 -8.05
C ALA A 41 0.17 -13.71 -6.59
N THR A 42 -0.58 -12.93 -5.79
CA THR A 42 -0.43 -12.87 -4.37
C THR A 42 -1.47 -13.82 -3.86
N LEU A 43 -1.02 -14.79 -3.05
CA LEU A 43 -1.91 -15.78 -2.49
C LEU A 43 -2.08 -15.43 -1.05
N GLY A 44 -3.37 -15.35 -0.63
CA GLY A 44 -3.78 -15.00 0.70
C GLY A 44 -3.37 -13.58 0.98
N VAL A 45 -2.64 -13.38 2.10
CA VAL A 45 -2.18 -12.09 2.53
C VAL A 45 -0.70 -12.12 2.78
N GLU A 46 -0.02 -11.05 2.33
CA GLU A 46 1.39 -10.86 2.53
C GLU A 46 1.47 -9.65 3.42
N VAL A 47 2.16 -9.78 4.56
CA VAL A 47 2.30 -8.72 5.53
C VAL A 47 3.64 -8.10 5.32
N HIS A 48 3.64 -6.79 5.03
CA HIS A 48 4.86 -6.06 4.79
C HIS A 48 4.93 -4.84 5.65
N PRO A 49 6.00 -4.71 6.49
CA PRO A 49 6.20 -3.56 7.34
C PRO A 49 6.79 -2.42 6.54
N LEU A 50 6.14 -1.23 6.56
CA LEU A 50 6.64 -0.07 5.85
C LEU A 50 6.82 1.01 6.86
N VAL A 51 8.03 1.61 6.94
CA VAL A 51 8.28 2.65 7.90
C VAL A 51 8.39 3.94 7.13
N PHE A 52 7.65 4.96 7.62
CA PHE A 52 7.64 6.28 7.05
C PHE A 52 8.14 7.18 8.14
N HIS A 53 9.09 8.06 7.78
CA HIS A 53 9.69 8.96 8.73
C HIS A 53 9.07 10.29 8.51
N THR A 54 8.47 10.83 9.58
CA THR A 54 7.80 12.11 9.48
C THR A 54 8.35 13.10 10.47
N ASN A 55 7.74 14.32 10.50
CA ASN A 55 8.09 15.43 11.35
C ASN A 55 7.97 15.02 12.79
N ARG A 56 6.93 14.20 13.11
CA ARG A 56 6.67 13.71 14.44
C ARG A 56 7.43 12.45 14.76
N GLY A 57 8.24 11.94 13.79
CA GLY A 57 9.01 10.75 13.99
C GLY A 57 8.52 9.60 13.15
N PRO A 58 9.17 8.42 13.29
CA PRO A 58 8.83 7.22 12.56
C PRO A 58 7.48 6.67 12.90
N ILE A 59 6.77 6.20 11.85
CA ILE A 59 5.46 5.64 11.91
C ILE A 59 5.61 4.34 11.14
N LYS A 60 5.01 3.23 11.63
CA LYS A 60 5.10 2.01 10.87
C LYS A 60 3.72 1.58 10.47
N PHE A 61 3.54 1.31 9.17
CA PHE A 61 2.31 0.85 8.63
C PHE A 61 2.52 -0.58 8.28
N ASN A 62 1.77 -1.48 8.95
CA ASN A 62 1.87 -2.87 8.59
C ASN A 62 0.80 -3.02 7.57
N VAL A 63 1.30 -3.14 6.33
CA VAL A 63 0.44 -3.24 5.18
C VAL A 63 0.17 -4.67 4.90
N TRP A 64 -1.14 -4.99 4.85
CA TRP A 64 -1.55 -6.31 4.56
C TRP A 64 -2.04 -6.26 3.15
N ASP A 65 -1.21 -6.80 2.23
CA ASP A 65 -1.54 -6.81 0.83
C ASP A 65 -2.33 -8.07 0.64
N THR A 66 -3.59 -7.87 0.20
CA THR A 66 -4.51 -8.95 0.01
C THR A 66 -4.58 -9.46 -1.42
N ALA A 67 -5.13 -10.69 -1.57
CA ALA A 67 -5.32 -11.32 -2.85
C ALA A 67 -6.62 -10.79 -3.42
N GLY A 68 -6.57 -10.30 -4.68
CA GLY A 68 -7.75 -9.77 -5.35
C GLY A 68 -8.60 -10.85 -5.94
N GLN A 69 -8.05 -12.09 -6.02
CA GLN A 69 -8.69 -13.27 -6.54
C GLN A 69 -9.85 -13.71 -5.70
N GLU A 70 -9.69 -13.63 -4.35
CA GLU A 70 -10.68 -14.05 -3.40
C GLU A 70 -11.93 -13.21 -3.49
N LYS A 71 -13.09 -13.91 -3.41
CA LYS A 71 -14.39 -13.28 -3.50
C LYS A 71 -14.73 -12.48 -2.30
N PHE A 72 -15.65 -11.51 -2.52
CA PHE A 72 -16.16 -10.58 -1.57
C PHE A 72 -16.97 -11.35 -0.56
N GLY A 73 -16.75 -11.07 0.75
CA GLY A 73 -17.51 -11.76 1.76
C GLY A 73 -16.85 -11.81 3.10
N GLY A 74 -17.50 -12.61 3.98
CA GLY A 74 -17.15 -12.89 5.35
C GLY A 74 -15.83 -13.59 5.51
N LEU A 75 -15.35 -14.25 4.44
CA LEU A 75 -14.10 -14.96 4.37
C LEU A 75 -12.94 -14.01 4.58
N ARG A 76 -13.08 -12.78 4.03
CA ARG A 76 -12.08 -11.75 4.04
C ARG A 76 -12.13 -10.87 5.27
N ASP A 77 -13.06 -11.15 6.22
CA ASP A 77 -13.23 -10.35 7.41
C ASP A 77 -12.05 -10.27 8.32
N GLY A 78 -11.31 -11.38 8.53
CA GLY A 78 -10.17 -11.43 9.42
C GLY A 78 -9.08 -10.47 9.06
N TYR A 79 -8.85 -10.31 7.73
CA TYR A 79 -7.86 -9.44 7.14
C TYR A 79 -8.18 -8.01 7.51
N TYR A 80 -9.49 -7.63 7.46
CA TYR A 80 -9.88 -6.27 7.71
C TYR A 80 -10.16 -5.95 9.16
N ILE A 81 -10.32 -6.98 10.04
CA ILE A 81 -10.60 -6.76 11.45
C ILE A 81 -9.43 -6.00 12.05
N GLN A 82 -9.77 -4.99 12.88
CA GLN A 82 -8.87 -4.09 13.57
C GLN A 82 -8.05 -3.21 12.66
N ALA A 83 -8.51 -3.01 11.40
CA ALA A 83 -7.81 -2.14 10.47
C ALA A 83 -8.01 -0.73 10.93
N GLN A 84 -6.93 0.07 10.79
CA GLN A 84 -6.93 1.45 11.17
C GLN A 84 -7.14 2.28 9.95
N CYS A 85 -6.62 1.80 8.79
CA CYS A 85 -6.76 2.50 7.53
C CYS A 85 -6.78 1.54 6.37
N ALA A 86 -7.29 2.01 5.22
CA ALA A 86 -7.33 1.15 4.06
C ALA A 86 -7.06 1.88 2.79
N ILE A 87 -6.53 1.12 1.82
CA ILE A 87 -6.28 1.65 0.51
C ILE A 87 -6.98 0.70 -0.42
N ILE A 88 -7.85 1.25 -1.30
CA ILE A 88 -8.58 0.48 -2.27
C ILE A 88 -7.92 0.92 -3.55
N MET A 89 -7.42 -0.08 -4.30
CA MET A 89 -6.73 0.28 -5.49
C MET A 89 -7.40 -0.30 -6.70
N PHE A 90 -7.56 0.58 -7.71
CA PHE A 90 -8.16 0.26 -8.96
C PHE A 90 -7.25 0.68 -10.08
N ASP A 91 -7.44 0.06 -11.26
CA ASP A 91 -6.63 0.34 -12.41
C ASP A 91 -7.46 1.23 -13.28
N VAL A 92 -6.89 2.40 -13.62
CA VAL A 92 -7.55 3.40 -14.45
C VAL A 92 -7.86 2.95 -15.85
N THR A 93 -7.13 1.92 -16.34
CA THR A 93 -7.35 1.39 -17.65
C THR A 93 -8.43 0.33 -17.64
N SER A 94 -8.89 -0.12 -16.43
CA SER A 94 -9.90 -1.13 -16.35
C SER A 94 -11.17 -0.62 -15.71
N ARG A 95 -12.22 -0.63 -16.54
CA ARG A 95 -13.56 -0.24 -16.21
C ARG A 95 -14.12 -1.19 -15.19
N VAL A 96 -13.86 -2.51 -15.37
CA VAL A 96 -14.32 -3.58 -14.52
C VAL A 96 -13.75 -3.43 -13.12
N THR A 97 -12.45 -3.08 -13.02
CA THR A 97 -11.77 -2.91 -11.75
C THR A 97 -12.40 -1.77 -10.99
N TYR A 98 -12.70 -0.63 -11.69
CA TYR A 98 -13.33 0.51 -11.07
C TYR A 98 -14.72 0.16 -10.59
N LYS A 99 -15.48 -0.65 -11.37
CA LYS A 99 -16.82 -1.08 -11.05
C LYS A 99 -16.85 -1.86 -9.76
N ASN A 100 -15.82 -2.70 -9.51
CA ASN A 100 -15.68 -3.49 -8.32
C ASN A 100 -15.29 -2.72 -7.08
N VAL A 101 -14.89 -1.43 -7.21
CA VAL A 101 -14.50 -0.60 -6.08
C VAL A 101 -15.64 -0.45 -5.09
N PRO A 102 -16.94 -0.22 -5.51
CA PRO A 102 -18.05 -0.13 -4.59
C PRO A 102 -18.23 -1.39 -3.78
N ASN A 103 -17.94 -2.59 -4.35
CA ASN A 103 -18.03 -3.87 -3.67
C ASN A 103 -16.99 -3.94 -2.57
N TRP A 104 -15.75 -3.48 -2.87
CA TRP A 104 -14.66 -3.45 -1.91
C TRP A 104 -15.03 -2.53 -0.78
N HIS A 105 -15.54 -1.31 -1.13
CA HIS A 105 -15.94 -0.34 -0.16
C HIS A 105 -17.42 -0.53 0.11
N ARG A 106 -17.70 -1.70 0.70
CA ARG A 106 -19.00 -2.18 1.10
C ARG A 106 -18.60 -3.13 2.18
N ASP A 107 -17.81 -4.16 1.79
CA ASP A 107 -17.29 -5.14 2.71
C ASP A 107 -16.40 -4.51 3.73
N LEU A 108 -15.57 -3.54 3.30
CA LEU A 108 -14.66 -2.83 4.17
C LEU A 108 -15.43 -2.07 5.24
N VAL A 109 -16.51 -1.36 4.82
CA VAL A 109 -17.38 -0.55 5.65
C VAL A 109 -18.07 -1.43 6.67
N ARG A 110 -18.48 -2.66 6.26
CA ARG A 110 -19.17 -3.57 7.13
C ARG A 110 -18.31 -3.90 8.32
N VAL A 111 -17.00 -4.15 8.08
CA VAL A 111 -16.12 -4.52 9.16
C VAL A 111 -15.63 -3.37 10.02
N CYS A 112 -15.07 -2.28 9.42
CA CYS A 112 -14.54 -1.21 10.25
C CYS A 112 -15.26 0.11 10.32
N GLU A 113 -16.43 0.22 9.67
CA GLU A 113 -17.24 1.42 9.62
C GLU A 113 -16.44 2.61 9.13
N ASN A 114 -16.31 3.72 9.92
CA ASN A 114 -15.58 4.86 9.47
C ASN A 114 -14.16 4.83 9.95
N ILE A 115 -13.26 4.68 8.97
CA ILE A 115 -11.82 4.69 9.13
C ILE A 115 -11.34 5.36 7.85
N PRO A 116 -10.15 6.04 7.84
CA PRO A 116 -9.65 6.69 6.65
C PRO A 116 -9.38 5.73 5.54
N ILE A 117 -9.97 5.98 4.35
CA ILE A 117 -9.79 5.12 3.21
C ILE A 117 -9.43 5.99 2.04
N VAL A 118 -8.39 5.53 1.32
CA VAL A 118 -7.86 6.20 0.16
C VAL A 118 -8.08 5.31 -1.04
N LEU A 119 -8.60 5.93 -2.12
CA LEU A 119 -8.83 5.29 -3.39
C LEU A 119 -7.68 5.70 -4.24
N CYS A 120 -6.98 4.70 -4.80
CA CYS A 120 -5.87 4.96 -5.63
C CYS A 120 -6.12 4.46 -7.02
N GLY A 121 -6.03 5.40 -7.98
CA GLY A 121 -6.23 5.09 -9.35
C GLY A 121 -4.85 4.92 -9.88
N ASN A 122 -4.45 3.65 -10.07
CA ASN A 122 -3.13 3.41 -10.56
C ASN A 122 -3.02 3.28 -12.04
N LYS A 123 -1.74 3.27 -12.49
CA LYS A 123 -1.27 3.20 -13.84
C LYS A 123 -1.72 4.38 -14.66
N VAL A 124 -1.65 5.59 -14.02
CA VAL A 124 -2.01 6.84 -14.64
C VAL A 124 -1.10 7.21 -15.80
N ASP A 125 0.12 6.60 -15.86
CA ASP A 125 1.07 6.82 -16.93
C ASP A 125 0.52 6.43 -18.27
N ILE A 126 -0.25 5.31 -18.34
CA ILE A 126 -0.82 4.79 -19.57
C ILE A 126 -1.77 5.83 -20.15
N LYS A 127 -1.56 6.12 -21.46
CA LYS A 127 -2.31 7.08 -22.23
C LYS A 127 -3.77 6.76 -22.41
N ASP A 128 -4.11 5.47 -22.67
CA ASP A 128 -5.48 5.06 -22.89
C ASP A 128 -6.13 4.80 -21.55
N ARG A 129 -6.48 5.91 -20.88
CA ARG A 129 -7.10 5.93 -19.59
C ARG A 129 -8.58 5.97 -19.82
N LYS A 130 -9.28 4.99 -19.20
CA LYS A 130 -10.70 4.85 -19.36
C LYS A 130 -11.47 5.48 -18.25
N VAL A 131 -10.98 5.33 -16.99
CA VAL A 131 -11.66 5.90 -15.85
C VAL A 131 -10.95 7.20 -15.61
N LYS A 132 -11.66 8.29 -15.95
CA LYS A 132 -11.17 9.64 -15.85
C LYS A 132 -11.32 10.13 -14.44
N ALA A 133 -10.35 10.95 -13.98
CA ALA A 133 -10.31 11.52 -12.66
C ALA A 133 -11.48 12.40 -12.40
N LYS A 134 -11.89 13.20 -13.42
CA LYS A 134 -13.00 14.11 -13.37
C LYS A 134 -14.29 13.36 -13.16
N SER A 135 -14.43 12.22 -13.85
CA SER A 135 -15.56 11.33 -13.82
C SER A 135 -15.80 10.73 -12.47
N ILE A 136 -14.73 10.37 -11.74
CA ILE A 136 -14.83 9.74 -10.43
C ILE A 136 -15.52 10.67 -9.47
N VAL A 137 -16.62 10.13 -8.89
CA VAL A 137 -17.48 10.78 -7.94
C VAL A 137 -17.68 9.90 -6.71
N PHE A 138 -17.15 8.65 -6.75
CA PHE A 138 -17.28 7.66 -5.70
C PHE A 138 -16.70 8.15 -4.40
N HIS A 139 -15.53 8.82 -4.47
CA HIS A 139 -14.85 9.35 -3.32
C HIS A 139 -15.67 10.38 -2.59
N ARG A 140 -16.35 11.29 -3.32
CA ARG A 140 -17.17 12.34 -2.76
C ARG A 140 -18.33 11.76 -2.02
N LYS A 141 -18.99 10.76 -2.63
CA LYS A 141 -20.14 10.08 -2.08
C LYS A 141 -19.80 9.36 -0.81
N LYS A 142 -18.64 8.67 -0.79
CA LYS A 142 -18.20 7.90 0.35
C LYS A 142 -17.27 8.58 1.32
N ASN A 143 -16.95 9.89 1.12
CA ASN A 143 -16.04 10.65 1.95
C ASN A 143 -14.67 10.02 2.09
N LEU A 144 -14.13 9.61 0.92
CA LEU A 144 -12.84 8.98 0.79
C LEU A 144 -11.96 9.93 0.04
N GLN A 145 -10.63 9.76 0.15
CA GLN A 145 -9.70 10.62 -0.57
C GLN A 145 -9.23 9.92 -1.79
N TYR A 146 -9.09 10.67 -2.91
CA TYR A 146 -8.67 10.09 -4.14
C TYR A 146 -7.33 10.59 -4.58
N TYR A 147 -6.44 9.63 -4.94
CA TYR A 147 -5.13 9.93 -5.44
C TYR A 147 -4.85 9.21 -6.73
N ASP A 148 -4.27 9.95 -7.71
CA ASP A 148 -3.88 9.43 -9.00
C ASP A 148 -2.47 8.99 -8.73
N ILE A 149 -2.18 7.69 -8.93
CA ILE A 149 -0.85 7.20 -8.67
C ILE A 149 -0.34 6.35 -9.81
N SER A 150 1.00 6.28 -9.93
CA SER A 150 1.59 5.44 -10.91
C SER A 150 2.75 4.83 -10.21
N ALA A 151 2.71 3.49 -10.09
CA ALA A 151 3.74 2.71 -9.47
C ALA A 151 5.01 2.86 -10.26
N LYS A 152 4.89 2.81 -11.61
CA LYS A 152 5.98 2.93 -12.53
C LYS A 152 6.68 4.26 -12.52
N SER A 153 5.91 5.37 -12.51
CA SER A 153 6.53 6.67 -12.53
C SER A 153 6.75 7.29 -11.19
N ASN A 154 6.33 6.62 -10.08
CA ASN A 154 6.43 7.10 -8.72
C ASN A 154 5.56 8.32 -8.50
N TYR A 155 4.52 8.51 -9.36
CA TYR A 155 3.66 9.66 -9.27
C TYR A 155 2.75 9.45 -8.09
N ASN A 156 2.89 10.39 -7.12
CA ASN A 156 2.18 10.48 -5.86
C ASN A 156 2.25 9.18 -5.10
N PHE A 157 3.41 8.49 -5.16
CA PHE A 157 3.56 7.20 -4.54
C PHE A 157 3.44 7.18 -3.05
N GLU A 158 4.01 8.20 -2.37
CA GLU A 158 3.95 8.29 -0.93
C GLU A 158 2.75 9.01 -0.42
N LYS A 159 1.96 9.67 -1.31
CA LYS A 159 0.82 10.43 -0.86
C LYS A 159 -0.27 9.73 -0.14
N PRO A 160 -0.77 8.51 -0.52
CA PRO A 160 -1.80 7.85 0.24
C PRO A 160 -1.38 7.56 1.65
N PHE A 161 -0.12 7.11 1.85
CA PHE A 161 0.42 6.82 3.15
C PHE A 161 0.49 8.03 3.99
N LEU A 162 0.97 9.14 3.41
CA LEU A 162 1.09 10.38 4.11
C LEU A 162 -0.22 10.94 4.54
N TRP A 163 -1.25 10.89 3.64
CA TRP A 163 -2.55 11.40 3.99
C TRP A 163 -3.13 10.60 5.12
N LEU A 164 -2.99 9.25 5.07
CA LEU A 164 -3.52 8.38 6.10
C LEU A 164 -2.91 8.69 7.43
N ALA A 165 -1.57 8.90 7.45
CA ALA A 165 -0.83 9.23 8.63
C ALA A 165 -1.27 10.53 9.22
N ARG A 166 -1.48 11.56 8.37
CA ARG A 166 -1.91 12.87 8.77
C ARG A 166 -3.25 12.83 9.44
N LYS A 167 -4.21 12.10 8.83
CA LYS A 167 -5.54 11.97 9.33
C LYS A 167 -5.61 11.24 10.65
N LEU A 168 -4.88 10.11 10.75
CA LEU A 168 -4.84 9.29 11.94
C LEU A 168 -4.22 10.00 13.10
N ILE A 169 -3.07 10.67 12.87
CA ILE A 169 -2.34 11.42 13.87
C ILE A 169 -3.10 12.69 14.24
N GLY A 170 -3.73 13.35 13.24
CA GLY A 170 -4.46 14.56 13.45
C GLY A 170 -3.67 15.80 13.13
N ASP A 171 -2.47 15.66 12.52
CA ASP A 171 -1.67 16.81 12.18
C ASP A 171 -1.73 16.97 10.67
N PRO A 172 -2.41 18.04 10.17
CA PRO A 172 -2.54 18.30 8.76
C PRO A 172 -1.26 18.76 8.11
N ASN A 173 -0.28 19.22 8.91
CA ASN A 173 0.98 19.73 8.43
C ASN A 173 2.07 18.70 8.49
N LEU A 174 1.73 17.42 8.77
CA LEU A 174 2.71 16.36 8.87
C LEU A 174 3.38 16.16 7.53
N GLU A 175 4.73 16.15 7.53
CA GLU A 175 5.50 16.00 6.32
C GLU A 175 6.51 14.91 6.46
N PHE A 176 6.87 14.31 5.31
CA PHE A 176 7.81 13.23 5.20
C PHE A 176 9.21 13.80 5.21
N VAL A 177 10.09 13.14 6.01
CA VAL A 177 11.48 13.49 6.15
C VAL A 177 12.26 12.30 5.65
N ALA A 178 13.53 12.53 5.23
CA ALA A 178 14.40 11.53 4.67
C ALA A 178 14.69 10.30 5.51
N MET A 179 15.74 10.32 6.37
CA MET A 179 16.03 9.15 7.18
C MET A 179 16.81 9.55 8.40
N PRO A 180 16.15 9.67 9.58
CA PRO A 180 16.79 10.01 10.82
C PRO A 180 17.59 8.86 11.35
N ALA A 181 18.59 9.18 12.20
CA ALA A 181 19.40 8.17 12.82
C ALA A 181 18.54 7.72 13.95
N LEU A 182 18.23 6.41 13.97
CA LEU A 182 17.35 5.87 14.97
C LEU A 182 17.97 4.84 15.84
N ALA A 183 17.44 4.78 17.08
CA ALA A 183 17.85 3.82 18.07
C ALA A 183 16.87 2.69 17.79
N PRO A 184 17.39 1.48 17.45
CA PRO A 184 16.58 0.33 17.13
C PRO A 184 15.70 -0.20 18.22
N PRO A 185 14.47 -0.72 17.88
CA PRO A 185 13.55 -1.28 18.85
C PRO A 185 14.05 -2.59 19.40
N GLU A 186 13.53 -3.00 20.58
CA GLU A 186 13.88 -4.23 21.26
C GLU A 186 13.57 -5.45 20.43
N VAL A 187 12.36 -5.49 19.81
CA VAL A 187 11.84 -6.55 18.98
C VAL A 187 11.65 -7.81 19.80
N VAL A 188 10.49 -7.87 20.48
CA VAL A 188 10.08 -8.97 21.33
C VAL A 188 8.92 -9.70 20.69
N MET A 189 8.44 -10.81 21.32
CA MET A 189 7.30 -11.60 20.87
C MET A 189 7.34 -12.15 19.47
N ASP A 190 6.36 -11.76 18.60
CA ASP A 190 6.18 -12.16 17.23
C ASP A 190 6.09 -13.62 16.84
N PRO A 191 5.22 -14.47 17.48
CA PRO A 191 5.11 -15.85 17.08
C PRO A 191 4.54 -15.93 15.68
N ALA A 192 3.25 -15.55 15.48
CA ALA A 192 2.59 -15.56 14.20
C ALA A 192 3.16 -14.54 13.25
N LEU A 193 3.44 -13.33 13.77
CA LEU A 193 3.97 -12.23 13.00
C LEU A 193 5.31 -12.42 12.41
N ALA A 194 6.27 -13.08 13.11
CA ALA A 194 7.60 -13.28 12.59
C ALA A 194 7.64 -14.29 11.50
N ALA A 195 8.83 -14.37 10.85
CA ALA A 195 9.16 -15.24 9.75
C ALA A 195 8.60 -14.75 8.46
N GLN A 196 7.30 -14.37 8.41
CA GLN A 196 6.63 -13.92 7.20
C GLN A 196 7.25 -12.72 6.55
N TYR A 197 7.61 -11.68 7.35
CA TYR A 197 8.16 -10.43 6.85
C TYR A 197 9.46 -10.67 6.10
N GLU A 198 10.37 -11.42 6.78
CA GLU A 198 11.68 -11.76 6.32
C GLU A 198 11.63 -12.63 5.12
N HIS A 199 10.71 -13.62 5.11
CA HIS A 199 10.54 -14.55 4.02
C HIS A 199 10.16 -13.85 2.76
N ASP A 200 9.20 -12.88 2.81
CA ASP A 200 8.77 -12.15 1.65
C ASP A 200 9.87 -11.34 1.05
N LEU A 201 10.62 -10.61 1.91
CA LEU A 201 11.71 -9.77 1.48
C LEU A 201 12.81 -10.55 0.84
N GLU A 202 13.18 -11.69 1.47
CA GLU A 202 14.22 -12.55 1.00
C GLU A 202 13.89 -13.19 -0.30
N VAL A 203 12.64 -13.68 -0.49
CA VAL A 203 12.22 -14.32 -1.73
C VAL A 203 12.30 -13.31 -2.85
N ALA A 204 11.84 -12.05 -2.62
CA ALA A 204 11.87 -11.03 -3.64
C ALA A 204 13.27 -10.72 -4.08
N GLN A 205 14.20 -10.58 -3.09
CA GLN A 205 15.59 -10.30 -3.33
C GLN A 205 16.31 -11.40 -4.08
N THR A 206 16.03 -12.67 -3.70
CA THR A 206 16.61 -13.87 -4.28
C THR A 206 16.21 -14.04 -5.72
N THR A 207 14.93 -13.73 -6.07
CA THR A 207 14.40 -13.88 -7.40
C THR A 207 15.21 -13.07 -8.38
N ALA A 208 15.59 -13.75 -9.49
CA ALA A 208 16.38 -13.19 -10.56
C ALA A 208 15.55 -12.18 -11.27
N LEU A 209 16.20 -11.07 -11.67
CA LEU A 209 15.52 -10.01 -12.33
C LEU A 209 15.75 -9.97 -13.81
N PRO A 210 14.64 -10.03 -14.61
CA PRO A 210 14.69 -9.94 -16.05
C PRO A 210 14.58 -8.43 -16.32
N ASP A 211 13.85 -8.00 -17.38
CA ASP A 211 13.68 -6.59 -17.67
C ASP A 211 12.46 -6.20 -16.85
N GLU A 212 12.73 -5.49 -15.72
CA GLU A 212 11.66 -5.09 -14.85
C GLU A 212 11.75 -3.62 -14.62
N ASP A 213 12.89 -3.16 -14.03
CA ASP A 213 13.12 -1.77 -13.71
C ASP A 213 14.20 -1.15 -14.56
N ASP A 214 14.63 -1.87 -15.63
CA ASP A 214 15.68 -1.48 -16.55
C ASP A 214 15.37 -0.20 -17.25
N ASP A 215 14.08 0.01 -17.63
CA ASP A 215 13.60 1.18 -18.32
C ASP A 215 13.82 2.45 -17.55
N LEU A 216 13.59 2.41 -16.21
CA LEU A 216 13.75 3.56 -15.36
C LEU A 216 15.24 3.70 -15.00
N MET A 1 6.28 -3.40 21.49
CA MET A 1 6.38 -2.34 20.47
C MET A 1 7.32 -2.76 19.38
N ALA A 2 8.52 -3.21 19.77
CA ALA A 2 9.57 -3.63 18.89
C ALA A 2 9.16 -4.81 18.05
N ALA A 3 8.41 -5.78 18.63
CA ALA A 3 7.93 -6.95 17.95
C ALA A 3 7.02 -6.57 16.82
N GLN A 4 6.10 -5.61 17.10
CA GLN A 4 5.16 -5.07 16.16
C GLN A 4 5.86 -4.29 15.08
N GLY A 5 6.94 -3.56 15.47
CA GLY A 5 7.67 -2.74 14.54
C GLY A 5 7.14 -1.35 14.68
N GLU A 6 6.45 -1.08 15.81
CA GLU A 6 5.84 0.13 16.21
C GLU A 6 6.96 0.87 16.90
N PRO A 7 7.69 1.81 16.19
CA PRO A 7 8.76 2.56 16.83
C PRO A 7 8.15 3.37 17.94
N GLN A 8 7.00 3.99 17.61
CA GLN A 8 6.19 4.76 18.48
C GLN A 8 4.84 4.18 18.17
N VAL A 9 4.38 4.33 16.90
CA VAL A 9 3.07 3.89 16.47
C VAL A 9 3.16 3.00 15.25
N GLN A 10 2.26 1.99 15.21
CA GLN A 10 2.10 1.08 14.12
C GLN A 10 0.64 1.18 13.75
N PHE A 11 0.37 1.34 12.44
CA PHE A 11 -0.98 1.41 11.93
C PHE A 11 -1.17 0.28 10.97
N LYS A 12 -2.32 -0.42 11.06
CA LYS A 12 -2.57 -1.50 10.16
C LYS A 12 -3.34 -0.93 9.00
N LEU A 13 -2.71 -1.10 7.83
CA LEU A 13 -3.22 -0.65 6.58
C LEU A 13 -3.58 -1.87 5.81
N VAL A 14 -4.82 -1.89 5.29
CA VAL A 14 -5.25 -3.02 4.50
C VAL A 14 -5.36 -2.52 3.09
N LEU A 15 -4.61 -3.21 2.21
CA LEU A 15 -4.56 -2.89 0.82
C LEU A 15 -5.36 -3.93 0.10
N VAL A 16 -6.42 -3.44 -0.56
CA VAL A 16 -7.37 -4.23 -1.30
C VAL A 16 -7.53 -3.68 -2.70
N GLY A 17 -8.12 -4.51 -3.58
CA GLY A 17 -8.35 -4.13 -4.94
C GLY A 17 -8.38 -5.37 -5.78
N ASP A 18 -8.75 -5.23 -7.07
CA ASP A 18 -8.82 -6.36 -7.95
C ASP A 18 -7.46 -6.83 -8.37
N GLY A 19 -7.41 -8.07 -8.93
CA GLY A 19 -6.18 -8.64 -9.40
C GLY A 19 -5.71 -7.89 -10.61
N GLY A 20 -4.38 -7.71 -10.70
CA GLY A 20 -3.73 -7.03 -11.80
C GLY A 20 -3.72 -5.54 -11.65
N THR A 21 -4.27 -4.99 -10.55
CA THR A 21 -4.32 -3.59 -10.30
C THR A 21 -2.94 -2.98 -10.15
N GLY A 22 -2.02 -3.66 -9.43
CA GLY A 22 -0.71 -3.11 -9.25
C GLY A 22 -0.41 -2.84 -7.80
N LYS A 23 -1.26 -3.36 -6.88
CA LYS A 23 -1.09 -3.21 -5.46
C LYS A 23 0.19 -3.82 -4.95
N THR A 24 0.54 -5.03 -5.46
CA THR A 24 1.74 -5.75 -5.13
C THR A 24 2.95 -4.95 -5.59
N THR A 25 2.88 -4.37 -6.83
CA THR A 25 3.92 -3.58 -7.44
C THR A 25 4.16 -2.34 -6.62
N PHE A 26 3.08 -1.70 -6.12
CA PHE A 26 3.10 -0.50 -5.31
C PHE A 26 3.86 -0.76 -4.02
N VAL A 27 3.53 -1.89 -3.35
CA VAL A 27 4.18 -2.25 -2.11
C VAL A 27 5.64 -2.57 -2.33
N LYS A 28 5.99 -3.33 -3.40
CA LYS A 28 7.35 -3.70 -3.70
C LYS A 28 8.21 -2.50 -3.96
N ARG A 29 7.65 -1.50 -4.66
CA ARG A 29 8.29 -0.27 -4.99
C ARG A 29 8.62 0.47 -3.71
N HIS A 30 7.68 0.54 -2.74
CA HIS A 30 7.93 1.19 -1.48
C HIS A 30 9.03 0.53 -0.70
N LEU A 31 9.02 -0.82 -0.64
CA LEU A 31 9.99 -1.62 0.05
C LEU A 31 11.39 -1.58 -0.49
N THR A 32 11.56 -1.75 -1.83
CA THR A 32 12.87 -1.82 -2.44
C THR A 32 13.22 -0.76 -3.43
N GLY A 33 12.21 -0.12 -4.06
CA GLY A 33 12.44 0.87 -5.08
C GLY A 33 12.42 0.26 -6.46
N GLU A 34 12.33 -1.09 -6.55
CA GLU A 34 12.27 -1.82 -7.79
C GLU A 34 10.89 -1.71 -8.36
N PHE A 35 10.80 -1.78 -9.71
CA PHE A 35 9.53 -1.70 -10.39
C PHE A 35 9.39 -3.09 -10.95
N GLU A 36 8.27 -3.75 -10.63
CA GLU A 36 8.09 -5.10 -11.09
C GLU A 36 7.10 -5.13 -12.22
N LYS A 37 7.63 -5.48 -13.42
CA LYS A 37 6.88 -5.64 -14.64
C LYS A 37 6.03 -6.88 -14.64
N LYS A 38 6.61 -8.01 -14.16
CA LYS A 38 5.96 -9.29 -14.14
C LYS A 38 4.92 -9.35 -13.07
N TYR A 39 3.73 -9.89 -13.40
CA TYR A 39 2.71 -9.96 -12.41
C TYR A 39 2.65 -11.40 -11.94
N VAL A 40 2.91 -11.54 -10.63
CA VAL A 40 2.88 -12.79 -9.94
C VAL A 40 1.75 -12.63 -8.95
N ALA A 41 0.80 -13.59 -8.97
CA ALA A 41 -0.35 -13.57 -8.11
C ALA A 41 0.00 -13.67 -6.66
N THR A 42 -0.73 -12.87 -5.85
CA THR A 42 -0.58 -12.80 -4.43
C THR A 42 -1.58 -13.78 -3.90
N LEU A 43 -1.09 -14.73 -3.09
CA LEU A 43 -1.92 -15.74 -2.50
C LEU A 43 -2.09 -15.36 -1.07
N GLY A 44 -3.38 -15.29 -0.66
CA GLY A 44 -3.76 -14.91 0.67
C GLY A 44 -3.35 -13.50 0.95
N VAL A 45 -2.61 -13.30 2.04
CA VAL A 45 -2.14 -12.00 2.47
C VAL A 45 -0.64 -12.02 2.63
N GLU A 46 0.01 -10.94 2.17
CA GLU A 46 1.42 -10.73 2.30
C GLU A 46 1.51 -9.52 3.21
N VAL A 47 2.25 -9.69 4.32
CA VAL A 47 2.43 -8.70 5.35
C VAL A 47 3.75 -8.02 5.09
N HIS A 48 3.70 -6.70 4.82
CA HIS A 48 4.90 -5.94 4.56
C HIS A 48 4.98 -4.70 5.39
N PRO A 49 6.05 -4.57 6.24
CA PRO A 49 6.26 -3.42 7.08
C PRO A 49 6.88 -2.27 6.32
N LEU A 50 6.28 -1.05 6.40
CA LEU A 50 6.80 0.13 5.74
C LEU A 50 7.00 1.18 6.78
N VAL A 51 8.18 1.84 6.82
CA VAL A 51 8.45 2.85 7.81
C VAL A 51 8.48 4.18 7.11
N PHE A 52 7.74 5.15 7.69
CA PHE A 52 7.65 6.50 7.21
C PHE A 52 8.14 7.36 8.33
N HIS A 53 9.07 8.28 8.00
CA HIS A 53 9.68 9.14 8.97
C HIS A 53 8.98 10.44 8.85
N THR A 54 8.38 10.91 9.97
CA THR A 54 7.65 12.14 9.95
C THR A 54 8.18 13.11 10.97
N ASN A 55 7.58 14.32 11.01
CA ASN A 55 7.91 15.41 11.91
C ASN A 55 7.71 14.96 13.34
N ARG A 56 6.67 14.13 13.57
CA ARG A 56 6.33 13.60 14.86
C ARG A 56 7.12 12.34 15.18
N GLY A 57 8.02 11.89 14.27
CA GLY A 57 8.83 10.71 14.48
C GLY A 57 8.44 9.60 13.54
N PRO A 58 9.16 8.45 13.60
CA PRO A 58 8.89 7.30 12.77
C PRO A 58 7.58 6.64 13.09
N ILE A 59 6.85 6.23 12.03
CA ILE A 59 5.57 5.57 12.11
C ILE A 59 5.71 4.36 11.20
N LYS A 60 5.15 3.21 11.62
CA LYS A 60 5.23 2.05 10.76
C LYS A 60 3.84 1.65 10.33
N PHE A 61 3.66 1.49 9.01
CA PHE A 61 2.43 1.05 8.44
C PHE A 61 2.66 -0.38 8.08
N ASN A 62 1.87 -1.26 8.71
CA ASN A 62 1.99 -2.66 8.42
C ASN A 62 0.94 -2.79 7.34
N VAL A 63 1.44 -2.97 6.10
CA VAL A 63 0.56 -3.06 4.98
C VAL A 63 0.27 -4.50 4.69
N TRP A 64 -1.03 -4.83 4.69
CA TRP A 64 -1.45 -6.16 4.38
C TRP A 64 -1.97 -6.12 2.99
N ASP A 65 -1.18 -6.69 2.07
CA ASP A 65 -1.53 -6.74 0.68
C ASP A 65 -2.33 -7.99 0.56
N THR A 66 -3.61 -7.82 0.17
CA THR A 66 -4.50 -8.94 0.05
C THR A 66 -4.66 -9.41 -1.37
N ALA A 67 -5.17 -10.66 -1.55
CA ALA A 67 -5.40 -11.22 -2.86
C ALA A 67 -6.69 -10.69 -3.41
N GLY A 68 -6.66 -10.22 -4.68
CA GLY A 68 -7.84 -9.70 -5.35
C GLY A 68 -8.67 -10.80 -5.96
N GLN A 69 -8.11 -12.02 -6.01
CA GLN A 69 -8.68 -13.24 -6.52
C GLN A 69 -9.86 -13.67 -5.70
N GLU A 70 -9.72 -13.56 -4.36
CA GLU A 70 -10.71 -13.96 -3.39
C GLU A 70 -11.99 -13.20 -3.47
N LYS A 71 -13.09 -13.95 -3.28
CA LYS A 71 -14.46 -13.51 -3.32
C LYS A 71 -14.76 -12.56 -2.20
N PHE A 72 -15.71 -11.63 -2.48
CA PHE A 72 -16.15 -10.62 -1.55
C PHE A 72 -16.97 -11.33 -0.49
N GLY A 73 -16.68 -11.07 0.81
CA GLY A 73 -17.44 -11.72 1.84
C GLY A 73 -16.77 -11.81 3.18
N GLY A 74 -17.41 -12.62 4.05
CA GLY A 74 -17.04 -12.92 5.41
C GLY A 74 -15.72 -13.62 5.56
N LEU A 75 -15.24 -14.26 4.48
CA LEU A 75 -13.99 -14.97 4.40
C LEU A 75 -12.84 -14.01 4.62
N ARG A 76 -12.98 -12.78 4.08
CA ARG A 76 -12.00 -11.73 4.11
C ARG A 76 -12.06 -10.87 5.36
N ASP A 77 -12.95 -11.18 6.33
CA ASP A 77 -13.11 -10.41 7.54
C ASP A 77 -11.89 -10.28 8.39
N GLY A 78 -11.13 -11.37 8.58
CA GLY A 78 -9.96 -11.40 9.43
C GLY A 78 -8.90 -10.41 9.02
N TYR A 79 -8.73 -10.26 7.69
CA TYR A 79 -7.76 -9.40 7.07
C TYR A 79 -8.06 -7.96 7.45
N TYR A 80 -9.37 -7.59 7.41
CA TYR A 80 -9.75 -6.23 7.68
C TYR A 80 -9.99 -5.92 9.15
N ILE A 81 -10.14 -6.94 10.04
CA ILE A 81 -10.36 -6.72 11.46
C ILE A 81 -9.19 -5.97 12.05
N GLN A 82 -9.55 -4.94 12.86
CA GLN A 82 -8.65 -4.03 13.54
C GLN A 82 -7.84 -3.17 12.58
N ALA A 83 -8.36 -2.93 11.35
CA ALA A 83 -7.68 -2.08 10.39
C ALA A 83 -7.87 -0.67 10.83
N GLN A 84 -6.80 0.13 10.70
CA GLN A 84 -6.80 1.52 11.07
C GLN A 84 -7.03 2.33 9.83
N CYS A 85 -6.50 1.88 8.68
CA CYS A 85 -6.68 2.57 7.43
C CYS A 85 -6.70 1.63 6.27
N ALA A 86 -7.25 2.10 5.12
CA ALA A 86 -7.29 1.24 3.97
C ALA A 86 -7.04 1.96 2.69
N ILE A 87 -6.50 1.20 1.72
CA ILE A 87 -6.26 1.70 0.40
C ILE A 87 -6.97 0.73 -0.50
N ILE A 88 -7.87 1.27 -1.36
CA ILE A 88 -8.61 0.49 -2.32
C ILE A 88 -7.96 0.92 -3.60
N MET A 89 -7.44 -0.07 -4.35
CA MET A 89 -6.75 0.29 -5.54
C MET A 89 -7.43 -0.30 -6.75
N PHE A 90 -7.57 0.58 -7.76
CA PHE A 90 -8.18 0.24 -9.01
C PHE A 90 -7.29 0.66 -10.13
N ASP A 91 -7.49 0.04 -11.31
CA ASP A 91 -6.71 0.33 -12.48
C ASP A 91 -7.56 1.23 -13.31
N VAL A 92 -6.98 2.41 -13.67
CA VAL A 92 -7.66 3.40 -14.48
C VAL A 92 -7.98 2.94 -15.87
N THR A 93 -7.26 1.93 -16.37
CA THR A 93 -7.48 1.39 -17.69
C THR A 93 -8.53 0.30 -17.67
N SER A 94 -8.99 -0.14 -16.47
CA SER A 94 -9.98 -1.18 -16.37
C SER A 94 -11.24 -0.71 -15.72
N ARG A 95 -12.32 -0.74 -16.54
CA ARG A 95 -13.65 -0.38 -16.15
C ARG A 95 -14.18 -1.35 -15.14
N VAL A 96 -13.89 -2.66 -15.33
CA VAL A 96 -14.32 -3.75 -14.48
C VAL A 96 -13.75 -3.56 -13.09
N THR A 97 -12.44 -3.19 -13.00
CA THR A 97 -11.77 -2.99 -11.75
C THR A 97 -12.41 -1.86 -10.98
N TYR A 98 -12.74 -0.74 -11.69
CA TYR A 98 -13.39 0.40 -11.08
C TYR A 98 -14.77 0.03 -10.58
N LYS A 99 -15.51 -0.80 -11.35
CA LYS A 99 -16.84 -1.25 -11.02
C LYS A 99 -16.85 -2.03 -9.73
N ASN A 100 -15.80 -2.84 -9.47
CA ASN A 100 -15.68 -3.62 -8.27
C ASN A 100 -15.32 -2.83 -7.03
N VAL A 101 -14.92 -1.53 -7.17
CA VAL A 101 -14.55 -0.69 -6.05
C VAL A 101 -15.71 -0.53 -5.07
N PRO A 102 -17.00 -0.32 -5.48
CA PRO A 102 -18.11 -0.23 -4.56
C PRO A 102 -18.26 -1.47 -3.71
N ASN A 103 -17.97 -2.68 -4.28
CA ASN A 103 -18.04 -3.94 -3.57
C ASN A 103 -16.99 -3.97 -2.49
N TRP A 104 -15.74 -3.50 -2.81
CA TRP A 104 -14.65 -3.45 -1.86
C TRP A 104 -15.01 -2.52 -0.74
N HIS A 105 -15.52 -1.31 -1.09
CA HIS A 105 -15.93 -0.31 -0.15
C HIS A 105 -17.40 -0.51 0.15
N ARG A 106 -17.67 -1.66 0.76
CA ARG A 106 -18.97 -2.11 1.19
C ARG A 106 -18.59 -3.06 2.27
N ASP A 107 -17.85 -4.12 1.86
CA ASP A 107 -17.39 -5.14 2.75
C ASP A 107 -16.43 -4.56 3.76
N LEU A 108 -15.55 -3.64 3.32
CA LEU A 108 -14.58 -2.99 4.17
C LEU A 108 -15.29 -2.19 5.26
N VAL A 109 -16.32 -1.41 4.86
CA VAL A 109 -17.12 -0.55 5.69
C VAL A 109 -17.84 -1.37 6.72
N ARG A 110 -18.35 -2.56 6.33
CA ARG A 110 -19.07 -3.43 7.24
C ARG A 110 -18.19 -3.83 8.39
N VAL A 111 -16.91 -4.21 8.11
CA VAL A 111 -16.01 -4.61 9.15
C VAL A 111 -15.50 -3.48 10.04
N CYS A 112 -15.00 -2.35 9.46
CA CYS A 112 -14.44 -1.31 10.30
C CYS A 112 -15.12 0.04 10.39
N GLU A 113 -16.36 0.15 9.85
CA GLU A 113 -17.14 1.38 9.84
C GLU A 113 -16.39 2.54 9.21
N ASN A 114 -16.25 3.72 9.88
CA ASN A 114 -15.55 4.78 9.22
C ASN A 114 -14.17 4.89 9.77
N ILE A 115 -13.22 4.63 8.86
CA ILE A 115 -11.80 4.71 9.04
C ILE A 115 -11.35 5.36 7.73
N PRO A 116 -10.23 6.14 7.70
CA PRO A 116 -9.77 6.78 6.49
C PRO A 116 -9.43 5.79 5.42
N ILE A 117 -10.00 6.02 4.22
CA ILE A 117 -9.77 5.16 3.08
C ILE A 117 -9.43 6.05 1.92
N VAL A 118 -8.38 5.61 1.20
CA VAL A 118 -7.87 6.27 0.03
C VAL A 118 -8.08 5.36 -1.15
N LEU A 119 -8.64 5.95 -2.23
CA LEU A 119 -8.87 5.31 -3.48
C LEU A 119 -7.72 5.72 -4.33
N CYS A 120 -7.00 4.70 -4.86
CA CYS A 120 -5.88 4.96 -5.69
C CYS A 120 -6.16 4.47 -7.07
N GLY A 121 -6.08 5.42 -8.03
CA GLY A 121 -6.29 5.12 -9.42
C GLY A 121 -4.92 4.95 -9.94
N ASN A 122 -4.52 3.67 -10.13
CA ASN A 122 -3.20 3.43 -10.62
C ASN A 122 -3.11 3.30 -12.10
N LYS A 123 -1.84 3.26 -12.57
CA LYS A 123 -1.40 3.18 -13.93
C LYS A 123 -1.84 4.38 -14.74
N VAL A 124 -1.76 5.57 -14.10
CA VAL A 124 -2.11 6.83 -14.73
C VAL A 124 -1.22 7.18 -15.90
N ASP A 125 0.00 6.57 -15.97
CA ASP A 125 0.94 6.76 -17.03
C ASP A 125 0.39 6.33 -18.37
N ILE A 126 -0.39 5.23 -18.41
CA ILE A 126 -0.97 4.70 -19.63
C ILE A 126 -1.91 5.72 -20.23
N LYS A 127 -1.70 5.99 -21.53
CA LYS A 127 -2.43 6.95 -22.30
C LYS A 127 -3.89 6.67 -22.51
N ASP A 128 -4.28 5.39 -22.77
CA ASP A 128 -5.67 5.06 -22.97
C ASP A 128 -6.27 4.83 -21.61
N ARG A 129 -6.67 5.95 -20.98
CA ARG A 129 -7.27 5.95 -19.67
C ARG A 129 -8.75 5.93 -19.91
N LYS A 130 -9.43 4.96 -19.26
CA LYS A 130 -10.85 4.83 -19.42
C LYS A 130 -11.61 5.44 -18.29
N VAL A 131 -11.10 5.31 -17.04
CA VAL A 131 -11.78 5.87 -15.90
C VAL A 131 -11.04 7.16 -15.65
N LYS A 132 -11.70 8.28 -16.01
CA LYS A 132 -11.15 9.60 -15.86
C LYS A 132 -11.36 10.12 -14.47
N ALA A 133 -10.42 10.99 -14.03
CA ALA A 133 -10.43 11.59 -12.72
C ALA A 133 -11.66 12.41 -12.49
N LYS A 134 -12.08 13.20 -13.52
CA LYS A 134 -13.25 14.04 -13.46
C LYS A 134 -14.50 13.21 -13.28
N SER A 135 -14.56 12.05 -13.97
CA SER A 135 -15.65 11.12 -13.96
C SER A 135 -15.90 10.52 -12.61
N ILE A 136 -14.82 10.22 -11.85
CA ILE A 136 -14.91 9.60 -10.54
C ILE A 136 -15.63 10.52 -9.59
N VAL A 137 -16.73 9.97 -9.03
CA VAL A 137 -17.61 10.62 -8.07
C VAL A 137 -17.79 9.77 -6.84
N PHE A 138 -17.28 8.51 -6.86
CA PHE A 138 -17.40 7.54 -5.80
C PHE A 138 -16.80 8.04 -4.52
N HIS A 139 -15.62 8.69 -4.60
CA HIS A 139 -14.92 9.22 -3.45
C HIS A 139 -15.73 10.27 -2.75
N ARG A 140 -16.38 11.19 -3.50
CA ARG A 140 -17.18 12.26 -2.94
C ARG A 140 -18.36 11.72 -2.18
N LYS A 141 -19.05 10.73 -2.77
CA LYS A 141 -20.21 10.11 -2.17
C LYS A 141 -19.87 9.36 -0.91
N LYS A 142 -18.72 8.64 -0.93
CA LYS A 142 -18.27 7.83 0.16
C LYS A 142 -17.34 8.50 1.15
N ASN A 143 -17.04 9.82 0.98
CA ASN A 143 -16.15 10.60 1.83
C ASN A 143 -14.76 9.98 1.95
N LEU A 144 -14.19 9.67 0.78
CA LEU A 144 -12.88 9.06 0.65
C LEU A 144 -12.01 10.00 -0.12
N GLN A 145 -10.67 9.84 0.01
CA GLN A 145 -9.76 10.67 -0.72
C GLN A 145 -9.29 9.95 -1.93
N TYR A 146 -9.15 10.68 -3.06
CA TYR A 146 -8.73 10.07 -4.28
C TYR A 146 -7.39 10.60 -4.72
N TYR A 147 -6.49 9.65 -5.05
CA TYR A 147 -5.16 9.96 -5.53
C TYR A 147 -4.87 9.24 -6.81
N ASP A 148 -4.30 9.99 -7.79
CA ASP A 148 -3.90 9.45 -9.07
C ASP A 148 -2.49 9.00 -8.80
N ILE A 149 -2.21 7.69 -8.99
CA ILE A 149 -0.88 7.19 -8.74
C ILE A 149 -0.40 6.37 -9.90
N SER A 150 0.94 6.31 -10.02
CA SER A 150 1.54 5.49 -11.02
C SER A 150 2.67 4.82 -10.35
N ALA A 151 2.61 3.47 -10.32
CA ALA A 151 3.64 2.66 -9.73
C ALA A 151 4.91 2.83 -10.50
N LYS A 152 4.80 2.80 -11.85
CA LYS A 152 5.90 2.94 -12.75
C LYS A 152 6.60 4.28 -12.71
N SER A 153 5.84 5.40 -12.69
CA SER A 153 6.47 6.70 -12.69
C SER A 153 6.65 7.33 -11.34
N ASN A 154 6.22 6.65 -10.25
CA ASN A 154 6.29 7.17 -8.89
C ASN A 154 5.46 8.40 -8.68
N TYR A 155 4.41 8.57 -9.54
CA TYR A 155 3.56 9.73 -9.44
C TYR A 155 2.69 9.49 -8.24
N ASN A 156 2.74 10.48 -7.31
CA ASN A 156 2.04 10.53 -6.05
C ASN A 156 2.25 9.27 -5.23
N PHE A 157 3.51 8.78 -5.23
CA PHE A 157 3.96 7.58 -4.57
C PHE A 157 3.72 7.57 -3.09
N GLU A 158 4.09 8.66 -2.39
CA GLU A 158 3.95 8.75 -0.95
C GLU A 158 2.68 9.38 -0.47
N LYS A 159 1.89 9.98 -1.39
CA LYS A 159 0.71 10.69 -0.97
C LYS A 159 -0.37 9.96 -0.22
N PRO A 160 -0.81 8.72 -0.60
CA PRO A 160 -1.83 8.01 0.14
C PRO A 160 -1.41 7.77 1.55
N PHE A 161 -0.14 7.36 1.76
CA PHE A 161 0.41 7.09 3.06
C PHE A 161 0.46 8.31 3.91
N LEU A 162 0.91 9.45 3.32
CA LEU A 162 1.00 10.70 4.03
C LEU A 162 -0.31 11.21 4.49
N TRP A 163 -1.35 11.15 3.61
CA TRP A 163 -2.65 11.63 3.97
C TRP A 163 -3.23 10.80 5.09
N LEU A 164 -3.08 9.45 5.01
CA LEU A 164 -3.57 8.54 6.01
C LEU A 164 -2.93 8.80 7.34
N ALA A 165 -1.60 9.03 7.34
CA ALA A 165 -0.85 9.29 8.54
C ALA A 165 -1.32 10.56 9.19
N ARG A 166 -1.56 11.62 8.39
CA ARG A 166 -2.03 12.90 8.87
C ARG A 166 -3.36 12.78 9.54
N LYS A 167 -4.29 12.05 8.90
CA LYS A 167 -5.64 11.87 9.41
C LYS A 167 -5.65 11.11 10.71
N LEU A 168 -4.89 9.99 10.76
CA LEU A 168 -4.81 9.14 11.92
C LEU A 168 -4.16 9.80 13.10
N ILE A 169 -3.02 10.48 12.88
CA ILE A 169 -2.28 11.19 13.89
C ILE A 169 -3.07 12.40 14.35
N GLY A 170 -3.76 13.08 13.41
CA GLY A 170 -4.54 14.24 13.68
C GLY A 170 -3.78 15.52 13.47
N ASP A 171 -2.56 15.44 12.89
CA ASP A 171 -1.79 16.64 12.65
C ASP A 171 -1.83 16.88 11.16
N PRO A 172 -2.55 17.95 10.71
CA PRO A 172 -2.68 18.31 9.30
C PRO A 172 -1.40 18.80 8.69
N ASN A 173 -0.42 19.23 9.52
CA ASN A 173 0.83 19.77 9.09
C ASN A 173 1.94 18.75 9.11
N LEU A 174 1.60 17.45 9.29
CA LEU A 174 2.56 16.38 9.34
C LEU A 174 3.28 16.27 8.01
N GLU A 175 4.62 16.22 8.05
CA GLU A 175 5.42 16.16 6.85
C GLU A 175 6.43 15.05 6.95
N PHE A 176 6.81 14.51 5.77
CA PHE A 176 7.77 13.44 5.62
C PHE A 176 9.15 14.05 5.74
N VAL A 177 10.01 13.40 6.55
CA VAL A 177 11.38 13.83 6.76
C VAL A 177 12.29 12.72 6.29
N ALA A 178 13.53 13.10 5.93
CA ALA A 178 14.59 12.26 5.42
C ALA A 178 14.82 10.91 6.07
N MET A 179 15.78 10.78 7.02
CA MET A 179 16.05 9.49 7.61
C MET A 179 16.72 9.54 8.98
N PRO A 180 15.96 9.66 10.10
CA PRO A 180 16.50 9.62 11.44
C PRO A 180 16.86 8.18 11.75
N ALA A 181 17.73 7.97 12.75
CA ALA A 181 18.14 6.64 13.12
C ALA A 181 16.97 5.91 13.72
N LEU A 182 16.73 4.68 13.21
CA LEU A 182 15.67 3.84 13.65
C LEU A 182 16.14 2.88 14.68
N ALA A 183 15.24 2.56 15.63
CA ALA A 183 15.50 1.62 16.66
C ALA A 183 15.17 0.30 16.01
N PRO A 184 16.13 -0.67 15.98
CA PRO A 184 15.94 -1.96 15.38
C PRO A 184 14.84 -2.78 16.01
N PRO A 185 14.02 -3.51 15.20
CA PRO A 185 12.96 -4.34 15.69
C PRO A 185 13.47 -5.51 16.49
N GLU A 186 12.63 -6.04 17.40
CA GLU A 186 12.94 -7.16 18.25
C GLU A 186 13.24 -8.40 17.45
N VAL A 187 12.38 -8.69 16.42
CA VAL A 187 12.44 -9.84 15.54
C VAL A 187 12.11 -11.05 16.37
N VAL A 188 10.86 -11.52 16.22
CA VAL A 188 10.35 -12.66 16.94
C VAL A 188 10.51 -14.00 16.25
N MET A 189 10.49 -15.06 17.09
CA MET A 189 10.60 -16.46 16.75
C MET A 189 11.77 -16.89 15.90
N ASP A 190 11.50 -17.45 14.67
CA ASP A 190 12.46 -17.94 13.72
C ASP A 190 13.42 -19.03 14.17
N PRO A 191 12.97 -20.14 14.86
CA PRO A 191 13.87 -21.21 15.27
C PRO A 191 14.39 -21.93 14.06
N ALA A 192 13.52 -22.71 13.36
CA ALA A 192 13.82 -23.45 12.16
C ALA A 192 14.14 -22.49 11.05
N LEU A 193 13.39 -21.37 11.01
CA LEU A 193 13.49 -20.32 10.04
C LEU A 193 14.80 -19.58 10.03
N ALA A 194 15.59 -19.60 11.13
CA ALA A 194 16.87 -18.91 11.19
C ALA A 194 17.89 -19.60 10.32
N ALA A 195 18.94 -18.84 9.91
CA ALA A 195 20.05 -19.24 9.06
C ALA A 195 19.69 -19.35 7.59
N GLN A 196 18.43 -19.73 7.29
CA GLN A 196 17.86 -19.89 5.98
C GLN A 196 17.89 -18.57 5.25
N TYR A 197 17.64 -17.45 5.97
CA TYR A 197 17.60 -16.12 5.40
C TYR A 197 18.90 -15.75 4.76
N GLU A 198 20.04 -16.06 5.42
CA GLU A 198 21.36 -15.75 4.91
C GLU A 198 21.64 -16.49 3.62
N HIS A 199 21.26 -17.78 3.58
CA HIS A 199 21.42 -18.65 2.44
C HIS A 199 20.65 -18.12 1.26
N ASP A 200 19.40 -17.69 1.49
CA ASP A 200 18.51 -17.15 0.49
C ASP A 200 19.05 -15.89 -0.10
N LEU A 201 19.62 -15.00 0.75
CA LEU A 201 20.20 -13.75 0.32
C LEU A 201 21.37 -13.98 -0.60
N GLU A 202 22.24 -14.97 -0.26
CA GLU A 202 23.40 -15.32 -1.06
C GLU A 202 22.99 -15.81 -2.42
N VAL A 203 21.96 -16.70 -2.48
CA VAL A 203 21.45 -17.26 -3.71
C VAL A 203 20.90 -16.15 -4.58
N ALA A 204 20.15 -15.20 -3.97
CA ALA A 204 19.55 -14.08 -4.65
C ALA A 204 20.58 -13.19 -5.27
N GLN A 205 21.69 -12.91 -4.54
CA GLN A 205 22.78 -12.08 -5.01
C GLN A 205 23.44 -12.68 -6.21
N THR A 206 23.67 -14.03 -6.18
CA THR A 206 24.27 -14.78 -7.24
C THR A 206 23.44 -14.76 -8.51
N THR A 207 22.10 -14.91 -8.36
CA THR A 207 21.16 -14.96 -9.47
C THR A 207 21.12 -13.67 -10.27
N ALA A 208 21.09 -13.84 -11.63
CA ALA A 208 21.02 -12.76 -12.58
C ALA A 208 19.66 -12.14 -12.51
N LEU A 209 19.60 -10.81 -12.69
CA LEU A 209 18.36 -10.09 -12.59
C LEU A 209 17.76 -9.84 -13.95
N PRO A 210 16.48 -10.27 -14.17
CA PRO A 210 15.75 -10.07 -15.40
C PRO A 210 15.38 -8.61 -15.53
N ASP A 211 14.96 -8.16 -16.73
CA ASP A 211 14.58 -6.78 -16.92
C ASP A 211 13.23 -6.59 -16.30
N GLU A 212 13.25 -5.78 -15.22
CA GLU A 212 12.07 -5.45 -14.49
C GLU A 212 12.02 -3.96 -14.42
N ASP A 213 13.08 -3.31 -13.88
CA ASP A 213 13.14 -1.88 -13.74
C ASP A 213 14.13 -1.17 -14.63
N ASP A 214 14.79 -1.92 -15.55
CA ASP A 214 15.81 -1.39 -16.43
C ASP A 214 15.33 -0.31 -17.35
N ASP A 215 14.09 -0.45 -17.88
CA ASP A 215 13.49 0.51 -18.79
C ASP A 215 13.33 1.87 -18.19
N LEU A 216 12.91 1.94 -16.91
CA LEU A 216 12.69 3.19 -16.23
C LEU A 216 14.01 3.70 -15.63
#